data_4X12
#
_entry.id   4X12
#
_cell.length_a   150.210
_cell.length_b   96.280
_cell.length_c   128.300
_cell.angle_alpha   90.00
_cell.angle_beta   110.28
_cell.angle_gamma   90.00
#
_symmetry.space_group_name_H-M   'C 1 2 1'
#
loop_
_entity.id
_entity.type
_entity.pdbx_description
1 polymer 'Major capsid protein'
2 branched 'N-acetyl-alpha-neuraminic acid-(2-8)-N-acetyl-alpha-neuraminic acid'
3 non-polymer GLYCEROL
4 non-polymer 1,2-ETHANEDIOL
5 non-polymer 'POTASSIUM ION'
6 water water
#
_entity_poly.entity_id   1
_entity_poly.type   'polypeptide(L)'
_entity_poly.pdbx_seq_one_letter_code
;GSHMGGVEVLEVKTGVDSITEVECFLTPEMGDPDEHLRGFSKSISISDTFESDSPNKDMLPCYSVARIPLPNLNEDLTCG
NILMWEAVTLKTEVIGVTTLMNVHSNGQATHDNGAAKPVQGTSFHFFSVGGEALELQGVVFNYRTTYPDGTIFPKNATVQ
SQVMNTEHKAYLDKNKAYPVECWVPDPTRNENTRYFGTLTGGENVPPVLHITNTATTVLLDEFGVGPLCKGDNLYLSAVD
VCGMFTNRSGSQQWRGLSRYFKVQLRKRRVKN
;
_entity_poly.pdbx_strand_id   A,B,C,D,E
#
loop_
_chem_comp.id
_chem_comp.type
_chem_comp.name
_chem_comp.formula
EDO non-polymer 1,2-ETHANEDIOL 'C2 H6 O2'
GOL non-polymer GLYCEROL 'C3 H8 O3'
K non-polymer 'POTASSIUM ION' 'K 1'
SIA D-saccharide, alpha linking 'N-acetyl-alpha-neuraminic acid' 'C11 H19 N O9'
#
# COMPACT_ATOMS: atom_id res chain seq x y z
N VAL A 7 10.49 14.01 39.73
CA VAL A 7 11.25 15.25 39.38
C VAL A 7 10.40 16.18 38.51
N GLU A 8 10.33 17.46 38.88
CA GLU A 8 9.72 18.47 38.00
C GLU A 8 10.71 18.78 36.87
N VAL A 9 10.19 18.88 35.66
CA VAL A 9 10.98 19.28 34.51
C VAL A 9 10.87 20.80 34.37
N LEU A 10 12.01 21.48 34.35
CA LEU A 10 12.01 22.95 34.25
C LEU A 10 12.55 23.38 32.88
N GLU A 11 13.27 24.51 32.82
CA GLU A 11 13.66 25.09 31.54
C GLU A 11 14.86 24.41 30.86
N VAL A 12 14.92 24.58 29.54
CA VAL A 12 16.06 24.16 28.72
C VAL A 12 17.19 25.18 28.85
N LYS A 13 18.44 24.72 28.99
CA LYS A 13 19.59 25.64 28.96
C LYS A 13 19.86 25.97 27.50
N THR A 14 20.29 27.21 27.24
CA THR A 14 20.72 27.62 25.91
C THR A 14 22.20 28.03 25.95
N GLY A 15 22.74 28.45 24.82
CA GLY A 15 24.16 28.78 24.72
C GLY A 15 24.83 27.63 23.98
N VAL A 16 25.90 27.94 23.24
CA VAL A 16 26.54 26.97 22.34
C VAL A 16 26.85 25.62 23.02
N ASP A 17 27.20 25.69 24.31
CA ASP A 17 27.60 24.55 25.14
C ASP A 17 26.46 23.61 25.56
N SER A 18 25.23 23.98 25.23
CA SER A 18 24.06 23.35 25.79
C SER A 18 23.47 22.25 24.92
N ILE A 19 24.10 21.97 23.77
CA ILE A 19 23.65 20.92 22.88
C ILE A 19 24.82 19.96 22.59
N THR A 20 24.49 18.70 22.32
CA THR A 20 25.50 17.71 21.91
C THR A 20 24.82 16.72 20.98
N GLU A 21 25.59 15.89 20.30
CA GLU A 21 24.99 14.88 19.47
C GLU A 21 25.73 13.57 19.57
N VAL A 22 24.97 12.49 19.39
CA VAL A 22 25.47 11.13 19.44
C VAL A 22 25.26 10.54 18.07
N GLU A 23 26.28 9.88 17.55
CA GLU A 23 26.21 9.26 16.27
C GLU A 23 26.88 7.90 16.40
N CYS A 24 26.17 6.85 15.99
CA CYS A 24 26.72 5.50 16.07
C CYS A 24 25.91 4.51 15.25
N PHE A 25 26.42 3.29 15.17
CA PHE A 25 25.70 2.22 14.53
C PHE A 25 25.63 1.03 15.48
N LEU A 26 24.50 0.32 15.40
CA LEU A 26 24.27 -0.91 16.15
C LEU A 26 24.31 -2.07 15.19
N THR A 27 25.18 -3.04 15.46
CA THR A 27 25.25 -4.23 14.64
C THR A 27 24.13 -5.20 15.00
N PRO A 28 23.69 -6.01 14.02
CA PRO A 28 22.62 -6.95 14.29
C PRO A 28 23.16 -8.16 15.03
N GLU A 29 22.29 -8.84 15.77
CA GLU A 29 22.70 -10.05 16.48
C GLU A 29 21.78 -11.21 16.09
N MET A 30 22.11 -11.83 14.95
CA MET A 30 21.24 -12.82 14.33
C MET A 30 21.55 -14.24 14.78
N GLY A 31 22.67 -14.44 15.47
CA GLY A 31 23.05 -15.77 15.93
C GLY A 31 24.50 -16.12 15.65
N ASP A 32 25.02 -15.67 14.49
CA ASP A 32 26.45 -15.80 14.14
C ASP A 32 26.97 -17.22 14.35
N PRO A 33 26.46 -18.19 13.59
CA PRO A 33 26.74 -19.61 13.87
C PRO A 33 28.19 -20.04 13.70
N ASP A 34 28.98 -19.30 12.91
CA ASP A 34 30.42 -19.59 12.85
C ASP A 34 31.20 -18.35 12.49
N GLU A 35 32.51 -18.50 12.36
CA GLU A 35 33.43 -17.38 12.11
C GLU A 35 33.24 -16.66 10.76
N HIS A 36 32.46 -17.24 9.85
CA HIS A 36 32.21 -16.63 8.53
C HIS A 36 30.82 -16.01 8.40
N LEU A 37 30.00 -16.10 9.45
CA LEU A 37 28.56 -15.88 9.27
C LEU A 37 27.96 -14.77 10.14
N ARG A 38 28.77 -13.78 10.49
CA ARG A 38 28.28 -12.57 11.11
C ARG A 38 27.14 -11.96 10.27
N GLY A 39 26.01 -11.67 10.91
CA GLY A 39 24.83 -11.10 10.25
C GLY A 39 23.78 -12.13 9.86
N PHE A 40 24.12 -13.42 9.98
CA PHE A 40 23.24 -14.54 9.70
C PHE A 40 22.95 -15.36 10.96
N SER A 41 21.82 -16.07 10.98
CA SER A 41 21.54 -17.11 11.96
C SER A 41 22.03 -18.47 11.47
N LYS A 42 22.04 -19.42 12.39
CA LYS A 42 22.11 -20.84 12.03
C LYS A 42 20.89 -21.18 11.15
N SER A 43 21.03 -22.13 10.23
CA SER A 43 19.88 -22.58 9.45
CA SER A 43 19.86 -22.55 9.46
C SER A 43 18.76 -23.02 10.40
N ILE A 44 17.52 -22.76 10.01
CA ILE A 44 16.38 -23.01 10.87
C ILE A 44 15.97 -24.47 10.76
N SER A 45 15.80 -25.13 11.91
CA SER A 45 15.27 -26.48 11.95
CA SER A 45 15.28 -26.49 11.97
C SER A 45 13.91 -26.45 12.64
N ILE A 46 13.04 -27.38 12.27
CA ILE A 46 11.69 -27.45 12.83
C ILE A 46 11.56 -28.64 13.77
N SER A 47 11.04 -28.39 14.97
CA SER A 47 10.84 -29.47 15.94
C SER A 47 9.84 -30.50 15.42
N ASP A 48 9.99 -31.73 15.91
CA ASP A 48 9.20 -32.86 15.45
C ASP A 48 7.82 -32.89 16.09
N THR A 49 7.67 -32.22 17.24
CA THR A 49 6.39 -32.08 17.91
C THR A 49 6.31 -30.66 18.44
N PHE A 50 5.10 -30.21 18.75
CA PHE A 50 4.92 -28.87 19.30
C PHE A 50 5.59 -28.72 20.66
N GLU A 51 5.39 -29.72 21.51
CA GLU A 51 5.98 -29.79 22.84
C GLU A 51 7.52 -29.80 22.87
N SER A 52 8.17 -30.34 21.83
CA SER A 52 9.63 -30.49 21.84
C SER A 52 10.40 -29.31 21.19
N ASP A 53 9.73 -28.19 20.93
CA ASP A 53 10.38 -27.00 20.41
C ASP A 53 11.56 -26.62 21.32
N SER A 54 12.75 -26.52 20.75
CA SER A 54 13.97 -26.33 21.52
CA SER A 54 13.97 -26.34 21.52
C SER A 54 15.04 -25.68 20.65
N PRO A 55 14.85 -24.41 20.30
CA PRO A 55 15.78 -23.76 19.36
C PRO A 55 17.18 -23.55 19.94
N ASN A 56 18.20 -23.79 19.12
CA ASN A 56 19.57 -23.48 19.52
C ASN A 56 19.82 -21.97 19.56
N LYS A 57 20.74 -21.56 20.43
CA LYS A 57 21.04 -20.13 20.61
C LYS A 57 21.42 -19.44 19.28
N ASP A 58 22.26 -20.10 18.48
CA ASP A 58 22.75 -19.54 17.20
CA ASP A 58 22.74 -19.48 17.24
C ASP A 58 21.64 -19.38 16.16
N MET A 59 20.47 -19.92 16.45
CA MET A 59 19.33 -19.87 15.54
C MET A 59 18.36 -18.73 15.90
N LEU A 60 18.61 -18.05 17.01
CA LEU A 60 17.69 -17.03 17.53
C LEU A 60 18.23 -15.60 17.44
N PRO A 61 17.65 -14.79 16.54
CA PRO A 61 18.03 -13.38 16.55
C PRO A 61 17.68 -12.76 17.89
N CYS A 62 18.50 -11.82 18.35
CA CYS A 62 18.30 -11.16 19.63
C CYS A 62 18.22 -9.65 19.44
N TYR A 63 17.69 -8.94 20.44
CA TYR A 63 17.69 -7.48 20.45
C TYR A 63 19.12 -6.94 20.56
N SER A 64 19.40 -5.87 19.83
CA SER A 64 20.64 -5.13 19.97
C SER A 64 20.41 -3.93 20.89
N VAL A 65 21.41 -3.63 21.69
CA VAL A 65 21.39 -2.47 22.57
C VAL A 65 22.79 -1.87 22.70
N ALA A 66 22.83 -0.55 22.78
CA ALA A 66 24.05 0.18 23.10
C ALA A 66 23.73 1.25 24.13
N ARG A 67 24.59 1.33 25.13
CA ARG A 67 24.55 2.40 26.12
C ARG A 67 25.67 3.39 25.80
N ILE A 68 25.32 4.62 25.43
CA ILE A 68 26.29 5.62 25.00
C ILE A 68 26.52 6.65 26.13
N PRO A 69 27.74 6.72 26.68
CA PRO A 69 28.07 7.77 27.66
C PRO A 69 27.99 9.16 27.03
N LEU A 70 27.40 10.11 27.76
CA LEU A 70 27.26 11.48 27.30
C LEU A 70 28.19 12.40 28.09
N PRO A 71 28.36 13.67 27.65
CA PRO A 71 29.24 14.53 28.42
C PRO A 71 28.77 14.65 29.87
N ASN A 72 29.72 14.53 30.77
CA ASN A 72 29.44 14.48 32.20
C ASN A 72 28.82 15.78 32.68
N LEU A 73 27.64 15.71 33.29
CA LEU A 73 27.01 16.88 33.87
C LEU A 73 27.10 16.81 35.40
N ILE A 82 20.40 20.24 39.23
CA ILE A 82 20.48 19.05 38.38
C ILE A 82 20.13 19.33 36.90
N LEU A 83 21.09 19.07 36.04
CA LEU A 83 20.88 19.07 34.60
C LEU A 83 20.90 17.63 34.11
N MET A 84 20.11 17.36 33.08
CA MET A 84 20.08 16.09 32.39
C MET A 84 20.04 16.36 30.89
N TRP A 85 20.71 15.52 30.11
CA TRP A 85 20.57 15.54 28.69
C TRP A 85 19.17 15.04 28.30
N GLU A 86 18.54 15.76 27.39
CA GLU A 86 17.23 15.44 26.89
C GLU A 86 17.38 15.13 25.40
N ALA A 87 16.94 13.95 24.99
CA ALA A 87 17.01 13.56 23.59
C ALA A 87 15.82 14.21 22.86
N VAL A 88 16.12 14.92 21.78
CA VAL A 88 15.13 15.75 21.08
C VAL A 88 14.77 15.22 19.69
N THR A 89 15.77 14.85 18.91
CA THR A 89 15.55 14.37 17.55
C THR A 89 16.40 13.14 17.24
N LEU A 90 15.93 12.37 16.25
CA LEU A 90 16.57 11.15 15.78
C LEU A 90 16.57 11.11 14.26
N LYS A 91 17.73 10.82 13.69
CA LYS A 91 17.81 10.31 12.33
C LYS A 91 18.29 8.88 12.40
N THR A 92 17.66 8.00 11.63
CA THR A 92 18.04 6.60 11.65
C THR A 92 17.85 5.96 10.26
N GLU A 93 18.61 4.92 10.01
CA GLU A 93 18.69 4.30 8.70
C GLU A 93 19.26 2.89 8.81
N VAL A 94 18.72 1.94 8.05
CA VAL A 94 19.35 0.62 7.89
C VAL A 94 20.55 0.74 6.95
N ILE A 95 21.69 0.17 7.36
CA ILE A 95 22.97 0.30 6.65
C ILE A 95 23.27 -0.97 5.84
N GLY A 96 23.50 -0.80 4.53
CA GLY A 96 23.81 -1.92 3.65
C GLY A 96 22.61 -2.55 2.97
N VAL A 97 21.57 -1.75 2.69
CA VAL A 97 20.36 -2.27 2.04
C VAL A 97 20.68 -2.95 0.71
N THR A 98 21.69 -2.47 0.00
CA THR A 98 21.96 -2.97 -1.32
C THR A 98 22.61 -4.37 -1.34
N THR A 99 23.10 -4.86 -0.19
CA THR A 99 23.63 -6.22 -0.11
C THR A 99 22.59 -7.26 -0.55
N LEU A 100 21.30 -6.92 -0.43
CA LEU A 100 20.23 -7.83 -0.81
C LEU A 100 20.14 -8.03 -2.33
N MET A 101 20.87 -7.23 -3.09
CA MET A 101 21.01 -7.46 -4.53
C MET A 101 22.01 -8.56 -4.89
N ASN A 102 22.74 -9.10 -3.91
CA ASN A 102 23.60 -10.26 -4.21
C ASN A 102 22.73 -11.50 -4.36
N VAL A 103 22.43 -11.84 -5.62
CA VAL A 103 21.60 -12.99 -5.96
C VAL A 103 22.43 -14.05 -6.71
N HIS A 104 23.72 -14.10 -6.42
CA HIS A 104 24.64 -15.00 -7.12
C HIS A 104 25.49 -15.86 -6.17
N SER A 105 25.22 -15.83 -4.87
CA SER A 105 26.08 -16.45 -3.85
C SER A 105 25.52 -17.77 -3.29
N ASN A 106 25.49 -18.79 -4.14
CA ASN A 106 25.03 -20.14 -3.79
C ASN A 106 23.65 -20.23 -3.15
N GLY A 107 22.75 -19.38 -3.63
CA GLY A 107 21.36 -19.43 -3.22
C GLY A 107 20.61 -20.44 -4.05
N GLN A 108 19.30 -20.44 -3.92
CA GLN A 108 18.46 -21.39 -4.63
C GLN A 108 17.82 -20.67 -5.79
N ALA A 109 18.07 -21.16 -7.00
CA ALA A 109 17.50 -20.56 -8.20
C ALA A 109 15.98 -20.55 -8.12
N THR A 110 15.38 -19.45 -8.53
CA THR A 110 13.92 -19.27 -8.49
C THR A 110 13.20 -20.13 -9.52
N HIS A 111 13.90 -20.51 -10.57
CA HIS A 111 13.44 -21.43 -11.59
C HIS A 111 14.69 -21.88 -12.34
N ASP A 112 14.57 -22.85 -13.23
CA ASP A 112 15.71 -23.37 -13.97
C ASP A 112 16.45 -22.26 -14.71
N ASN A 113 17.75 -22.16 -14.42
CA ASN A 113 18.67 -21.17 -15.01
C ASN A 113 18.50 -19.74 -14.49
N GLY A 114 17.61 -19.54 -13.53
CA GLY A 114 17.34 -18.23 -12.96
C GLY A 114 18.35 -17.80 -11.90
N ALA A 115 18.23 -16.55 -11.49
CA ALA A 115 19.06 -16.01 -10.43
C ALA A 115 18.59 -16.59 -9.10
N ALA A 116 19.37 -16.41 -8.05
CA ALA A 116 19.00 -16.90 -6.73
C ALA A 116 17.85 -16.10 -6.14
N LYS A 117 17.00 -16.80 -5.40
CA LYS A 117 15.95 -16.16 -4.63
C LYS A 117 16.60 -15.14 -3.67
N PRO A 118 16.09 -13.89 -3.65
CA PRO A 118 16.71 -12.93 -2.76
C PRO A 118 16.22 -13.13 -1.32
N VAL A 119 16.87 -12.45 -0.37
CA VAL A 119 16.40 -12.41 1.00
C VAL A 119 14.95 -11.91 1.03
N GLN A 120 14.09 -12.66 1.72
CA GLN A 120 12.69 -12.26 1.82
C GLN A 120 12.05 -13.02 2.95
N GLY A 121 10.78 -12.73 3.20
CA GLY A 121 10.03 -13.41 4.26
C GLY A 121 9.98 -12.56 5.50
N THR A 122 9.59 -13.17 6.62
CA THR A 122 9.30 -12.47 7.85
C THR A 122 10.40 -11.49 8.23
N SER A 123 10.00 -10.25 8.55
CA SER A 123 10.95 -9.21 8.94
C SER A 123 10.45 -8.54 10.21
N PHE A 124 11.38 -8.04 11.02
CA PHE A 124 11.08 -7.19 12.14
C PHE A 124 12.08 -6.06 12.14
N HIS A 125 11.58 -4.83 12.02
CA HIS A 125 12.39 -3.62 12.03
C HIS A 125 11.94 -2.76 13.19
N PHE A 126 12.86 -2.53 14.13
CA PHE A 126 12.54 -1.92 15.42
C PHE A 126 13.69 -1.02 15.86
N PHE A 127 13.35 0.14 16.43
CA PHE A 127 14.37 0.95 17.06
C PHE A 127 13.78 1.74 18.21
N SER A 128 14.63 2.04 19.18
CA SER A 128 14.21 2.87 20.31
C SER A 128 15.35 3.74 20.83
N VAL A 129 14.95 4.88 21.41
CA VAL A 129 15.84 5.81 22.06
C VAL A 129 15.25 6.15 23.42
N GLY A 130 16.05 6.01 24.47
CA GLY A 130 15.58 6.28 25.83
C GLY A 130 16.68 6.77 26.75
N GLY A 131 16.27 7.27 27.90
CA GLY A 131 17.20 7.74 28.94
C GLY A 131 17.48 6.67 29.99
N GLU A 132 17.15 5.44 29.65
CA GLU A 132 17.33 4.25 30.49
C GLU A 132 17.01 3.04 29.62
N ALA A 133 17.30 1.85 30.15
CA ALA A 133 17.13 0.62 29.41
C ALA A 133 15.67 0.45 28.95
N LEU A 134 15.50 -0.06 27.74
CA LEU A 134 14.18 -0.43 27.24
C LEU A 134 13.57 -1.49 28.16
N GLU A 135 12.31 -1.29 28.51
CA GLU A 135 11.63 -2.23 29.39
C GLU A 135 10.87 -3.22 28.52
N LEU A 136 11.01 -4.50 28.84
CA LEU A 136 10.48 -5.61 28.05
C LEU A 136 9.42 -6.39 28.81
N GLN A 137 8.48 -6.93 28.03
CA GLN A 137 7.45 -7.85 28.49
C GLN A 137 7.61 -9.15 27.68
N GLY A 138 7.58 -10.29 28.35
CA GLY A 138 7.74 -11.58 27.68
C GLY A 138 6.43 -12.14 27.21
N VAL A 139 6.38 -12.58 25.95
CA VAL A 139 5.23 -13.30 25.39
C VAL A 139 5.83 -14.38 24.50
N VAL A 140 5.30 -15.59 24.61
CA VAL A 140 5.83 -16.72 23.84
C VAL A 140 4.77 -17.30 22.90
N PHE A 141 5.22 -17.72 21.72
CA PHE A 141 4.33 -18.41 20.79
C PHE A 141 3.86 -19.71 21.41
N ASN A 142 4.78 -20.40 22.08
CA ASN A 142 4.56 -21.74 22.58
C ASN A 142 5.22 -21.82 23.95
N TYR A 143 4.44 -21.97 25.02
CA TYR A 143 5.00 -21.91 26.37
C TYR A 143 5.89 -23.11 26.68
N ARG A 144 5.77 -24.19 25.91
CA ARG A 144 6.61 -25.38 26.09
C ARG A 144 7.91 -25.33 25.28
N THR A 145 8.13 -24.25 24.53
CA THR A 145 9.46 -23.96 23.98
C THR A 145 10.54 -23.93 25.08
N THR A 146 11.62 -24.69 24.90
CA THR A 146 12.78 -24.60 25.77
C THR A 146 13.75 -23.63 25.11
N TYR A 147 13.91 -22.44 25.69
CA TYR A 147 14.86 -21.46 25.20
C TYR A 147 16.26 -21.87 25.74
N PRO A 148 17.32 -21.59 24.97
CA PRO A 148 18.62 -22.20 25.25
C PRO A 148 19.47 -21.46 26.27
N ASP A 149 20.38 -22.20 26.87
CA ASP A 149 21.39 -21.64 27.72
C ASP A 149 22.12 -20.53 26.98
N GLY A 150 22.43 -19.44 27.70
CA GLY A 150 23.06 -18.27 27.09
C GLY A 150 22.08 -17.22 26.62
N THR A 151 20.77 -17.50 26.67
CA THR A 151 19.75 -16.48 26.42
C THR A 151 19.01 -16.14 27.68
N ILE A 152 18.38 -14.96 27.68
CA ILE A 152 17.54 -14.54 28.80
C ILE A 152 16.11 -14.52 28.28
N PHE A 153 15.26 -15.34 28.90
CA PHE A 153 13.95 -15.68 28.37
C PHE A 153 12.93 -15.68 29.49
N PRO A 154 11.63 -15.65 29.15
CA PRO A 154 10.59 -15.64 30.17
C PRO A 154 10.70 -16.89 31.05
N LYS A 155 10.87 -16.68 32.35
CA LYS A 155 11.08 -17.79 33.28
C LYS A 155 9.75 -18.25 33.86
N ASN A 156 9.67 -19.52 34.22
CA ASN A 156 8.45 -20.11 34.77
C ASN A 156 7.25 -19.90 33.83
N ALA A 157 7.44 -20.12 32.53
CA ALA A 157 6.37 -19.87 31.56
C ALA A 157 5.23 -20.83 31.80
N THR A 158 4.01 -20.34 31.66
CA THR A 158 2.81 -21.15 31.80
C THR A 158 2.02 -21.00 30.50
N VAL A 159 0.90 -21.69 30.38
CA VAL A 159 0.08 -21.55 29.17
C VAL A 159 -0.42 -20.10 28.99
N GLN A 160 -0.64 -19.38 30.09
CA GLN A 160 -1.03 -17.98 30.02
C GLN A 160 0.06 -17.11 29.40
N SER A 161 1.32 -17.55 29.47
CA SER A 161 2.42 -16.81 28.86
C SER A 161 2.29 -16.71 27.35
N GLN A 162 1.45 -17.57 26.75
CA GLN A 162 1.14 -17.51 25.32
C GLN A 162 0.33 -16.28 24.91
N VAL A 163 -0.30 -15.61 25.89
CA VAL A 163 -1.06 -14.40 25.62
C VAL A 163 -0.69 -13.17 26.49
N MET A 164 -0.53 -13.37 27.79
CA MET A 164 -0.04 -12.34 28.73
C MET A 164 0.16 -12.91 30.12
N ASN A 165 1.39 -12.86 30.60
CA ASN A 165 1.72 -13.26 31.97
C ASN A 165 2.60 -12.14 32.49
N THR A 166 2.07 -11.40 33.46
CA THR A 166 2.73 -10.19 33.95
C THR A 166 3.98 -10.47 34.77
N GLU A 167 4.28 -11.73 35.08
CA GLU A 167 5.55 -12.06 35.72
C GLU A 167 6.76 -11.80 34.79
N HIS A 168 6.56 -11.85 33.46
CA HIS A 168 7.69 -11.77 32.52
C HIS A 168 8.12 -10.33 32.20
N LYS A 169 8.79 -9.70 33.17
CA LYS A 169 9.33 -8.34 33.04
C LYS A 169 10.83 -8.35 33.00
N ALA A 170 11.44 -7.52 32.16
CA ALA A 170 12.89 -7.49 32.05
C ALA A 170 13.36 -6.16 31.47
N TYR A 171 14.67 -5.94 31.59
CA TYR A 171 15.32 -4.77 31.02
C TYR A 171 16.23 -5.24 29.89
N LEU A 172 16.19 -4.54 28.76
CA LEU A 172 17.15 -4.79 27.70
C LEU A 172 18.50 -4.20 28.08
N ASP A 173 19.25 -4.98 28.84
CA ASP A 173 20.48 -4.53 29.51
C ASP A 173 21.71 -5.35 29.14
N LYS A 174 21.58 -6.16 28.09
CA LYS A 174 22.67 -7.01 27.63
C LYS A 174 22.46 -7.32 26.16
N ASN A 175 23.54 -7.22 25.40
CA ASN A 175 23.52 -7.53 23.96
CA ASN A 175 23.56 -7.58 23.98
C ASN A 175 23.64 -9.07 23.74
N LYS A 176 23.10 -9.53 22.61
CA LYS A 176 23.16 -10.95 22.21
C LYS A 176 22.54 -11.87 23.25
N ALA A 177 21.44 -11.46 23.86
CA ALA A 177 20.93 -12.19 24.99
C ALA A 177 19.43 -12.37 25.02
N TYR A 178 18.71 -11.35 24.61
CA TYR A 178 17.24 -11.34 24.66
C TYR A 178 16.69 -11.72 23.30
N PRO A 179 16.11 -12.93 23.17
CA PRO A 179 15.66 -13.28 21.84
C PRO A 179 14.47 -12.45 21.36
N VAL A 180 14.50 -12.06 20.09
CA VAL A 180 13.40 -11.27 19.52
C VAL A 180 12.03 -11.94 19.69
N GLU A 181 11.95 -13.26 19.50
CA GLU A 181 10.64 -13.92 19.42
C GLU A 181 9.86 -14.01 20.75
N CYS A 182 10.55 -13.86 21.88
CA CYS A 182 9.87 -13.99 23.20
C CYS A 182 9.83 -12.70 24.02
N TRP A 183 10.26 -11.58 23.46
CA TRP A 183 10.19 -10.28 24.15
C TRP A 183 9.69 -9.17 23.24
N VAL A 184 8.90 -8.25 23.82
CA VAL A 184 8.48 -7.02 23.15
C VAL A 184 8.63 -5.84 24.12
N PRO A 185 8.64 -4.63 23.59
CA PRO A 185 8.56 -3.49 24.48
C PRO A 185 7.31 -3.59 25.37
N ASP A 186 7.50 -3.31 26.66
CA ASP A 186 6.42 -3.30 27.63
C ASP A 186 5.62 -2.00 27.49
N PRO A 187 4.39 -2.05 26.94
CA PRO A 187 3.61 -0.82 26.81
C PRO A 187 3.12 -0.24 28.13
N THR A 188 3.18 -1.00 29.23
CA THR A 188 2.78 -0.51 30.55
C THR A 188 3.89 0.29 31.22
N ARG A 189 5.07 0.32 30.62
CA ARG A 189 6.18 1.08 31.16
C ARG A 189 6.75 1.94 30.04
N ASN A 190 8.07 2.12 30.02
CA ASN A 190 8.74 2.87 28.95
C ASN A 190 8.32 4.33 28.80
N GLU A 191 7.94 4.97 29.89
CA GLU A 191 7.59 6.41 29.88
C GLU A 191 8.78 7.27 29.42
N ASN A 192 10.00 6.78 29.66
CA ASN A 192 11.22 7.54 29.36
C ASN A 192 11.98 7.03 28.14
N THR A 193 11.27 6.35 27.25
CA THR A 193 11.82 5.83 26.01
C THR A 193 10.79 6.10 24.93
N ARG A 194 11.25 6.28 23.69
CA ARG A 194 10.40 6.32 22.52
C ARG A 194 10.75 5.13 21.63
N TYR A 195 9.77 4.27 21.34
CA TYR A 195 10.00 3.09 20.50
C TYR A 195 9.07 2.95 19.29
N PHE A 196 9.57 2.28 18.26
CA PHE A 196 8.90 2.13 17.00
C PHE A 196 9.25 0.79 16.38
N GLY A 197 8.24 0.02 15.99
CA GLY A 197 8.50 -1.28 15.37
C GLY A 197 7.45 -1.75 14.41
N THR A 198 7.89 -2.53 13.41
CA THR A 198 6.99 -3.19 12.47
C THR A 198 7.41 -4.63 12.24
N LEU A 199 6.48 -5.55 12.52
CA LEU A 199 6.58 -6.96 12.13
C LEU A 199 5.80 -7.15 10.83
N THR A 200 6.46 -7.66 9.80
CA THR A 200 5.80 -8.06 8.57
C THR A 200 6.03 -9.56 8.37
N GLY A 201 4.97 -10.36 8.52
CA GLY A 201 5.06 -11.85 8.48
C GLY A 201 4.78 -12.43 7.09
N GLY A 202 5.15 -13.69 6.86
CA GLY A 202 4.88 -14.33 5.55
C GLY A 202 6.19 -14.71 4.88
N GLU A 203 6.28 -15.94 4.39
CA GLU A 203 7.55 -16.45 3.84
C GLU A 203 7.97 -15.75 2.54
N ASN A 204 7.01 -15.16 1.83
CA ASN A 204 7.34 -14.51 0.55
C ASN A 204 7.32 -12.98 0.59
N VAL A 205 7.19 -12.37 1.77
CA VAL A 205 7.09 -10.91 1.79
C VAL A 205 8.38 -10.25 1.33
N PRO A 206 8.26 -9.29 0.41
CA PRO A 206 9.42 -8.58 -0.11
C PRO A 206 9.94 -7.52 0.85
N PRO A 207 11.27 -7.48 1.09
CA PRO A 207 11.79 -6.34 1.83
C PRO A 207 11.53 -5.01 1.11
N VAL A 208 11.14 -3.99 1.86
CA VAL A 208 11.01 -2.66 1.31
C VAL A 208 11.78 -1.75 2.25
N LEU A 209 12.95 -1.29 1.79
CA LEU A 209 13.90 -0.61 2.65
C LEU A 209 14.21 0.75 2.05
N HIS A 210 13.86 1.80 2.78
CA HIS A 210 14.06 3.19 2.34
C HIS A 210 15.27 3.78 3.04
N ILE A 211 16.05 4.58 2.32
CA ILE A 211 17.16 5.32 2.90
C ILE A 211 17.07 6.78 2.46
N THR A 212 17.40 7.68 3.37
CA THR A 212 17.54 9.11 3.08
C THR A 212 18.21 9.79 4.26
N ASN A 213 18.92 10.89 3.99
CA ASN A 213 19.50 11.67 5.09
C ASN A 213 18.67 12.94 5.36
N THR A 214 17.41 12.94 4.92
CA THR A 214 16.55 14.12 5.01
C THR A 214 15.36 13.97 5.98
N ALA A 215 15.23 12.82 6.63
CA ALA A 215 14.08 12.51 7.50
C ALA A 215 14.49 12.53 8.97
N THR A 216 13.75 13.26 9.80
CA THR A 216 14.04 13.38 11.22
C THR A 216 12.79 12.99 11.99
N THR A 217 12.95 12.18 13.03
CA THR A 217 11.86 11.92 13.98
C THR A 217 12.05 12.78 15.25
N VAL A 218 10.99 13.48 15.66
CA VAL A 218 11.01 14.27 16.89
C VAL A 218 10.62 13.36 18.07
N LEU A 219 11.41 13.40 19.14
CA LEU A 219 11.29 12.50 20.28
C LEU A 219 10.51 13.09 21.45
N LEU A 220 10.05 14.34 21.31
CA LEU A 220 9.35 15.02 22.36
C LEU A 220 7.97 14.41 22.56
N ASP A 221 7.55 14.27 23.80
CA ASP A 221 6.19 13.82 24.10
C ASP A 221 5.18 14.96 23.93
N GLU A 222 3.92 14.71 24.27
CA GLU A 222 2.85 15.71 24.13
C GLU A 222 3.05 16.96 24.99
N PHE A 223 3.92 16.87 26.01
CA PHE A 223 4.26 18.01 26.84
C PHE A 223 5.57 18.71 26.43
N GLY A 224 6.15 18.33 25.29
CA GLY A 224 7.38 18.94 24.79
C GLY A 224 8.64 18.45 25.49
N VAL A 225 8.58 17.25 26.05
CA VAL A 225 9.70 16.71 26.82
C VAL A 225 10.18 15.41 26.20
N GLY A 226 11.48 15.34 25.93
CA GLY A 226 12.09 14.13 25.39
C GLY A 226 12.61 13.21 26.47
N PRO A 227 13.10 12.02 26.09
CA PRO A 227 13.77 11.14 27.04
C PRO A 227 14.88 11.88 27.79
N LEU A 228 14.88 11.71 29.11
CA LEU A 228 15.85 12.36 29.99
C LEU A 228 16.87 11.32 30.43
N CYS A 229 18.15 11.60 30.21
CA CYS A 229 19.17 10.54 30.29
C CYS A 229 19.72 10.36 31.68
N LYS A 230 19.26 9.33 32.37
CA LYS A 230 19.67 9.10 33.75
C LYS A 230 21.15 8.71 33.80
N GLY A 231 21.89 9.32 34.71
CA GLY A 231 23.33 9.05 34.84
C GLY A 231 24.16 9.43 33.62
N ASP A 232 23.65 10.36 32.80
CA ASP A 232 24.33 10.80 31.56
C ASP A 232 24.64 9.67 30.57
N ASN A 233 23.69 8.75 30.45
CA ASN A 233 23.74 7.67 29.46
C ASN A 233 22.51 7.66 28.57
N LEU A 234 22.75 7.48 27.26
CA LEU A 234 21.70 7.33 26.25
C LEU A 234 21.59 5.86 25.82
N TYR A 235 20.38 5.30 25.86
CA TYR A 235 20.12 3.91 25.48
C TYR A 235 19.53 3.82 24.09
N LEU A 236 20.24 3.12 23.20
CA LEU A 236 19.76 2.87 21.84
C LEU A 236 19.54 1.37 21.69
N SER A 237 18.39 0.99 21.13
CA SER A 237 18.08 -0.40 20.89
C SER A 237 17.56 -0.61 19.46
N ALA A 238 17.75 -1.80 18.91
CA ALA A 238 17.34 -2.07 17.54
C ALA A 238 17.17 -3.55 17.25
N VAL A 239 16.27 -3.84 16.31
CA VAL A 239 16.25 -5.10 15.60
C VAL A 239 16.02 -4.82 14.13
N ASP A 240 16.80 -5.45 13.27
CA ASP A 240 16.58 -5.34 11.82
C ASP A 240 16.81 -6.69 11.13
N VAL A 241 15.88 -7.59 11.41
CA VAL A 241 15.78 -8.86 10.72
C VAL A 241 15.12 -8.55 9.39
N CYS A 242 15.86 -8.73 8.31
CA CYS A 242 15.40 -8.31 7.00
C CYS A 242 14.57 -9.37 6.29
N GLY A 243 14.72 -10.62 6.70
CA GLY A 243 14.09 -11.75 6.06
C GLY A 243 15.01 -12.93 6.23
N MET A 244 14.82 -13.93 5.38
CA MET A 244 15.64 -15.14 5.35
C MET A 244 16.34 -15.27 4.01
N PHE A 245 17.59 -15.74 4.08
CA PHE A 245 18.34 -16.19 2.92
C PHE A 245 18.12 -17.68 2.75
N THR A 246 17.84 -18.10 1.52
CA THR A 246 17.63 -19.50 1.18
C THR A 246 18.89 -20.01 0.47
N ASN A 247 19.50 -21.01 1.08
CA ASN A 247 20.64 -21.69 0.47
C ASN A 247 20.22 -22.59 -0.71
N ARG A 248 21.16 -22.91 -1.59
CA ARG A 248 20.92 -23.87 -2.67
C ARG A 248 20.15 -25.10 -2.18
N SER A 249 20.52 -25.60 -1.01
CA SER A 249 19.91 -26.84 -0.46
C SER A 249 18.45 -26.66 -0.04
N GLY A 250 18.02 -25.42 0.12
CA GLY A 250 16.68 -25.12 0.65
C GLY A 250 16.70 -24.66 2.09
N SER A 251 17.82 -24.89 2.81
CA SER A 251 17.92 -24.43 4.20
C SER A 251 17.88 -22.89 4.26
N GLN A 252 17.36 -22.36 5.35
CA GLN A 252 17.13 -20.92 5.46
C GLN A 252 17.73 -20.35 6.73
N GLN A 253 18.29 -19.15 6.59
CA GLN A 253 18.93 -18.46 7.70
C GLN A 253 18.41 -17.03 7.78
N TRP A 254 18.13 -16.55 8.99
CA TRP A 254 17.83 -15.13 9.14
C TRP A 254 19.04 -14.29 8.70
N ARG A 255 18.78 -13.16 8.05
CA ARG A 255 19.80 -12.17 7.70
C ARG A 255 19.41 -10.81 8.27
N GLY A 256 20.35 -10.19 8.97
CA GLY A 256 20.14 -8.88 9.63
C GLY A 256 21.11 -7.85 9.09
N LEU A 257 20.79 -6.57 9.31
CA LEU A 257 21.65 -5.46 8.96
C LEU A 257 21.78 -4.47 10.12
N SER A 258 22.88 -3.70 10.09
CA SER A 258 23.15 -2.68 11.10
C SER A 258 22.22 -1.47 10.92
N ARG A 259 22.04 -0.74 12.02
CA ARG A 259 21.23 0.48 12.06
C ARG A 259 22.05 1.67 12.55
N TYR A 260 22.00 2.74 11.76
CA TYR A 260 22.60 4.03 12.10
C TYR A 260 21.64 4.81 13.00
N PHE A 261 22.19 5.47 14.02
CA PHE A 261 21.48 6.42 14.88
C PHE A 261 22.24 7.75 14.94
N LYS A 262 21.53 8.85 14.79
CA LYS A 262 22.05 10.18 15.14
C LYS A 262 21.01 10.87 16.01
N VAL A 263 21.39 11.15 17.26
CA VAL A 263 20.49 11.77 18.24
C VAL A 263 21.04 13.12 18.64
N GLN A 264 20.17 14.14 18.60
CA GLN A 264 20.50 15.46 19.10
C GLN A 264 19.92 15.60 20.50
N LEU A 265 20.73 16.13 21.41
CA LEU A 265 20.36 16.29 22.83
C LEU A 265 20.59 17.72 23.31
N ARG A 266 19.80 18.15 24.29
CA ARG A 266 19.95 19.47 24.91
C ARG A 266 19.91 19.33 26.41
N LYS A 267 20.52 20.27 27.11
CA LYS A 267 20.53 20.27 28.57
C LYS A 267 19.22 20.83 29.12
N ARG A 268 18.62 20.07 30.03
CA ARG A 268 17.36 20.40 30.65
C ARG A 268 17.54 20.40 32.18
N ARG A 269 17.06 21.44 32.85
CA ARG A 269 17.11 21.50 34.31
C ARG A 269 15.88 20.78 34.87
N VAL A 270 16.09 20.01 35.93
CA VAL A 270 15.01 19.26 36.58
C VAL A 270 15.13 19.44 38.10
N LYS A 271 14.00 19.33 38.81
CA LYS A 271 13.96 19.53 40.27
C LYS A 271 14.22 18.24 41.02
N VAL B 7 33.04 27.26 6.94
CA VAL B 7 32.45 28.48 6.30
C VAL B 7 31.17 28.92 7.03
N GLU B 8 31.05 30.22 7.28
CA GLU B 8 29.78 30.79 7.76
C GLU B 8 28.88 31.05 6.56
N VAL B 9 27.61 30.67 6.65
CA VAL B 9 26.66 30.87 5.57
C VAL B 9 25.92 32.18 5.77
N LEU B 10 26.08 33.11 4.85
CA LEU B 10 25.45 34.43 4.95
C LEU B 10 24.25 34.53 4.01
N GLU B 11 23.97 35.71 3.46
CA GLU B 11 22.76 35.93 2.68
C GLU B 11 22.80 35.38 1.25
N VAL B 12 21.61 35.08 0.74
CA VAL B 12 21.41 34.78 -0.68
C VAL B 12 21.56 36.05 -1.49
N LYS B 13 22.23 35.97 -2.62
CA LYS B 13 22.34 37.11 -3.54
C LYS B 13 21.09 37.13 -4.41
N THR B 14 20.60 38.31 -4.77
CA THR B 14 19.39 38.41 -5.62
C THR B 14 19.71 39.15 -6.92
N GLY B 15 18.70 39.32 -7.77
CA GLY B 15 18.87 40.03 -9.04
C GLY B 15 18.91 39.08 -10.22
N VAL B 16 18.97 39.65 -11.43
CA VAL B 16 18.86 38.90 -12.67
C VAL B 16 19.87 37.74 -12.71
N ASP B 17 21.13 38.05 -12.39
CA ASP B 17 22.25 37.13 -12.55
C ASP B 17 22.36 36.00 -11.49
N SER B 18 21.43 35.95 -10.54
CA SER B 18 21.67 35.23 -9.29
C SER B 18 21.15 33.81 -9.22
N ILE B 19 20.50 33.31 -10.27
CA ILE B 19 19.98 31.93 -10.32
C ILE B 19 20.47 31.23 -11.58
N THR B 20 20.60 29.91 -11.54
CA THR B 20 20.90 29.14 -12.73
C THR B 20 20.24 27.78 -12.57
N GLU B 21 20.16 27.03 -13.66
CA GLU B 21 19.61 25.70 -13.60
C GLU B 21 20.45 24.71 -14.37
N VAL B 22 20.48 23.48 -13.87
CA VAL B 22 21.16 22.37 -14.51
C VAL B 22 20.09 21.37 -14.93
N GLU B 23 20.21 20.85 -16.13
CA GLU B 23 19.31 19.84 -16.62
C GLU B 23 20.12 18.77 -17.34
N CYS B 24 19.96 17.52 -16.95
CA CYS B 24 20.70 16.44 -17.63
C CYS B 24 20.07 15.09 -17.37
N PHE B 25 20.67 14.06 -17.95
CA PHE B 25 20.23 12.70 -17.64
C PHE B 25 21.45 11.86 -17.37
N LEU B 26 21.28 10.85 -16.52
CA LEU B 26 22.34 9.91 -16.19
C LEU B 26 21.91 8.56 -16.75
N THR B 27 22.76 7.96 -17.57
CA THR B 27 22.46 6.63 -18.09
C THR B 27 22.72 5.55 -17.03
N PRO B 28 21.97 4.45 -17.10
CA PRO B 28 22.22 3.37 -16.16
C PRO B 28 23.48 2.61 -16.55
N GLU B 29 24.17 2.02 -15.58
CA GLU B 29 25.37 1.22 -15.84
C GLU B 29 25.16 -0.20 -15.26
N MET B 30 24.50 -1.03 -16.06
CA MET B 30 24.03 -2.35 -15.62
C MET B 30 25.01 -3.47 -15.90
N GLY B 31 26.00 -3.20 -16.75
CA GLY B 31 27.05 -4.15 -17.07
C GLY B 31 27.36 -4.25 -18.55
N ASP B 32 26.34 -4.11 -19.39
CA ASP B 32 26.49 -4.01 -20.85
C ASP B 32 27.34 -5.16 -21.44
N PRO B 33 26.82 -6.39 -21.38
CA PRO B 33 27.64 -7.57 -21.72
C PRO B 33 28.04 -7.71 -23.18
N ASP B 34 27.31 -7.10 -24.11
CA ASP B 34 27.76 -7.07 -25.52
C ASP B 34 27.27 -5.81 -26.23
N GLU B 35 27.58 -5.69 -27.51
CA GLU B 35 27.31 -4.46 -28.26
C GLU B 35 25.82 -4.20 -28.50
N HIS B 36 24.97 -5.18 -28.20
CA HIS B 36 23.51 -5.03 -28.38
C HIS B 36 22.76 -4.87 -27.06
N LEU B 37 23.45 -4.87 -25.92
CA LEU B 37 22.78 -5.04 -24.61
C LEU B 37 23.01 -3.90 -23.60
N ARG B 38 23.26 -2.71 -24.13
CA ARG B 38 23.27 -1.51 -23.31
C ARG B 38 21.97 -1.42 -22.47
N GLY B 39 22.12 -1.27 -21.15
CA GLY B 39 21.02 -1.16 -20.22
C GLY B 39 20.69 -2.46 -19.54
N PHE B 40 21.34 -3.55 -19.97
CA PHE B 40 21.20 -4.87 -19.40
C PHE B 40 22.51 -5.32 -18.76
N SER B 41 22.40 -6.26 -17.83
CA SER B 41 23.59 -6.95 -17.30
C SER B 41 23.79 -8.24 -18.07
N LYS B 42 24.96 -8.85 -17.88
CA LYS B 42 25.19 -10.24 -18.23
C LYS B 42 24.16 -11.08 -17.48
N SER B 43 23.78 -12.23 -18.02
CA SER B 43 22.88 -13.09 -17.29
C SER B 43 23.54 -13.55 -15.98
N ILE B 44 22.70 -13.78 -14.97
CA ILE B 44 23.18 -14.07 -13.64
C ILE B 44 23.49 -15.56 -13.48
N SER B 45 24.70 -15.86 -13.03
CA SER B 45 25.08 -17.23 -12.64
CA SER B 45 25.09 -17.23 -12.65
C SER B 45 25.27 -17.29 -11.13
N ILE B 46 24.95 -18.43 -10.54
CA ILE B 46 25.01 -18.65 -9.10
C ILE B 46 26.25 -19.50 -8.81
N SER B 47 27.05 -19.08 -7.83
CA SER B 47 28.24 -19.85 -7.46
C SER B 47 27.86 -21.21 -6.88
N ASP B 48 28.80 -22.15 -6.98
CA ASP B 48 28.61 -23.53 -6.53
C ASP B 48 28.74 -23.68 -5.03
N THR B 49 29.46 -22.76 -4.38
CA THR B 49 29.57 -22.77 -2.92
C THR B 49 29.50 -21.32 -2.46
N PHE B 50 29.21 -21.10 -1.19
CA PHE B 50 29.10 -19.73 -0.69
C PHE B 50 30.43 -19.02 -0.79
N GLU B 51 31.49 -19.73 -0.39
CA GLU B 51 32.86 -19.21 -0.36
C GLU B 51 33.38 -18.83 -1.75
N SER B 52 32.88 -19.50 -2.79
CA SER B 52 33.38 -19.28 -4.15
C SER B 52 32.66 -18.19 -4.97
N ASP B 53 31.78 -17.42 -4.32
CA ASP B 53 31.10 -16.30 -4.99
C ASP B 53 32.11 -15.39 -5.68
N SER B 54 31.94 -15.20 -6.98
CA SER B 54 32.91 -14.49 -7.81
CA SER B 54 32.91 -14.50 -7.83
C SER B 54 32.21 -13.88 -9.04
N PRO B 55 31.39 -12.84 -8.82
CA PRO B 55 30.64 -12.30 -9.96
C PRO B 55 31.52 -11.61 -11.01
N ASN B 56 31.18 -11.84 -12.28
CA ASN B 56 31.78 -11.18 -13.44
CA ASN B 56 31.87 -11.16 -13.35
C ASN B 56 31.43 -9.70 -13.41
N LYS B 57 32.35 -8.84 -13.85
CA LYS B 57 32.08 -7.39 -13.90
C LYS B 57 30.80 -7.03 -14.66
N ASP B 58 30.60 -7.64 -15.84
CA ASP B 58 29.40 -7.38 -16.65
C ASP B 58 28.08 -7.83 -16.03
N MET B 59 28.15 -8.56 -14.93
CA MET B 59 26.99 -9.04 -14.20
C MET B 59 26.60 -8.11 -13.04
N LEU B 60 27.39 -7.06 -12.82
CA LEU B 60 27.22 -6.19 -11.65
C LEU B 60 26.77 -4.78 -11.99
N PRO B 61 25.50 -4.47 -11.72
CA PRO B 61 25.14 -3.05 -11.83
C PRO B 61 25.98 -2.15 -10.90
N CYS B 62 26.30 -0.95 -11.39
CA CYS B 62 27.12 0.03 -10.67
C CYS B 62 26.37 1.35 -10.50
N TYR B 63 26.80 2.13 -9.53
CA TYR B 63 26.29 3.48 -9.34
C TYR B 63 26.65 4.36 -10.54
N SER B 64 25.72 5.20 -10.95
CA SER B 64 25.98 6.25 -11.94
C SER B 64 26.27 7.58 -11.24
N VAL B 65 27.15 8.38 -11.84
CA VAL B 65 27.50 9.69 -11.31
C VAL B 65 27.86 10.62 -12.46
N ALA B 66 27.45 11.89 -12.35
CA ALA B 66 27.93 12.94 -13.24
C ALA B 66 28.28 14.17 -12.41
N ARG B 67 29.40 14.78 -12.76
CA ARG B 67 29.84 16.03 -12.15
C ARG B 67 29.57 17.11 -13.17
N ILE B 68 28.75 18.10 -12.80
CA ILE B 68 28.30 19.14 -13.73
C ILE B 68 28.99 20.46 -13.37
N PRO B 69 29.77 21.03 -14.28
CA PRO B 69 30.37 22.34 -14.01
C PRO B 69 29.33 23.44 -14.04
N LEU B 70 29.43 24.39 -13.11
CA LEU B 70 28.44 25.47 -12.98
C LEU B 70 29.09 26.76 -13.43
N PRO B 71 28.30 27.81 -13.69
CA PRO B 71 28.96 29.07 -14.03
C PRO B 71 30.00 29.51 -12.99
N ASN B 72 31.14 29.95 -13.50
CA ASN B 72 32.30 30.25 -12.70
C ASN B 72 32.03 31.43 -11.78
N LEU B 73 32.29 31.26 -10.48
CA LEU B 73 32.15 32.33 -9.49
C LEU B 73 33.52 32.78 -8.98
N ILE B 82 33.40 35.40 -0.95
CA ILE B 82 33.13 34.14 -1.64
C ILE B 82 31.63 33.86 -1.86
N LEU B 83 31.26 33.57 -3.10
CA LEU B 83 29.93 33.07 -3.43
C LEU B 83 30.01 31.61 -3.82
N MET B 84 28.99 30.85 -3.44
CA MET B 84 28.82 29.47 -3.90
C MET B 84 27.42 29.28 -4.43
N TRP B 85 27.31 28.41 -5.43
CA TRP B 85 26.02 27.97 -5.92
C TRP B 85 25.42 27.04 -4.87
N GLU B 86 24.14 27.26 -4.60
CA GLU B 86 23.40 26.53 -3.60
C GLU B 86 22.24 25.84 -4.31
N ALA B 87 22.17 24.51 -4.21
CA ALA B 87 21.10 23.74 -4.85
C ALA B 87 19.84 23.79 -3.99
N VAL B 88 18.74 24.28 -4.58
CA VAL B 88 17.51 24.56 -3.85
C VAL B 88 16.38 23.56 -4.16
N THR B 89 16.20 23.23 -5.43
CA THR B 89 15.15 22.28 -5.79
C THR B 89 15.60 21.26 -6.83
N LEU B 90 14.88 20.13 -6.84
CA LEU B 90 15.10 19.04 -7.76
C LEU B 90 13.78 18.56 -8.36
N LYS B 91 13.74 18.40 -9.69
CA LYS B 91 12.74 17.54 -10.31
C LYS B 91 13.49 16.38 -10.91
N THR B 92 12.96 15.18 -10.75
CA THR B 92 13.61 14.01 -11.28
C THR B 92 12.61 12.97 -11.72
N GLU B 93 13.01 12.19 -12.70
CA GLU B 93 12.13 11.24 -13.36
C GLU B 93 12.92 10.11 -13.99
N VAL B 94 12.42 8.89 -13.89
CA VAL B 94 12.96 7.77 -14.66
C VAL B 94 12.47 7.87 -16.12
N ILE B 95 13.39 7.71 -17.06
CA ILE B 95 13.14 7.92 -18.48
C ILE B 95 12.93 6.58 -19.22
N GLY B 96 11.78 6.42 -19.88
CA GLY B 96 11.51 5.24 -20.69
C GLY B 96 10.73 4.14 -19.98
N VAL B 97 9.86 4.54 -19.06
CA VAL B 97 9.13 3.57 -18.24
C VAL B 97 8.28 2.64 -19.08
N THR B 98 7.80 3.11 -20.24
CA THR B 98 6.93 2.31 -21.07
C THR B 98 7.64 1.19 -21.83
N THR B 99 8.98 1.20 -21.87
CA THR B 99 9.72 0.10 -22.51
C THR B 99 9.38 -1.26 -21.87
N LEU B 100 8.94 -1.24 -20.61
CA LEU B 100 8.58 -2.46 -19.91
C LEU B 100 7.30 -3.12 -20.43
N MET B 101 6.63 -2.49 -21.40
CA MET B 101 5.48 -3.09 -22.10
C MET B 101 5.88 -3.96 -23.30
N ASN B 102 7.17 -4.00 -23.62
CA ASN B 102 7.64 -4.96 -24.60
C ASN B 102 7.75 -6.35 -23.95
N VAL B 103 6.66 -7.10 -24.04
CA VAL B 103 6.58 -8.48 -23.57
C VAL B 103 6.47 -9.45 -24.77
N HIS B 104 7.04 -9.05 -25.91
CA HIS B 104 6.89 -9.82 -27.16
C HIS B 104 8.22 -10.20 -27.81
N SER B 105 9.30 -10.25 -27.04
CA SER B 105 10.57 -10.67 -27.63
C SER B 105 11.54 -11.33 -26.67
N ASN B 106 11.98 -12.54 -27.02
CA ASN B 106 13.18 -13.14 -26.43
C ASN B 106 12.89 -13.65 -25.03
N GLY B 107 11.63 -13.62 -24.61
CA GLY B 107 11.28 -13.89 -23.22
C GLY B 107 10.66 -15.26 -23.03
N GLN B 108 10.18 -15.50 -21.82
CA GLN B 108 9.62 -16.78 -21.45
C GLN B 108 8.15 -16.60 -21.13
N ALA B 109 7.32 -17.34 -21.85
CA ALA B 109 5.87 -17.29 -21.65
C ALA B 109 5.51 -17.55 -20.19
N THR B 110 4.59 -16.76 -19.67
CA THR B 110 4.14 -16.89 -18.29
C THR B 110 3.43 -18.24 -18.08
N HIS B 111 2.65 -18.65 -19.06
CA HIS B 111 1.91 -19.90 -19.08
C HIS B 111 1.77 -20.25 -20.55
N ASP B 112 1.24 -21.43 -20.86
CA ASP B 112 1.14 -21.86 -22.24
CA ASP B 112 1.14 -21.86 -22.24
C ASP B 112 0.35 -20.84 -23.07
N ASN B 113 0.97 -20.35 -24.15
CA ASN B 113 0.39 -19.40 -25.11
C ASN B 113 0.31 -17.95 -24.64
N GLY B 114 0.83 -17.67 -23.45
CA GLY B 114 0.80 -16.34 -22.87
C GLY B 114 1.87 -15.42 -23.41
N ALA B 115 1.81 -14.17 -22.98
CA ALA B 115 2.84 -13.20 -23.29
C ALA B 115 4.09 -13.52 -22.46
N ALA B 116 5.20 -12.87 -22.79
CA ALA B 116 6.44 -13.05 -22.03
C ALA B 116 6.29 -12.46 -20.63
N LYS B 117 6.86 -13.14 -19.65
CA LYS B 117 7.04 -12.57 -18.31
C LYS B 117 7.72 -11.23 -18.45
N PRO B 118 7.19 -10.17 -17.80
CA PRO B 118 7.78 -8.85 -17.90
C PRO B 118 8.93 -8.67 -16.91
N VAL B 119 9.64 -7.56 -17.02
CA VAL B 119 10.67 -7.21 -16.09
C VAL B 119 10.04 -7.12 -14.69
N GLN B 120 10.64 -7.82 -13.75
CA GLN B 120 10.15 -7.82 -12.38
C GLN B 120 11.24 -8.35 -11.45
N GLY B 121 10.96 -8.30 -10.16
CA GLY B 121 11.92 -8.72 -9.16
C GLY B 121 12.67 -7.53 -8.58
N THR B 122 13.72 -7.83 -7.86
CA THR B 122 14.44 -6.87 -7.08
C THR B 122 14.77 -5.57 -7.81
N SER B 123 14.45 -4.46 -7.17
CA SER B 123 14.75 -3.15 -7.75
C SER B 123 15.44 -2.26 -6.73
N PHE B 124 16.24 -1.32 -7.23
CA PHE B 124 16.84 -0.28 -6.41
C PHE B 124 16.75 1.00 -7.18
N HIS B 125 16.04 1.96 -6.61
CA HIS B 125 15.86 3.27 -7.21
C HIS B 125 16.41 4.30 -6.25
N PHE B 126 17.40 5.05 -6.72
CA PHE B 126 18.23 5.89 -5.88
C PHE B 126 18.64 7.13 -6.64
N PHE B 127 18.65 8.27 -5.94
CA PHE B 127 19.23 9.48 -6.51
C PHE B 127 19.74 10.42 -5.40
N SER B 128 20.75 11.21 -5.76
CA SER B 128 21.32 12.16 -4.83
C SER B 128 21.79 13.40 -5.59
N VAL B 129 21.80 14.52 -4.87
CA VAL B 129 22.28 15.82 -5.36
C VAL B 129 23.17 16.37 -4.25
N GLY B 130 24.40 16.73 -4.59
CA GLY B 130 25.34 17.24 -3.60
C GLY B 130 26.30 18.26 -4.15
N GLY B 131 26.92 19.00 -3.23
CA GLY B 131 27.95 19.97 -3.58
C GLY B 131 29.36 19.37 -3.60
N GLU B 132 29.44 18.04 -3.54
CA GLU B 132 30.69 17.28 -3.61
C GLU B 132 30.31 15.82 -3.84
N ALA B 133 31.29 14.95 -4.03
CA ALA B 133 31.00 13.57 -4.37
C ALA B 133 30.19 12.90 -3.26
N LEU B 134 29.28 12.02 -3.63
CA LEU B 134 28.56 11.19 -2.66
C LEU B 134 29.56 10.34 -1.88
N GLU B 135 29.42 10.30 -0.55
CA GLU B 135 30.31 9.51 0.28
C GLU B 135 29.67 8.15 0.53
N LEU B 136 30.47 7.09 0.36
CA LEU B 136 30.01 5.71 0.44
C LEU B 136 30.61 4.94 1.62
N GLN B 137 29.81 3.99 2.11
CA GLN B 137 30.21 3.02 3.11
C GLN B 137 30.02 1.65 2.47
N GLY B 138 31.05 0.81 2.56
CA GLY B 138 30.97 -0.54 2.03
C GLY B 138 30.33 -1.51 3.00
N VAL B 139 29.42 -2.33 2.49
CA VAL B 139 28.81 -3.42 3.25
C VAL B 139 28.63 -4.55 2.23
N VAL B 140 29.04 -5.75 2.61
CA VAL B 140 28.94 -6.89 1.69
C VAL B 140 28.00 -7.96 2.23
N PHE B 141 27.26 -8.60 1.33
CA PHE B 141 26.42 -9.72 1.69
C PHE B 141 27.28 -10.89 2.22
N ASN B 142 28.39 -11.11 1.54
CA ASN B 142 29.29 -12.24 1.79
C ASN B 142 30.73 -11.72 1.70
N TYR B 143 31.46 -11.72 2.81
CA TYR B 143 32.82 -11.13 2.82
C TYR B 143 33.81 -11.93 1.97
N ARG B 144 33.49 -13.18 1.67
CA ARG B 144 34.38 -14.00 0.84
C ARG B 144 34.08 -13.86 -0.66
N THR B 145 33.08 -13.06 -1.03
CA THR B 145 32.84 -12.70 -2.43
C THR B 145 34.09 -12.07 -3.02
N THR B 146 34.53 -12.55 -4.18
CA THR B 146 35.64 -11.95 -4.91
C THR B 146 35.03 -11.01 -5.95
N TYR B 147 35.15 -9.71 -5.71
CA TYR B 147 34.67 -8.70 -6.66
C TYR B 147 35.68 -8.59 -7.79
N PRO B 148 35.22 -8.30 -9.01
CA PRO B 148 36.09 -8.48 -10.16
C PRO B 148 37.02 -7.30 -10.40
N ASP B 149 38.10 -7.58 -11.11
CA ASP B 149 38.98 -6.54 -11.59
C ASP B 149 38.18 -5.55 -12.44
N GLY B 150 38.48 -4.26 -12.25
CA GLY B 150 37.79 -3.22 -12.99
C GLY B 150 36.67 -2.57 -12.18
N THR B 151 36.33 -3.16 -11.04
CA THR B 151 35.41 -2.53 -10.10
C THR B 151 36.17 -2.03 -8.88
N ILE B 152 35.59 -1.06 -8.19
CA ILE B 152 36.13 -0.56 -6.93
C ILE B 152 35.20 -1.08 -5.81
N PHE B 153 35.78 -1.85 -4.90
CA PHE B 153 35.01 -2.59 -3.91
C PHE B 153 35.69 -2.53 -2.54
N PRO B 154 34.98 -2.95 -1.48
CA PRO B 154 35.58 -2.97 -0.15
C PRO B 154 36.83 -3.86 -0.07
N LYS B 155 37.98 -3.24 0.16
CA LYS B 155 39.26 -3.93 0.24
C LYS B 155 39.50 -4.46 1.65
N ASN B 156 40.26 -5.54 1.77
CA ASN B 156 40.56 -6.19 3.06
C ASN B 156 39.29 -6.52 3.82
N ALA B 157 38.30 -7.06 3.14
CA ALA B 157 37.02 -7.39 3.75
C ALA B 157 37.23 -8.45 4.81
N THR B 158 36.52 -8.33 5.93
CA THR B 158 36.56 -9.36 6.97
C THR B 158 35.13 -9.81 7.25
N VAL B 159 34.95 -10.78 8.14
CA VAL B 159 33.58 -11.19 8.48
C VAL B 159 32.75 -10.00 9.02
N GLN B 160 33.41 -9.05 9.70
CA GLN B 160 32.69 -7.85 10.18
C GLN B 160 32.10 -7.00 9.06
N SER B 161 32.70 -7.07 7.87
CA SER B 161 32.24 -6.34 6.68
C SER B 161 30.83 -6.74 6.25
N GLN B 162 30.37 -7.92 6.67
CA GLN B 162 28.99 -8.37 6.46
C GLN B 162 27.92 -7.56 7.21
N VAL B 163 28.33 -6.83 8.26
CA VAL B 163 27.42 -5.95 9.01
C VAL B 163 27.89 -4.49 9.13
N MET B 164 29.16 -4.27 9.46
CA MET B 164 29.73 -2.91 9.47
C MET B 164 31.22 -2.93 9.77
N ASN B 165 32.02 -2.50 8.79
CA ASN B 165 33.45 -2.34 8.96
C ASN B 165 33.75 -0.91 8.49
N THR B 166 34.10 -0.05 9.44
CA THR B 166 34.32 1.37 9.15
C THR B 166 35.55 1.66 8.28
N GLU B 167 36.39 0.65 8.02
CA GLU B 167 37.46 0.83 7.04
C GLU B 167 36.95 1.11 5.61
N HIS B 168 35.75 0.63 5.27
CA HIS B 168 35.27 0.72 3.89
C HIS B 168 34.60 2.05 3.58
N LYS B 169 35.42 3.08 3.36
CA LYS B 169 34.95 4.42 3.01
C LYS B 169 35.43 4.74 1.61
N ALA B 170 34.56 5.34 0.80
CA ALA B 170 34.94 5.74 -0.53
C ALA B 170 34.11 6.93 -0.99
N TYR B 171 34.51 7.51 -2.12
CA TYR B 171 33.77 8.56 -2.78
C TYR B 171 33.27 8.01 -4.09
N LEU B 172 32.03 8.34 -4.44
CA LEU B 172 31.49 8.00 -5.74
C LEU B 172 32.05 9.00 -6.74
N ASP B 173 33.25 8.69 -7.20
CA ASP B 173 34.05 9.62 -8.02
C ASP B 173 34.40 9.04 -9.40
N LYS B 174 33.77 7.94 -9.76
CA LYS B 174 34.02 7.28 -11.04
C LYS B 174 32.75 6.58 -11.48
N ASN B 175 32.39 6.75 -12.74
CA ASN B 175 31.18 6.18 -13.28
C ASN B 175 31.47 4.72 -13.65
N LYS B 176 30.46 3.86 -13.59
CA LYS B 176 30.63 2.49 -14.12
C LYS B 176 31.69 1.68 -13.34
N ALA B 177 31.82 1.92 -12.02
CA ALA B 177 32.92 1.34 -11.24
C ALA B 177 32.57 0.81 -9.83
N TYR B 178 31.64 1.46 -9.15
CA TYR B 178 31.26 1.10 -7.79
C TYR B 178 30.02 0.22 -7.86
N PRO B 179 30.16 -1.09 -7.54
CA PRO B 179 28.97 -1.94 -7.64
C PRO B 179 27.91 -1.57 -6.63
N VAL B 180 26.66 -1.59 -7.08
CA VAL B 180 25.55 -1.25 -6.23
C VAL B 180 25.52 -2.18 -5.01
N GLU B 181 25.78 -3.48 -5.20
CA GLU B 181 25.54 -4.44 -4.11
C GLU B 181 26.48 -4.34 -2.92
N CYS B 182 27.62 -3.65 -3.05
CA CYS B 182 28.59 -3.57 -1.96
C CYS B 182 28.83 -2.14 -1.41
N TRP B 183 28.06 -1.17 -1.87
CA TRP B 183 28.22 0.19 -1.40
C TRP B 183 26.85 0.83 -1.15
N VAL B 184 26.76 1.64 -0.09
CA VAL B 184 25.59 2.47 0.17
C VAL B 184 26.05 3.88 0.55
N PRO B 185 25.16 4.85 0.46
CA PRO B 185 25.52 6.16 0.99
C PRO B 185 25.87 6.04 2.47
N ASP B 186 26.94 6.73 2.87
CA ASP B 186 27.44 6.71 4.24
C ASP B 186 26.63 7.69 5.10
N PRO B 187 25.78 7.18 6.02
CA PRO B 187 24.94 8.07 6.81
C PRO B 187 25.72 8.91 7.84
N THR B 188 26.96 8.51 8.14
CA THR B 188 27.81 9.24 9.05
C THR B 188 28.48 10.43 8.38
N ARG B 189 28.38 10.57 7.06
CA ARG B 189 28.92 11.75 6.37
C ARG B 189 27.80 12.37 5.51
N ASN B 190 28.12 12.84 4.30
CA ASN B 190 27.11 13.38 3.38
C ASN B 190 26.31 14.59 3.92
N GLU B 191 26.96 15.43 4.72
CA GLU B 191 26.31 16.66 5.22
C GLU B 191 25.92 17.61 4.09
N ASN B 192 26.67 17.56 2.99
CA ASN B 192 26.52 18.48 1.86
C ASN B 192 25.86 17.82 0.64
N THR B 193 25.11 16.76 0.89
CA THR B 193 24.41 16.01 -0.15
C THR B 193 23.03 15.67 0.40
N ARG B 194 22.05 15.53 -0.49
CA ARG B 194 20.72 15.04 -0.13
C ARG B 194 20.51 13.77 -0.93
N TYR B 195 20.22 12.65 -0.26
CA TYR B 195 20.06 11.37 -0.99
C TYR B 195 18.77 10.65 -0.58
N PHE B 196 18.24 9.87 -1.52
CA PHE B 196 16.96 9.19 -1.40
C PHE B 196 17.05 7.87 -2.14
N GLY B 197 16.69 6.78 -1.47
CA GLY B 197 16.69 5.46 -2.15
C GLY B 197 15.70 4.48 -1.58
N THR B 198 15.25 3.55 -2.43
CA THR B 198 14.37 2.47 -2.01
C THR B 198 14.83 1.17 -2.65
N LEU B 199 15.09 0.17 -1.80
CA LEU B 199 15.34 -1.21 -2.23
C LEU B 199 14.03 -1.96 -2.03
N THR B 200 13.51 -2.54 -3.11
CA THR B 200 12.34 -3.42 -3.06
C THR B 200 12.80 -4.81 -3.52
N GLY B 201 12.82 -5.77 -2.60
CA GLY B 201 13.36 -7.12 -2.89
C GLY B 201 12.24 -8.08 -3.26
N GLY B 202 12.60 -9.33 -3.55
CA GLY B 202 11.63 -10.37 -3.92
C GLY B 202 11.70 -10.66 -5.39
N GLU B 203 11.59 -11.92 -5.81
CA GLU B 203 11.81 -12.26 -7.22
C GLU B 203 10.61 -11.91 -8.09
N ASN B 204 9.44 -11.74 -7.50
CA ASN B 204 8.27 -11.43 -8.30
C ASN B 204 7.72 -10.03 -8.09
N VAL B 205 8.43 -9.14 -7.39
CA VAL B 205 7.87 -7.82 -7.13
C VAL B 205 7.69 -7.05 -8.42
N PRO B 206 6.51 -6.45 -8.60
CA PRO B 206 6.22 -5.67 -9.79
C PRO B 206 6.85 -4.29 -9.75
N PRO B 207 7.43 -3.84 -10.86
CA PRO B 207 7.82 -2.44 -10.92
C PRO B 207 6.60 -1.52 -10.81
N VAL B 208 6.74 -0.43 -10.07
CA VAL B 208 5.70 0.60 -10.01
C VAL B 208 6.44 1.91 -10.25
N LEU B 209 6.28 2.48 -11.45
CA LEU B 209 7.08 3.62 -11.86
C LEU B 209 6.16 4.78 -12.21
N HIS B 210 6.29 5.87 -11.46
CA HIS B 210 5.47 7.07 -11.63
C HIS B 210 6.24 8.12 -12.43
N ILE B 211 5.55 8.83 -13.31
CA ILE B 211 6.17 9.94 -14.01
C ILE B 211 5.23 11.15 -13.92
N THR B 212 5.84 12.32 -13.75
CA THR B 212 5.11 13.59 -13.78
C THR B 212 6.12 14.74 -13.83
N ASN B 213 5.72 15.84 -14.45
CA ASN B 213 6.55 17.03 -14.46
C ASN B 213 6.04 18.09 -13.48
N THR B 214 5.22 17.67 -12.51
CA THR B 214 4.61 18.58 -11.53
C THR B 214 5.15 18.45 -10.09
N ALA B 215 6.11 17.56 -9.88
CA ALA B 215 6.61 17.21 -8.55
C ALA B 215 8.00 17.80 -8.33
N THR B 216 8.20 18.52 -7.23
CA THR B 216 9.47 19.14 -6.92
C THR B 216 9.91 18.72 -5.52
N THR B 217 11.19 18.35 -5.37
CA THR B 217 11.79 18.12 -4.07
C THR B 217 12.62 19.33 -3.64
N VAL B 218 12.38 19.81 -2.43
CA VAL B 218 13.12 20.94 -1.89
C VAL B 218 14.37 20.37 -1.23
N LEU B 219 15.54 20.94 -1.51
CA LEU B 219 16.82 20.38 -1.02
C LEU B 219 17.40 21.07 0.20
N LEU B 220 16.67 22.06 0.72
CA LEU B 220 17.14 22.86 1.84
C LEU B 220 17.07 22.01 3.10
N ASP B 221 18.06 22.14 3.97
CA ASP B 221 18.05 21.45 5.26
C ASP B 221 17.18 22.21 6.27
N GLU B 222 17.21 21.78 7.52
CA GLU B 222 16.37 22.38 8.56
C GLU B 222 16.70 23.86 8.87
N PHE B 223 17.85 24.36 8.42
CA PHE B 223 18.21 25.77 8.58
C PHE B 223 18.00 26.59 7.32
N GLY B 224 17.33 26.02 6.32
CA GLY B 224 17.11 26.70 5.04
C GLY B 224 18.31 26.71 4.11
N VAL B 225 19.25 25.78 4.28
CA VAL B 225 20.46 25.77 3.47
C VAL B 225 20.54 24.50 2.62
N GLY B 226 20.72 24.68 1.32
CA GLY B 226 20.88 23.58 0.39
C GLY B 226 22.33 23.18 0.20
N PRO B 227 22.58 22.12 -0.59
CA PRO B 227 23.97 21.73 -0.88
C PRO B 227 24.72 22.90 -1.51
N LEU B 228 25.94 23.13 -1.05
CA LEU B 228 26.77 24.24 -1.52
C LEU B 228 27.89 23.66 -2.37
N CYS B 229 28.01 24.15 -3.60
CA CYS B 229 28.78 23.47 -4.63
C CYS B 229 30.25 23.86 -4.61
N LYS B 230 31.09 23.01 -4.03
CA LYS B 230 32.53 23.32 -3.93
C LYS B 230 33.16 23.30 -5.33
N GLY B 231 34.02 24.27 -5.62
CA GLY B 231 34.65 24.39 -6.94
C GLY B 231 33.69 24.66 -8.10
N ASP B 232 32.48 25.14 -7.80
CA ASP B 232 31.44 25.35 -8.81
C ASP B 232 31.10 24.05 -9.58
N ASN B 233 31.00 22.95 -8.86
CA ASN B 233 30.58 21.66 -9.43
C ASN B 233 29.40 21.10 -8.66
N LEU B 234 28.46 20.57 -9.41
CA LEU B 234 27.29 19.88 -8.86
C LEU B 234 27.43 18.39 -9.13
N TYR B 235 27.24 17.59 -8.09
CA TYR B 235 27.30 16.14 -8.23
C TYR B 235 25.92 15.50 -8.20
N LEU B 236 25.60 14.77 -9.27
CA LEU B 236 24.36 14.01 -9.37
C LEU B 236 24.71 12.51 -9.41
N SER B 237 23.98 11.70 -8.67
CA SER B 237 24.20 10.26 -8.65
C SER B 237 22.87 9.54 -8.72
N ALA B 238 22.89 8.32 -9.26
CA ALA B 238 21.66 7.55 -9.46
C ALA B 238 21.90 6.07 -9.59
N VAL B 239 20.88 5.31 -9.20
CA VAL B 239 20.72 3.93 -9.59
C VAL B 239 19.25 3.69 -9.89
N ASP B 240 18.94 3.06 -11.02
CA ASP B 240 17.56 2.66 -11.32
C ASP B 240 17.57 1.28 -11.95
N VAL B 241 17.85 0.30 -11.09
CA VAL B 241 17.71 -1.11 -11.43
C VAL B 241 16.23 -1.40 -11.32
N CYS B 242 15.59 -1.69 -12.44
CA CYS B 242 14.11 -1.83 -12.44
C CYS B 242 13.61 -3.21 -12.10
N GLY B 243 14.51 -4.21 -12.20
CA GLY B 243 14.15 -5.60 -12.03
C GLY B 243 15.00 -6.43 -12.97
N MET B 244 14.59 -7.67 -13.20
CA MET B 244 15.28 -8.56 -14.14
C MET B 244 14.39 -8.94 -15.31
N PHE B 245 15.01 -9.02 -16.48
CA PHE B 245 14.44 -9.60 -17.67
C PHE B 245 14.73 -11.08 -17.67
N THR B 246 13.72 -11.89 -17.99
CA THR B 246 13.85 -13.34 -18.08
C THR B 246 13.84 -13.81 -19.55
N ASN B 247 14.94 -14.43 -19.96
CA ASN B 247 15.01 -15.07 -21.28
C ASN B 247 14.17 -16.32 -21.37
N ARG B 248 13.91 -16.75 -22.61
CA ARG B 248 13.23 -18.02 -22.86
C ARG B 248 13.80 -19.18 -22.06
N SER B 249 15.13 -19.22 -21.94
CA SER B 249 15.82 -20.33 -21.22
C SER B 249 15.63 -20.28 -19.71
N GLY B 250 15.19 -19.13 -19.20
CA GLY B 250 15.10 -18.90 -17.78
C GLY B 250 16.21 -18.03 -17.21
N SER B 251 17.26 -17.78 -17.99
CA SER B 251 18.35 -16.95 -17.51
C SER B 251 17.85 -15.50 -17.34
N GLN B 252 18.40 -14.82 -16.34
CA GLN B 252 17.94 -13.49 -15.99
C GLN B 252 19.03 -12.44 -16.05
N GLN B 253 18.64 -11.28 -16.55
CA GLN B 253 19.53 -10.12 -16.68
C GLN B 253 18.89 -8.92 -16.01
N TRP B 254 19.67 -8.18 -15.24
CA TRP B 254 19.20 -6.90 -14.71
C TRP B 254 18.90 -5.96 -15.88
N ARG B 255 17.85 -5.13 -15.73
CA ARG B 255 17.50 -4.07 -16.68
C ARG B 255 17.40 -2.73 -15.91
N GLY B 256 18.08 -1.72 -16.43
CA GLY B 256 18.05 -0.38 -15.84
C GLY B 256 17.54 0.67 -16.82
N LEU B 257 17.17 1.83 -16.28
CA LEU B 257 16.74 2.96 -17.09
C LEU B 257 17.46 4.24 -16.67
N SER B 258 17.53 5.20 -17.58
CA SER B 258 18.14 6.49 -17.32
C SER B 258 17.27 7.33 -16.38
N ARG B 259 17.91 8.31 -15.74
CA ARG B 259 17.24 9.24 -14.83
C ARG B 259 17.50 10.67 -15.22
N TYR B 260 16.41 11.43 -15.36
CA TYR B 260 16.45 12.89 -15.60
C TYR B 260 16.64 13.66 -14.29
N PHE B 261 17.44 14.73 -14.34
CA PHE B 261 17.59 15.67 -13.23
C PHE B 261 17.40 17.09 -13.75
N LYS B 262 16.62 17.89 -13.02
CA LYS B 262 16.61 19.36 -13.19
C LYS B 262 16.82 19.97 -11.81
N VAL B 263 17.88 20.76 -11.64
CA VAL B 263 18.23 21.34 -10.36
C VAL B 263 18.29 22.86 -10.53
N GLN B 264 17.58 23.58 -9.64
CA GLN B 264 17.65 25.02 -9.57
C GLN B 264 18.61 25.46 -8.48
N LEU B 265 19.47 26.43 -8.79
CA LEU B 265 20.50 26.88 -7.87
C LEU B 265 20.50 28.38 -7.76
N ARG B 266 20.91 28.87 -6.61
CA ARG B 266 21.03 30.30 -6.35
C ARG B 266 22.39 30.62 -5.75
N LYS B 267 22.88 31.83 -5.97
CA LYS B 267 24.13 32.27 -5.37
C LYS B 267 23.99 32.64 -3.89
N ARG B 268 24.89 32.10 -3.08
CA ARG B 268 24.90 32.28 -1.64
C ARG B 268 26.26 32.78 -1.20
N ARG B 269 26.31 33.85 -0.40
CA ARG B 269 27.58 34.35 0.12
C ARG B 269 27.99 33.54 1.34
N VAL B 270 29.27 33.22 1.43
CA VAL B 270 29.83 32.48 2.57
C VAL B 270 31.17 33.12 3.02
N LYS B 271 31.51 32.96 4.29
CA LYS B 271 32.69 33.64 4.89
C LYS B 271 33.72 32.66 5.47
N GLU C 8 5.92 37.23 -21.41
CA GLU C 8 5.48 37.88 -20.13
C GLU C 8 4.01 37.57 -19.84
N VAL C 9 3.76 36.87 -18.73
CA VAL C 9 2.40 36.58 -18.29
C VAL C 9 1.89 37.74 -17.42
N LEU C 10 0.77 38.35 -17.80
CA LEU C 10 0.20 39.46 -17.04
C LEU C 10 -1.11 39.04 -16.33
N GLU C 11 -2.11 39.92 -16.23
CA GLU C 11 -3.26 39.64 -15.36
C GLU C 11 -4.30 38.71 -16.01
N VAL C 12 -5.04 38.05 -15.12
CA VAL C 12 -6.21 37.26 -15.48
C VAL C 12 -7.38 38.21 -15.75
N LYS C 13 -8.16 37.91 -16.79
CA LYS C 13 -9.38 38.65 -17.07
C LYS C 13 -10.48 38.17 -16.13
N THR C 14 -11.39 39.07 -15.75
CA THR C 14 -12.54 38.68 -14.96
C THR C 14 -13.81 39.02 -15.73
N GLY C 15 -14.96 38.70 -15.14
CA GLY C 15 -16.24 38.87 -15.81
C GLY C 15 -16.76 37.49 -16.14
N VAL C 16 -18.08 37.37 -16.21
CA VAL C 16 -18.77 36.12 -16.56
C VAL C 16 -18.28 35.48 -17.88
N ASP C 17 -17.65 36.28 -18.74
CA ASP C 17 -17.21 35.85 -20.08
C ASP C 17 -15.72 35.41 -20.13
N SER C 18 -15.06 35.47 -18.99
CA SER C 18 -13.63 35.25 -18.91
C SER C 18 -13.28 33.79 -18.70
N ILE C 19 -14.27 32.91 -18.55
CA ILE C 19 -14.01 31.47 -18.32
C ILE C 19 -14.72 30.58 -19.36
N THR C 20 -14.17 29.39 -19.59
CA THR C 20 -14.82 28.42 -20.44
C THR C 20 -14.42 27.03 -19.96
N GLU C 21 -15.15 26.02 -20.39
CA GLU C 21 -14.72 24.67 -20.09
C GLU C 21 -14.81 23.72 -21.27
N VAL C 22 -13.97 22.69 -21.22
CA VAL C 22 -13.91 21.65 -22.23
C VAL C 22 -14.27 20.35 -21.53
N GLU C 23 -15.18 19.58 -22.12
CA GLU C 23 -15.53 18.28 -21.62
C GLU C 23 -15.53 17.29 -22.78
N CYS C 24 -14.82 16.18 -22.65
CA CYS C 24 -14.74 15.19 -23.71
C CYS C 24 -14.19 13.88 -23.20
N PHE C 25 -14.14 12.89 -24.08
CA PHE C 25 -13.52 11.61 -23.74
C PHE C 25 -12.60 11.19 -24.87
N LEU C 26 -11.55 10.46 -24.52
CA LEU C 26 -10.60 9.92 -25.47
C LEU C 26 -10.75 8.41 -25.43
N THR C 27 -10.99 7.81 -26.59
CA THR C 27 -11.10 6.35 -26.69
C THR C 27 -9.71 5.74 -26.67
N PRO C 28 -9.59 4.52 -26.12
CA PRO C 28 -8.28 3.85 -26.16
C PRO C 28 -7.96 3.35 -27.56
N GLU C 29 -6.66 3.23 -27.87
CA GLU C 29 -6.19 2.76 -29.16
C GLU C 29 -5.22 1.59 -28.94
N MET C 30 -5.82 0.42 -28.74
CA MET C 30 -5.12 -0.76 -28.31
C MET C 30 -4.66 -1.65 -29.46
N GLY C 31 -5.16 -1.39 -30.67
CA GLY C 31 -4.77 -2.14 -31.86
C GLY C 31 -5.96 -2.55 -32.73
N ASP C 32 -7.08 -2.90 -32.09
CA ASP C 32 -8.35 -3.20 -32.76
C ASP C 32 -8.19 -4.22 -33.89
N PRO C 33 -7.81 -5.45 -33.55
CA PRO C 33 -7.42 -6.43 -34.56
C PRO C 33 -8.55 -6.89 -35.51
N ASP C 34 -9.81 -6.77 -35.10
CA ASP C 34 -10.91 -6.99 -36.04
C ASP C 34 -12.13 -6.16 -35.70
N GLU C 35 -13.19 -6.31 -36.51
CA GLU C 35 -14.41 -5.51 -36.35
C GLU C 35 -15.18 -5.76 -35.03
N HIS C 36 -14.80 -6.79 -34.26
CA HIS C 36 -15.46 -7.11 -33.00
C HIS C 36 -14.61 -6.79 -31.76
N LEU C 37 -13.39 -6.31 -31.96
CA LEU C 37 -12.42 -6.24 -30.87
C LEU C 37 -11.89 -4.81 -30.60
N ARG C 38 -12.74 -3.82 -30.82
CA ARG C 38 -12.44 -2.47 -30.40
C ARG C 38 -12.13 -2.47 -28.90
N GLY C 39 -11.02 -1.85 -28.53
CA GLY C 39 -10.57 -1.78 -27.15
C GLY C 39 -9.60 -2.87 -26.73
N PHE C 40 -9.30 -3.80 -27.65
CA PHE C 40 -8.37 -4.90 -27.43
C PHE C 40 -7.25 -4.83 -28.45
N SER C 41 -6.08 -5.35 -28.09
CA SER C 41 -5.03 -5.60 -29.06
C SER C 41 -5.20 -7.00 -29.66
N LYS C 42 -4.43 -7.24 -30.71
CA LYS C 42 -4.22 -8.58 -31.23
C LYS C 42 -3.56 -9.40 -30.13
N SER C 43 -3.74 -10.72 -30.16
CA SER C 43 -3.04 -11.55 -29.20
C SER C 43 -1.53 -11.34 -29.29
N ILE C 44 -0.89 -11.40 -28.13
CA ILE C 44 0.52 -11.10 -28.00
C ILE C 44 1.34 -12.35 -28.26
N SER C 45 2.28 -12.26 -29.19
CA SER C 45 3.20 -13.36 -29.46
C SER C 45 4.60 -12.95 -29.04
N ILE C 46 5.51 -13.91 -29.02
CA ILE C 46 6.88 -13.68 -28.55
C ILE C 46 7.88 -14.05 -29.63
N SER C 47 8.60 -13.07 -30.17
CA SER C 47 9.61 -13.39 -31.17
C SER C 47 10.75 -14.15 -30.49
N ASP C 48 11.44 -14.97 -31.26
CA ASP C 48 12.52 -15.80 -30.70
C ASP C 48 13.74 -14.97 -30.23
N THR C 49 14.05 -13.87 -30.91
CA THR C 49 15.21 -13.05 -30.54
C THR C 49 14.89 -11.58 -30.66
N PHE C 50 15.67 -10.75 -29.95
CA PHE C 50 15.60 -9.30 -30.11
C PHE C 50 15.75 -8.92 -31.58
N GLU C 51 16.71 -9.55 -32.25
CA GLU C 51 16.97 -9.25 -33.65
C GLU C 51 15.72 -9.47 -34.49
N SER C 52 14.96 -10.53 -34.20
CA SER C 52 13.79 -10.88 -34.99
C SER C 52 12.48 -10.20 -34.53
N ASP C 53 12.54 -9.38 -33.49
CA ASP C 53 11.36 -8.70 -32.95
C ASP C 53 10.74 -7.78 -34.00
N SER C 54 9.48 -8.03 -34.32
CA SER C 54 8.81 -7.38 -35.41
C SER C 54 7.31 -7.30 -35.15
N PRO C 55 6.90 -6.55 -34.11
CA PRO C 55 5.48 -6.57 -33.73
C PRO C 55 4.50 -6.06 -34.80
N ASN C 56 3.40 -6.78 -34.94
CA ASN C 56 2.30 -6.43 -35.81
C ASN C 56 1.63 -5.15 -35.30
N LYS C 57 1.21 -4.28 -36.21
CA LYS C 57 0.60 -3.01 -35.81
C LYS C 57 -0.58 -3.20 -34.85
N ASP C 58 -1.41 -4.21 -35.12
CA ASP C 58 -2.61 -4.49 -34.34
C ASP C 58 -2.30 -4.99 -32.93
N MET C 59 -1.03 -5.33 -32.67
CA MET C 59 -0.57 -5.81 -31.38
C MET C 59 -0.02 -4.71 -30.46
N LEU C 60 0.08 -3.47 -30.95
CA LEU C 60 0.75 -2.39 -30.23
C LEU C 60 -0.23 -1.32 -29.79
N PRO C 61 -0.49 -1.21 -28.48
CA PRO C 61 -1.22 -0.03 -28.03
C PRO C 61 -0.47 1.27 -28.39
N CYS C 62 -1.23 2.33 -28.70
CA CYS C 62 -0.68 3.65 -29.01
C CYS C 62 -1.25 4.71 -28.07
N TYR C 63 -0.58 5.86 -28.00
CA TYR C 63 -1.07 7.03 -27.27
C TYR C 63 -2.31 7.57 -27.95
N SER C 64 -3.28 8.00 -27.13
CA SER C 64 -4.44 8.74 -27.63
C SER C 64 -4.20 10.24 -27.50
N VAL C 65 -4.73 11.01 -28.45
CA VAL C 65 -4.62 12.48 -28.39
C VAL C 65 -5.83 13.13 -29.04
N ALA C 66 -6.26 14.25 -28.46
CA ALA C 66 -7.23 15.11 -29.09
C ALA C 66 -6.78 16.56 -28.98
N ARG C 67 -6.91 17.28 -30.09
CA ARG C 67 -6.67 18.71 -30.14
C ARG C 67 -8.05 19.36 -30.15
N ILE C 68 -8.36 20.15 -29.11
CA ILE C 68 -9.68 20.72 -28.92
C ILE C 68 -9.63 22.22 -29.20
N PRO C 69 -10.32 22.68 -30.26
CA PRO C 69 -10.37 24.13 -30.52
C PRO C 69 -11.13 24.85 -29.43
N LEU C 70 -10.62 26.00 -29.01
CA LEU C 70 -11.22 26.81 -27.97
C LEU C 70 -11.80 28.06 -28.60
N PRO C 71 -12.62 28.81 -27.85
CA PRO C 71 -13.20 30.00 -28.46
C PRO C 71 -12.12 31.00 -28.88
N ASN C 72 -12.26 31.60 -30.05
CA ASN C 72 -11.19 32.42 -30.62
C ASN C 72 -10.95 33.69 -29.82
N LEU C 73 -9.68 34.06 -29.63
CA LEU C 73 -9.35 35.20 -28.74
C LEU C 73 -8.84 36.53 -29.38
N ASN C 74 -8.00 36.47 -30.41
CA ASN C 74 -7.32 37.69 -30.88
C ASN C 74 -7.61 38.11 -32.32
N ILE C 82 -3.12 40.89 -26.51
CA ILE C 82 -3.01 39.43 -26.70
C ILE C 82 -3.49 38.61 -25.49
N LEU C 83 -4.58 37.88 -25.69
CA LEU C 83 -5.15 36.98 -24.68
C LEU C 83 -4.92 35.53 -25.07
N MET C 84 -4.75 34.68 -24.06
CA MET C 84 -4.65 33.25 -24.23
C MET C 84 -5.53 32.57 -23.19
N TRP C 85 -6.07 31.41 -23.55
CA TRP C 85 -6.75 30.57 -22.58
C TRP C 85 -5.71 29.85 -21.75
N GLU C 86 -5.94 29.83 -20.43
CA GLU C 86 -5.04 29.23 -19.46
C GLU C 86 -5.82 28.09 -18.79
N ALA C 87 -5.30 26.86 -18.86
CA ALA C 87 -5.96 25.73 -18.24
C ALA C 87 -5.65 25.71 -16.75
N VAL C 88 -6.69 25.71 -15.92
CA VAL C 88 -6.55 25.89 -14.46
C VAL C 88 -6.84 24.61 -13.67
N THR C 89 -7.90 23.88 -14.04
CA THR C 89 -8.25 22.65 -13.35
C THR C 89 -8.61 21.50 -14.29
N LEU C 90 -8.44 20.27 -13.77
CA LEU C 90 -8.78 19.04 -14.48
C LEU C 90 -9.58 18.12 -13.55
N LYS C 91 -10.70 17.61 -14.04
CA LYS C 91 -11.26 16.36 -13.51
C LYS C 91 -11.12 15.29 -14.59
N THR C 92 -10.68 14.10 -14.19
CA THR C 92 -10.50 13.02 -15.13
C THR C 92 -10.89 11.69 -14.48
N GLU C 93 -11.30 10.75 -15.32
CA GLU C 93 -11.80 9.46 -14.87
C GLU C 93 -11.70 8.41 -15.97
N VAL C 94 -11.32 7.19 -15.60
CA VAL C 94 -11.39 6.08 -16.54
C VAL C 94 -12.85 5.61 -16.66
N ILE C 95 -13.34 5.45 -17.89
CA ILE C 95 -14.74 5.14 -18.14
C ILE C 95 -14.94 3.64 -18.39
N GLY C 96 -15.82 3.03 -17.59
CA GLY C 96 -16.17 1.62 -17.78
C GLY C 96 -15.41 0.64 -16.90
N VAL C 97 -15.00 1.08 -15.70
CA VAL C 97 -14.19 0.21 -14.84
C VAL C 97 -14.88 -1.13 -14.49
N THR C 98 -16.21 -1.13 -14.44
CA THR C 98 -16.93 -2.34 -14.06
C THR C 98 -16.97 -3.42 -15.17
N THR C 99 -16.55 -3.10 -16.40
CA THR C 99 -16.45 -4.10 -17.46
C THR C 99 -15.57 -5.29 -17.04
N LEU C 100 -14.61 -5.00 -16.14
CA LEU C 100 -13.67 -5.97 -15.66
C LEU C 100 -14.32 -7.03 -14.77
N MET C 101 -15.60 -6.83 -14.43
CA MET C 101 -16.36 -7.87 -13.74
C MET C 101 -16.96 -8.94 -14.65
N ASN C 102 -16.79 -8.80 -15.96
CA ASN C 102 -17.23 -9.87 -16.87
C ASN C 102 -16.17 -10.96 -16.89
N VAL C 103 -16.34 -11.92 -15.99
CA VAL C 103 -15.47 -13.09 -15.87
C VAL C 103 -16.22 -14.34 -16.34
N HIS C 104 -17.14 -14.17 -17.28
CA HIS C 104 -17.93 -15.27 -17.83
C HIS C 104 -17.87 -15.36 -19.36
N SER C 105 -16.96 -14.63 -20.00
CA SER C 105 -16.94 -14.48 -21.45
C SER C 105 -15.63 -14.97 -22.06
N ASN C 106 -15.62 -16.21 -22.55
CA ASN C 106 -14.50 -16.72 -23.37
C ASN C 106 -13.15 -16.72 -22.67
N GLY C 107 -13.18 -16.89 -21.36
CA GLY C 107 -11.97 -16.77 -20.56
C GLY C 107 -11.39 -18.11 -20.21
N GLN C 108 -10.28 -18.07 -19.49
CA GLN C 108 -9.62 -19.28 -19.01
C GLN C 108 -9.90 -19.46 -17.52
N ALA C 109 -10.55 -20.55 -17.16
CA ALA C 109 -10.86 -20.80 -15.77
C ALA C 109 -9.56 -20.86 -14.96
N THR C 110 -9.59 -20.22 -13.80
CA THR C 110 -8.43 -20.10 -12.92
C THR C 110 -8.07 -21.47 -12.32
N HIS C 111 -9.07 -22.34 -12.16
CA HIS C 111 -8.91 -23.71 -11.66
C HIS C 111 -10.17 -24.47 -12.10
N ASP C 112 -10.20 -25.79 -11.93
CA ASP C 112 -11.37 -26.59 -12.32
C ASP C 112 -12.69 -26.03 -11.77
N ASN C 113 -13.63 -25.73 -12.67
CA ASN C 113 -14.97 -25.24 -12.35
C ASN C 113 -15.01 -23.77 -11.96
N GLY C 114 -13.87 -23.09 -12.03
CA GLY C 114 -13.78 -21.70 -11.58
C GLY C 114 -14.26 -20.69 -12.61
N ALA C 115 -14.34 -19.44 -12.18
CA ALA C 115 -14.64 -18.34 -13.08
C ALA C 115 -13.43 -18.01 -13.92
N ALA C 116 -13.61 -17.20 -14.94
CA ALA C 116 -12.49 -16.84 -15.82
C ALA C 116 -11.50 -15.93 -15.10
N LYS C 117 -10.21 -16.13 -15.38
CA LYS C 117 -9.18 -15.20 -14.94
C LYS C 117 -9.52 -13.79 -15.44
N PRO C 118 -9.53 -12.80 -14.54
CA PRO C 118 -9.87 -11.45 -14.95
C PRO C 118 -8.71 -10.73 -15.63
N VAL C 119 -8.99 -9.55 -16.17
CA VAL C 119 -7.94 -8.72 -16.74
C VAL C 119 -6.93 -8.36 -15.64
N GLN C 120 -5.66 -8.56 -15.93
CA GLN C 120 -4.60 -8.31 -14.98
C GLN C 120 -3.26 -8.24 -15.69
N GLY C 121 -2.21 -7.96 -14.92
CA GLY C 121 -0.86 -7.82 -15.50
C GLY C 121 -0.52 -6.37 -15.83
N THR C 122 0.55 -6.17 -16.58
CA THR C 122 1.09 -4.84 -16.85
C THR C 122 0.02 -3.79 -17.26
N SER C 123 0.02 -2.65 -16.56
CA SER C 123 -0.88 -1.54 -16.86
C SER C 123 -0.07 -0.25 -17.06
N PHE C 124 -0.59 0.65 -17.87
CA PHE C 124 -0.06 2.00 -17.98
C PHE C 124 -1.25 2.95 -18.02
N HIS C 125 -1.34 3.81 -17.00
CA HIS C 125 -2.37 4.83 -16.94
C HIS C 125 -1.71 6.21 -16.97
N PHE C 126 -2.08 7.00 -17.97
CA PHE C 126 -1.38 8.24 -18.27
C PHE C 126 -2.37 9.27 -18.80
N PHE C 127 -2.18 10.52 -18.39
CA PHE C 127 -2.96 11.61 -18.98
C PHE C 127 -2.17 12.90 -18.93
N SER C 128 -2.44 13.80 -19.86
CA SER C 128 -1.81 15.11 -19.89
C SER C 128 -2.73 16.16 -20.48
N VAL C 129 -2.51 17.40 -20.05
CA VAL C 129 -3.25 18.57 -20.51
C VAL C 129 -2.18 19.62 -20.83
N GLY C 130 -2.20 20.14 -22.05
CA GLY C 130 -1.22 21.15 -22.43
C GLY C 130 -1.76 22.17 -23.38
N GLY C 131 -0.98 23.23 -23.55
CA GLY C 131 -1.32 24.29 -24.48
C GLY C 131 -0.69 24.11 -25.85
N GLU C 132 -0.08 22.95 -26.05
CA GLU C 132 0.50 22.55 -27.32
C GLU C 132 0.68 21.02 -27.27
N ALA C 133 1.07 20.42 -28.38
CA ALA C 133 1.24 18.96 -28.38
C ALA C 133 2.25 18.48 -27.33
N LEU C 134 1.91 17.34 -26.72
CA LEU C 134 2.83 16.66 -25.82
C LEU C 134 4.14 16.36 -26.54
N GLU C 135 5.26 16.68 -25.92
CA GLU C 135 6.55 16.41 -26.53
C GLU C 135 7.06 15.06 -26.05
N LEU C 136 7.50 14.23 -27.01
CA LEU C 136 7.90 12.87 -26.71
C LEU C 136 9.38 12.64 -26.87
N GLN C 137 9.90 11.73 -26.06
CA GLN C 137 11.26 11.20 -26.17
C GLN C 137 11.16 9.69 -26.45
N GLY C 138 11.87 9.24 -27.48
CA GLY C 138 11.91 7.82 -27.81
C GLY C 138 12.90 7.05 -26.93
N VAL C 139 12.42 5.96 -26.35
CA VAL C 139 13.28 4.99 -25.66
C VAL C 139 12.72 3.61 -26.03
N VAL C 140 13.59 2.66 -26.34
CA VAL C 140 13.15 1.34 -26.76
C VAL C 140 13.71 0.27 -25.82
N PHE C 141 12.90 -0.76 -25.57
CA PHE C 141 13.41 -1.89 -24.80
C PHE C 141 14.58 -2.57 -25.52
N ASN C 142 14.41 -2.71 -26.84
CA ASN C 142 15.31 -3.46 -27.72
C ASN C 142 15.45 -2.67 -29.02
N TYR C 143 16.66 -2.18 -29.30
CA TYR C 143 16.84 -1.25 -30.43
C TYR C 143 16.68 -1.94 -31.78
N ARG C 144 16.73 -3.28 -31.80
CA ARG C 144 16.56 -4.04 -33.03
C ARG C 144 15.09 -4.38 -33.33
N THR C 145 14.17 -3.96 -32.46
CA THR C 145 12.74 -4.10 -32.76
C THR C 145 12.44 -3.37 -34.06
N THR C 146 11.73 -4.03 -34.99
CA THR C 146 11.28 -3.40 -36.23
C THR C 146 9.84 -2.98 -36.02
N TYR C 147 9.59 -1.67 -35.90
CA TYR C 147 8.24 -1.16 -35.68
C TYR C 147 7.51 -1.14 -37.02
N PRO C 148 6.20 -1.42 -37.01
CA PRO C 148 5.51 -1.68 -38.27
C PRO C 148 5.10 -0.44 -39.04
N ASP C 149 4.93 -0.64 -40.33
CA ASP C 149 4.36 0.34 -41.26
C ASP C 149 3.04 0.86 -40.70
N GLY C 150 2.86 2.17 -40.72
CA GLY C 150 1.67 2.79 -40.14
C GLY C 150 1.84 3.28 -38.71
N THR C 151 2.96 2.97 -38.06
CA THR C 151 3.29 3.60 -36.79
C THR C 151 4.41 4.63 -36.98
N ILE C 152 4.53 5.52 -36.00
CA ILE C 152 5.61 6.50 -35.95
C ILE C 152 6.46 6.14 -34.73
N PHE C 153 7.74 5.90 -34.98
CA PHE C 153 8.61 5.22 -34.03
C PHE C 153 10.01 5.84 -34.10
N PRO C 154 10.89 5.56 -33.11
CA PRO C 154 12.25 6.12 -33.15
C PRO C 154 13.05 5.64 -34.36
N LYS C 155 13.50 6.58 -35.18
CA LYS C 155 14.24 6.27 -36.40
C LYS C 155 15.74 6.26 -36.14
N ASN C 156 16.46 5.46 -36.90
CA ASN C 156 17.91 5.30 -36.76
C ASN C 156 18.28 4.90 -35.33
N ALA C 157 17.49 4.00 -34.73
CA ALA C 157 17.78 3.57 -33.38
C ALA C 157 19.14 2.88 -33.36
N THR C 158 19.86 3.04 -32.25
CA THR C 158 21.14 2.40 -32.05
C THR C 158 21.06 1.73 -30.68
N VAL C 159 22.11 1.01 -30.29
CA VAL C 159 22.08 0.38 -28.98
C VAL C 159 21.89 1.42 -27.85
N GLN C 160 22.39 2.65 -28.04
CA GLN C 160 22.19 3.69 -27.05
C GLN C 160 20.70 4.08 -26.87
N SER C 161 19.88 3.81 -27.89
CA SER C 161 18.44 4.08 -27.80
C SER C 161 17.77 3.23 -26.71
N GLN C 162 18.44 2.17 -26.26
CA GLN C 162 17.94 1.35 -25.15
C GLN C 162 17.98 2.06 -23.77
N VAL C 163 18.73 3.17 -23.67
CA VAL C 163 18.81 3.93 -22.44
C VAL C 163 18.51 5.43 -22.63
N MET C 164 19.14 6.05 -23.63
CA MET C 164 18.83 7.44 -24.01
C MET C 164 19.57 7.85 -25.28
N ASN C 165 18.81 8.23 -26.30
CA ASN C 165 19.38 8.75 -27.55
C ASN C 165 18.59 10.03 -27.84
N THR C 166 19.25 11.18 -27.70
CA THR C 166 18.56 12.46 -27.81
C THR C 166 18.05 12.77 -29.23
N GLU C 167 18.40 11.95 -30.22
CA GLU C 167 17.88 12.12 -31.56
C GLU C 167 16.36 11.83 -31.65
N HIS C 168 15.84 10.98 -30.75
CA HIS C 168 14.44 10.55 -30.83
C HIS C 168 13.45 11.53 -30.16
N LYS C 169 13.21 12.65 -30.84
CA LYS C 169 12.27 13.69 -30.40
C LYS C 169 11.07 13.71 -31.33
N ALA C 170 9.89 13.85 -30.77
CA ALA C 170 8.69 13.94 -31.58
C ALA C 170 7.57 14.63 -30.81
N TYR C 171 6.51 14.98 -31.53
CA TYR C 171 5.28 15.51 -30.96
C TYR C 171 4.17 14.49 -31.08
N LEU C 172 3.39 14.32 -30.03
CA LEU C 172 2.17 13.53 -30.10
C LEU C 172 1.11 14.31 -30.87
N ASP C 173 1.16 14.15 -32.19
CA ASP C 173 0.37 14.96 -33.11
C ASP C 173 -0.53 14.11 -34.02
N LYS C 174 -0.73 12.84 -33.68
CA LYS C 174 -1.56 11.99 -34.49
C LYS C 174 -2.03 10.84 -33.62
N ASN C 175 -3.31 10.52 -33.75
CA ASN C 175 -3.95 9.46 -32.96
C ASN C 175 -3.63 8.11 -33.60
N LYS C 176 -3.70 7.03 -32.84
CA LYS C 176 -3.47 5.67 -33.37
C LYS C 176 -2.12 5.50 -34.08
N ALA C 177 -1.08 6.20 -33.66
CA ALA C 177 0.16 6.19 -34.46
C ALA C 177 1.46 6.00 -33.66
N TYR C 178 1.50 6.53 -32.45
CA TYR C 178 2.71 6.50 -31.62
C TYR C 178 2.61 5.34 -30.63
N PRO C 179 3.41 4.28 -30.82
CA PRO C 179 3.24 3.18 -29.88
C PRO C 179 3.67 3.54 -28.44
N VAL C 180 2.93 3.02 -27.48
CA VAL C 180 3.16 3.35 -26.10
C VAL C 180 4.57 2.91 -25.67
N GLU C 181 5.00 1.75 -26.17
CA GLU C 181 6.18 1.09 -25.63
C GLU C 181 7.50 1.76 -26.02
N CYS C 182 7.48 2.58 -27.06
CA CYS C 182 8.73 3.22 -27.53
C CYS C 182 8.78 4.75 -27.37
N TRP C 183 7.78 5.33 -26.73
CA TRP C 183 7.75 6.76 -26.48
C TRP C 183 7.29 7.06 -25.04
N VAL C 184 7.90 8.08 -24.46
CA VAL C 184 7.46 8.66 -23.19
C VAL C 184 7.44 10.18 -23.30
N PRO C 185 6.73 10.84 -22.37
CA PRO C 185 6.88 12.29 -22.29
C PRO C 185 8.34 12.69 -22.12
N ASP C 186 8.77 13.72 -22.86
CA ASP C 186 10.14 14.20 -22.79
C ASP C 186 10.28 15.13 -21.58
N PRO C 187 10.95 14.68 -20.50
CA PRO C 187 11.06 15.54 -19.29
C PRO C 187 11.95 16.78 -19.51
N THR C 188 12.72 16.79 -20.60
CA THR C 188 13.57 17.95 -20.92
C THR C 188 12.78 19.07 -21.57
N ARG C 189 11.53 18.81 -21.92
CA ARG C 189 10.69 19.83 -22.56
C ARG C 189 9.38 19.87 -21.80
N ASN C 190 8.25 20.03 -22.50
CA ASN C 190 6.94 20.00 -21.90
C ASN C 190 6.70 21.04 -20.79
N GLU C 191 7.34 22.19 -20.91
CA GLU C 191 7.09 23.28 -19.97
C GLU C 191 5.63 23.80 -19.95
N ASN C 192 4.93 23.64 -21.07
CA ASN C 192 3.57 24.16 -21.25
C ASN C 192 2.51 23.03 -21.21
N THR C 193 2.85 21.93 -20.54
CA THR C 193 1.98 20.78 -20.37
C THR C 193 2.10 20.28 -18.93
N ARG C 194 1.06 19.66 -18.41
CA ARG C 194 1.14 18.94 -17.16
C ARG C 194 0.83 17.48 -17.48
N TYR C 195 1.73 16.58 -17.12
CA TYR C 195 1.54 15.15 -17.37
C TYR C 195 1.72 14.31 -16.12
N PHE C 196 1.01 13.18 -16.11
CA PHE C 196 0.95 12.29 -14.97
C PHE C 196 0.81 10.85 -15.50
N GLY C 197 1.67 9.95 -15.04
CA GLY C 197 1.51 8.54 -15.43
C GLY C 197 2.07 7.53 -14.45
N THR C 198 1.50 6.33 -14.52
CA THR C 198 2.01 5.21 -13.74
C THR C 198 2.08 3.93 -14.58
N LEU C 199 3.26 3.31 -14.61
CA LEU C 199 3.47 1.97 -15.15
C LEU C 199 3.47 1.02 -13.97
N THR C 200 2.54 0.05 -13.96
CA THR C 200 2.52 -1.00 -12.95
C THR C 200 2.78 -2.32 -13.66
N GLY C 201 3.96 -2.90 -13.43
CA GLY C 201 4.41 -4.09 -14.13
C GLY C 201 3.98 -5.38 -13.44
N GLY C 202 4.52 -6.50 -13.89
CA GLY C 202 4.21 -7.80 -13.29
C GLY C 202 3.10 -8.52 -14.04
N GLU C 203 3.20 -9.82 -14.22
CA GLU C 203 2.19 -10.53 -15.05
C GLU C 203 0.86 -10.75 -14.34
N ASN C 204 0.86 -10.71 -13.02
CA ASN C 204 -0.34 -10.99 -12.25
C ASN C 204 -0.89 -9.79 -11.49
N VAL C 205 -0.31 -8.59 -11.67
CA VAL C 205 -0.74 -7.44 -10.86
C VAL C 205 -2.19 -7.09 -11.12
N PRO C 206 -2.97 -6.90 -10.04
CA PRO C 206 -4.39 -6.59 -10.15
C PRO C 206 -4.61 -5.13 -10.49
N PRO C 207 -5.56 -4.84 -11.40
CA PRO C 207 -6.02 -3.46 -11.58
C PRO C 207 -6.61 -2.89 -10.29
N VAL C 208 -6.30 -1.63 -9.99
CA VAL C 208 -6.94 -0.90 -8.89
C VAL C 208 -7.43 0.38 -9.52
N LEU C 209 -8.74 0.48 -9.76
CA LEU C 209 -9.28 1.61 -10.49
C LEU C 209 -10.29 2.36 -9.63
N HIS C 210 -10.00 3.64 -9.36
CA HIS C 210 -10.84 4.47 -8.51
C HIS C 210 -11.68 5.40 -9.39
N ILE C 211 -12.93 5.61 -9.02
CA ILE C 211 -13.76 6.59 -9.72
C ILE C 211 -14.39 7.52 -8.68
N THR C 212 -14.51 8.80 -9.04
CA THR C 212 -15.22 9.76 -8.22
C THR C 212 -15.40 11.03 -9.04
N ASN C 213 -16.47 11.77 -8.75
CA ASN C 213 -16.64 13.09 -9.36
C ASN C 213 -16.31 14.22 -8.40
N THR C 214 -15.54 13.91 -7.34
CA THR C 214 -15.26 14.89 -6.30
C THR C 214 -13.79 15.31 -6.25
N ALA C 215 -12.99 14.85 -7.21
CA ALA C 215 -11.54 15.05 -7.16
C ALA C 215 -11.11 15.98 -8.32
N THR C 216 -10.39 17.04 -7.99
CA THR C 216 -9.92 18.02 -8.97
C THR C 216 -8.40 18.15 -8.87
N THR C 217 -7.71 18.11 -10.01
CA THR C 217 -6.29 18.43 -10.08
C THR C 217 -6.08 19.87 -10.55
N VAL C 218 -5.28 20.62 -9.80
CA VAL C 218 -4.95 22.01 -10.15
C VAL C 218 -3.73 21.98 -11.09
N LEU C 219 -3.81 22.74 -12.19
CA LEU C 219 -2.81 22.66 -13.25
C LEU C 219 -1.82 23.82 -13.23
N LEU C 220 -1.95 24.68 -12.22
CA LEU C 220 -1.10 25.82 -12.07
C LEU C 220 0.29 25.36 -11.66
N ASP C 221 1.32 26.03 -12.19
CA ASP C 221 2.68 25.77 -11.75
C ASP C 221 3.00 26.55 -10.47
N GLU C 222 4.25 26.47 -10.04
CA GLU C 222 4.70 27.13 -8.82
C GLU C 222 4.63 28.67 -8.89
N PHE C 223 4.43 29.24 -10.09
CA PHE C 223 4.19 30.68 -10.23
C PHE C 223 2.71 31.03 -10.35
N GLY C 224 1.82 30.05 -10.20
CA GLY C 224 0.39 30.28 -10.36
C GLY C 224 -0.08 30.34 -11.80
N VAL C 225 0.69 29.77 -12.73
CA VAL C 225 0.34 29.80 -14.16
C VAL C 225 0.09 28.39 -14.72
N GLY C 226 -1.08 28.21 -15.34
CA GLY C 226 -1.38 26.95 -16.02
C GLY C 226 -0.89 26.91 -17.46
N PRO C 227 -1.06 25.76 -18.14
CA PRO C 227 -0.78 25.70 -19.58
C PRO C 227 -1.51 26.82 -20.34
N LEU C 228 -0.78 27.49 -21.23
CA LEU C 228 -1.33 28.55 -22.06
C LEU C 228 -1.53 28.00 -23.49
N CYS C 229 -2.73 28.18 -24.02
CA CYS C 229 -3.14 27.47 -25.20
C CYS C 229 -2.78 28.24 -26.48
N LYS C 230 -1.71 27.79 -27.12
CA LYS C 230 -1.21 28.47 -28.32
C LYS C 230 -2.18 28.26 -29.50
N GLY C 231 -2.53 29.35 -30.17
CA GLY C 231 -3.50 29.28 -31.24
C GLY C 231 -4.91 28.86 -30.79
N ASP C 232 -5.22 28.99 -29.50
CA ASP C 232 -6.55 28.62 -28.98
C ASP C 232 -6.88 27.14 -29.19
N ASN C 233 -5.88 26.28 -28.97
CA ASN C 233 -6.08 24.85 -28.94
C ASN C 233 -5.61 24.28 -27.64
N LEU C 234 -6.41 23.36 -27.11
CA LEU C 234 -6.06 22.58 -25.94
C LEU C 234 -5.72 21.15 -26.38
N TYR C 235 -4.61 20.63 -25.89
CA TYR C 235 -4.19 19.27 -26.21
C TYR C 235 -4.38 18.35 -25.01
N LEU C 236 -5.16 17.29 -25.21
CA LEU C 236 -5.40 16.25 -24.21
C LEU C 236 -4.81 14.95 -24.73
N SER C 237 -4.08 14.24 -23.88
CA SER C 237 -3.47 12.96 -24.26
C SER C 237 -3.71 11.94 -23.16
N ALA C 238 -3.78 10.65 -23.53
CA ALA C 238 -4.07 9.58 -22.58
C ALA C 238 -3.58 8.23 -23.04
N VAL C 239 -3.28 7.40 -22.06
CA VAL C 239 -3.14 5.96 -22.25
C VAL C 239 -3.80 5.28 -21.06
N ASP C 240 -4.66 4.30 -21.30
CA ASP C 240 -5.21 3.52 -20.20
C ASP C 240 -5.25 2.03 -20.56
N VAL C 241 -4.07 1.42 -20.58
CA VAL C 241 -3.92 -0.02 -20.75
C VAL C 241 -4.16 -0.61 -19.38
N CYS C 242 -5.26 -1.34 -19.21
CA CYS C 242 -5.71 -1.80 -17.89
C CYS C 242 -5.03 -3.08 -17.46
N GLY C 243 -4.52 -3.81 -18.44
CA GLY C 243 -3.96 -5.12 -18.23
C GLY C 243 -4.14 -5.94 -19.49
N MET C 244 -4.01 -7.24 -19.33
CA MET C 244 -4.26 -8.19 -20.42
C MET C 244 -5.43 -9.10 -20.09
N PHE C 245 -6.22 -9.39 -21.11
CA PHE C 245 -7.28 -10.39 -21.07
C PHE C 245 -6.72 -11.70 -21.58
N THR C 246 -6.94 -12.76 -20.81
CA THR C 246 -6.50 -14.10 -21.19
C THR C 246 -7.68 -14.89 -21.74
N ASN C 247 -7.58 -15.35 -22.98
CA ASN C 247 -8.58 -16.20 -23.61
CA ASN C 247 -8.67 -16.16 -23.50
C ASN C 247 -8.50 -17.63 -23.10
N ARG C 248 -9.50 -18.45 -23.43
CA ARG C 248 -9.52 -19.84 -22.97
C ARG C 248 -8.24 -20.61 -23.26
N SER C 249 -7.61 -20.36 -24.41
CA SER C 249 -6.39 -21.08 -24.80
C SER C 249 -5.16 -20.61 -24.03
N GLY C 250 -5.27 -19.47 -23.35
CA GLY C 250 -4.12 -18.86 -22.71
C GLY C 250 -3.52 -17.67 -23.46
N SER C 251 -3.95 -17.40 -24.69
CA SER C 251 -3.42 -16.26 -25.43
CA SER C 251 -3.45 -16.26 -25.46
C SER C 251 -3.93 -14.98 -24.79
N GLN C 252 -3.11 -13.93 -24.83
CA GLN C 252 -3.39 -12.70 -24.12
C GLN C 252 -3.41 -11.51 -25.03
N GLN C 253 -4.31 -10.59 -24.70
CA GLN C 253 -4.52 -9.35 -25.44
C GLN C 253 -4.58 -8.19 -24.47
N TRP C 254 -3.98 -7.08 -24.83
CA TRP C 254 -4.14 -5.85 -24.05
C TRP C 254 -5.62 -5.42 -24.07
N ARG C 255 -6.11 -4.86 -22.96
CA ARG C 255 -7.47 -4.28 -22.89
C ARG C 255 -7.31 -2.85 -22.35
N GLY C 256 -7.94 -1.91 -23.05
CA GLY C 256 -7.93 -0.52 -22.67
C GLY C 256 -9.33 0.05 -22.45
N LEU C 257 -9.38 1.17 -21.76
CA LEU C 257 -10.64 1.89 -21.55
C LEU C 257 -10.48 3.37 -21.89
N SER C 258 -11.62 4.02 -22.14
CA SER C 258 -11.65 5.43 -22.47
C SER C 258 -11.41 6.27 -21.22
N ARG C 259 -10.99 7.52 -21.45
CA ARG C 259 -10.75 8.48 -20.37
C ARG C 259 -11.54 9.78 -20.58
N TYR C 260 -12.27 10.16 -19.54
CA TYR C 260 -12.99 11.44 -19.48
C TYR C 260 -12.06 12.55 -19.03
N PHE C 261 -12.21 13.73 -19.65
CA PHE C 261 -11.55 14.96 -19.24
C PHE C 261 -12.57 16.09 -19.09
N LYS C 262 -12.45 16.87 -18.02
CA LYS C 262 -13.15 18.16 -17.89
C LYS C 262 -12.12 19.18 -17.43
N VAL C 263 -11.88 20.19 -18.27
CA VAL C 263 -10.88 21.20 -18.03
C VAL C 263 -11.57 22.57 -17.95
N GLN C 264 -11.21 23.32 -16.91
CA GLN C 264 -11.67 24.70 -16.76
C GLN C 264 -10.55 25.63 -17.15
N LEU C 265 -10.87 26.64 -17.94
CA LEU C 265 -9.89 27.57 -18.43
C LEU C 265 -10.33 29.00 -18.15
N ARG C 266 -9.35 29.91 -18.12
CA ARG C 266 -9.63 31.33 -17.92
C ARG C 266 -8.75 32.14 -18.88
N LYS C 267 -9.18 33.34 -19.21
CA LYS C 267 -8.42 34.21 -20.11
C LYS C 267 -7.32 34.92 -19.37
N ARG C 268 -6.13 34.91 -19.95
CA ARG C 268 -4.95 35.51 -19.36
C ARG C 268 -4.32 36.44 -20.41
N ARG C 269 -4.01 37.67 -20.00
CA ARG C 269 -3.27 38.56 -20.89
C ARG C 269 -1.77 38.24 -20.85
N VAL C 270 -1.13 38.33 -22.01
CA VAL C 270 0.31 38.10 -22.14
C VAL C 270 0.86 39.16 -23.09
N LYS C 271 2.17 39.39 -23.06
CA LYS C 271 2.79 40.40 -23.97
C LYS C 271 3.83 39.77 -24.91
N VAL D 7 -31.00 26.88 -11.22
CA VAL D 7 -31.22 27.39 -9.83
C VAL D 7 -30.04 28.22 -9.36
N GLU D 8 -30.31 29.48 -8.99
CA GLU D 8 -29.39 30.22 -8.13
C GLU D 8 -29.59 29.65 -6.72
N VAL D 9 -28.49 29.27 -6.07
CA VAL D 9 -28.49 28.81 -4.68
C VAL D 9 -28.32 30.00 -3.74
N LEU D 10 -29.24 30.19 -2.80
CA LEU D 10 -29.16 31.34 -1.87
C LEU D 10 -28.78 30.87 -0.47
N GLU D 11 -29.33 31.45 0.58
CA GLU D 11 -28.86 31.16 1.95
C GLU D 11 -29.38 29.84 2.53
N VAL D 12 -28.62 29.31 3.48
CA VAL D 12 -29.02 28.18 4.31
C VAL D 12 -30.02 28.68 5.36
N LYS D 13 -31.07 27.90 5.62
CA LYS D 13 -31.97 28.18 6.74
C LYS D 13 -31.33 27.72 8.04
N THR D 14 -31.57 28.47 9.11
CA THR D 14 -31.16 28.03 10.44
C THR D 14 -32.36 27.81 11.35
N GLY D 15 -32.09 27.28 12.54
CA GLY D 15 -33.11 27.03 13.55
C GLY D 15 -33.34 25.54 13.67
N VAL D 16 -33.92 25.14 14.80
CA VAL D 16 -34.16 23.72 15.14
C VAL D 16 -34.74 22.90 13.98
N ASP D 17 -35.70 23.50 13.26
CA ASP D 17 -36.44 22.85 12.19
C ASP D 17 -35.70 22.76 10.84
N SER D 18 -34.50 23.31 10.77
CA SER D 18 -33.83 23.47 9.49
C SER D 18 -32.96 22.28 9.09
N ILE D 19 -32.88 21.25 9.93
CA ILE D 19 -32.02 20.09 9.68
C ILE D 19 -32.79 18.77 9.82
N THR D 20 -32.35 17.76 9.07
CA THR D 20 -32.93 16.44 9.18
C THR D 20 -31.85 15.39 8.86
N GLU D 21 -32.15 14.15 9.21
CA GLU D 21 -31.22 13.04 9.00
C GLU D 21 -31.92 11.89 8.34
N VAL D 22 -31.20 11.19 7.47
CA VAL D 22 -31.66 9.94 6.91
C VAL D 22 -30.69 8.86 7.37
N GLU D 23 -31.25 7.76 7.86
CA GLU D 23 -30.46 6.61 8.29
C GLU D 23 -31.08 5.37 7.71
N CYS D 24 -30.30 4.55 7.02
CA CYS D 24 -30.82 3.32 6.41
C CYS D 24 -29.71 2.39 5.97
N PHE D 25 -30.11 1.20 5.51
CA PHE D 25 -29.17 0.31 4.86
C PHE D 25 -29.71 -0.13 3.51
N LEU D 26 -28.78 -0.41 2.59
CA LEU D 26 -29.10 -0.96 1.28
C LEU D 26 -28.54 -2.39 1.22
N THR D 27 -29.41 -3.34 0.94
CA THR D 27 -29.01 -4.73 0.74
C THR D 27 -28.29 -4.92 -0.60
N PRO D 28 -27.32 -5.83 -0.64
CA PRO D 28 -26.67 -6.17 -1.90
C PRO D 28 -27.61 -6.97 -2.80
N GLU D 29 -27.40 -6.87 -4.11
CA GLU D 29 -28.24 -7.59 -5.07
C GLU D 29 -27.32 -8.38 -5.99
N MET D 30 -26.91 -9.54 -5.50
CA MET D 30 -25.89 -10.35 -6.18
C MET D 30 -26.44 -11.37 -7.15
N GLY D 31 -27.76 -11.61 -7.11
CA GLY D 31 -28.41 -12.61 -7.97
C GLY D 31 -29.37 -13.52 -7.23
N ASP D 32 -28.99 -13.94 -6.03
CA ASP D 32 -29.87 -14.72 -5.15
C ASP D 32 -30.45 -15.96 -5.86
N PRO D 33 -29.59 -16.92 -6.22
CA PRO D 33 -29.99 -18.01 -7.12
C PRO D 33 -31.01 -19.01 -6.56
N ASP D 34 -31.09 -19.14 -5.25
CA ASP D 34 -32.10 -19.99 -4.63
C ASP D 34 -32.45 -19.42 -3.27
N GLU D 35 -33.39 -20.07 -2.60
CA GLU D 35 -33.95 -19.56 -1.35
C GLU D 35 -32.97 -19.59 -0.16
N HIS D 36 -31.79 -20.17 -0.34
CA HIS D 36 -30.78 -20.26 0.72
C HIS D 36 -29.57 -19.35 0.48
N LEU D 37 -29.55 -18.64 -0.64
CA LEU D 37 -28.33 -17.97 -1.12
C LEU D 37 -28.46 -16.45 -1.34
N ARG D 38 -29.32 -15.83 -0.54
CA ARG D 38 -29.39 -14.37 -0.47
C ARG D 38 -28.01 -13.81 -0.17
N GLY D 39 -27.57 -12.85 -0.97
CA GLY D 39 -26.24 -12.26 -0.81
C GLY D 39 -25.19 -12.89 -1.70
N PHE D 40 -25.53 -14.01 -2.36
CA PHE D 40 -24.64 -14.66 -3.32
C PHE D 40 -25.20 -14.59 -4.75
N SER D 41 -24.32 -14.71 -5.74
CA SER D 41 -24.75 -14.95 -7.11
C SER D 41 -24.87 -16.46 -7.40
N LYS D 42 -25.46 -16.81 -8.53
CA LYS D 42 -25.31 -18.16 -9.09
C LYS D 42 -23.82 -18.43 -9.33
N SER D 43 -23.41 -19.69 -9.30
CA SER D 43 -22.04 -20.01 -9.68
CA SER D 43 -22.06 -20.08 -9.71
C SER D 43 -21.77 -19.49 -11.10
N ILE D 44 -20.53 -19.07 -11.32
CA ILE D 44 -20.15 -18.42 -12.55
C ILE D 44 -19.75 -19.47 -13.59
N SER D 45 -20.40 -19.45 -14.75
CA SER D 45 -20.01 -20.31 -15.87
CA SER D 45 -20.04 -20.30 -15.89
C SER D 45 -19.41 -19.45 -16.98
N ILE D 46 -18.55 -20.03 -17.79
CA ILE D 46 -17.83 -19.26 -18.81
C ILE D 46 -18.32 -19.65 -20.20
N SER D 47 -18.70 -18.67 -21.02
CA SER D 47 -19.09 -18.97 -22.38
C SER D 47 -17.87 -19.47 -23.18
N ASP D 48 -18.10 -20.32 -24.16
CA ASP D 48 -16.98 -20.83 -24.96
C ASP D 48 -16.62 -19.91 -26.12
N THR D 49 -17.40 -18.85 -26.38
CA THR D 49 -17.03 -17.78 -27.32
C THR D 49 -17.54 -16.42 -26.86
N PHE D 50 -17.00 -15.35 -27.43
CA PHE D 50 -17.52 -14.00 -27.15
C PHE D 50 -19.00 -13.93 -27.58
N GLU D 51 -19.28 -14.42 -28.78
CA GLU D 51 -20.62 -14.30 -29.37
C GLU D 51 -21.69 -15.08 -28.59
N SER D 52 -21.30 -16.15 -27.88
CA SER D 52 -22.25 -16.98 -27.14
C SER D 52 -22.42 -16.57 -25.65
N ASP D 53 -21.76 -15.49 -25.22
CA ASP D 53 -21.89 -15.01 -23.84
C ASP D 53 -23.34 -14.58 -23.58
N SER D 54 -23.99 -15.29 -22.65
CA SER D 54 -25.41 -15.11 -22.39
CA SER D 54 -25.40 -15.10 -22.39
C SER D 54 -25.70 -15.34 -20.91
N PRO D 55 -25.21 -14.44 -20.03
CA PRO D 55 -25.36 -14.69 -18.59
C PRO D 55 -26.82 -14.67 -18.09
N ASN D 56 -27.15 -15.63 -17.24
CA ASN D 56 -28.45 -15.61 -16.58
C ASN D 56 -28.47 -14.52 -15.52
N LYS D 57 -29.67 -13.98 -15.30
CA LYS D 57 -29.88 -12.90 -14.36
C LYS D 57 -29.32 -13.20 -12.97
N ASP D 58 -29.52 -14.42 -12.48
CA ASP D 58 -29.09 -14.74 -11.12
C ASP D 58 -27.56 -14.87 -10.95
N MET D 59 -26.83 -14.80 -12.07
CA MET D 59 -25.38 -14.75 -12.09
C MET D 59 -24.79 -13.34 -12.15
N LEU D 60 -25.65 -12.32 -12.25
CA LEU D 60 -25.21 -10.92 -12.47
C LEU D 60 -25.49 -10.00 -11.29
N PRO D 61 -24.46 -9.61 -10.53
CA PRO D 61 -24.70 -8.55 -9.55
C PRO D 61 -25.26 -7.27 -10.18
N CYS D 62 -26.16 -6.61 -9.47
CA CYS D 62 -26.77 -5.35 -9.93
C CYS D 62 -26.52 -4.22 -8.96
N TYR D 63 -26.65 -2.99 -9.45
CA TYR D 63 -26.59 -1.82 -8.55
C TYR D 63 -27.75 -1.83 -7.54
N SER D 64 -27.47 -1.41 -6.31
CA SER D 64 -28.52 -1.17 -5.30
C SER D 64 -28.88 0.30 -5.30
N VAL D 65 -30.17 0.60 -5.11
CA VAL D 65 -30.63 2.00 -5.03
C VAL D 65 -31.81 2.10 -4.09
N ALA D 66 -31.86 3.19 -3.33
CA ALA D 66 -33.04 3.56 -2.57
C ALA D 66 -33.37 5.02 -2.83
N ARG D 67 -34.65 5.28 -3.09
CA ARG D 67 -35.17 6.64 -3.12
C ARG D 67 -35.82 6.88 -1.79
N ILE D 68 -35.30 7.85 -1.03
CA ILE D 68 -35.77 8.13 0.33
C ILE D 68 -36.56 9.44 0.34
N PRO D 69 -37.89 9.37 0.61
CA PRO D 69 -38.64 10.63 0.68
C PRO D 69 -38.25 11.44 1.91
N LEU D 70 -38.14 12.75 1.73
CA LEU D 70 -37.76 13.66 2.80
C LEU D 70 -38.97 14.49 3.15
N PRO D 71 -38.93 15.17 4.32
CA PRO D 71 -40.04 16.04 4.69
C PRO D 71 -40.41 17.07 3.60
N ASN D 72 -41.68 17.14 3.26
CA ASN D 72 -42.15 18.00 2.17
C ASN D 72 -41.82 19.48 2.47
N LEU D 73 -41.35 20.22 1.46
CA LEU D 73 -40.94 21.63 1.68
C LEU D 73 -41.79 22.73 1.03
N ASN D 74 -42.38 22.47 -0.13
CA ASN D 74 -43.00 23.56 -0.90
C ASN D 74 -44.48 23.37 -1.24
N ILE D 82 -38.80 29.00 -2.58
CA ILE D 82 -38.45 27.59 -2.85
C ILE D 82 -37.27 27.12 -1.99
N LEU D 83 -37.55 26.13 -1.14
CA LEU D 83 -36.54 25.49 -0.32
C LEU D 83 -36.27 24.10 -0.84
N MET D 84 -35.02 23.65 -0.74
CA MET D 84 -34.64 22.28 -1.05
C MET D 84 -33.76 21.74 0.06
N TRP D 85 -33.86 20.45 0.31
CA TRP D 85 -32.95 19.80 1.24
C TRP D 85 -31.61 19.63 0.57
N GLU D 86 -30.55 19.98 1.30
CA GLU D 86 -29.19 19.91 0.80
C GLU D 86 -28.43 18.86 1.62
N ALA D 87 -27.88 17.85 0.97
CA ALA D 87 -27.14 16.82 1.69
C ALA D 87 -25.73 17.32 1.97
N VAL D 88 -25.31 17.28 3.23
CA VAL D 88 -24.07 17.94 3.68
C VAL D 88 -23.00 16.93 4.13
N THR D 89 -23.38 15.89 4.87
CA THR D 89 -22.40 14.92 5.32
C THR D 89 -22.94 13.52 5.17
N LEU D 90 -22.01 12.58 5.09
CA LEU D 90 -22.30 11.16 5.00
C LEU D 90 -21.41 10.38 5.96
N LYS D 91 -22.00 9.43 6.68
CA LYS D 91 -21.24 8.33 7.29
C LYS D 91 -21.73 7.04 6.67
N THR D 92 -20.82 6.15 6.35
CA THR D 92 -21.18 4.92 5.66
C THR D 92 -20.26 3.79 6.10
N GLU D 93 -20.81 2.58 6.07
CA GLU D 93 -20.08 1.42 6.54
C GLU D 93 -20.59 0.17 5.83
N VAL D 94 -19.69 -0.75 5.50
CA VAL D 94 -20.11 -2.08 5.06
C VAL D 94 -20.52 -2.91 6.29
N ILE D 95 -21.67 -3.57 6.21
CA ILE D 95 -22.25 -4.29 7.32
C ILE D 95 -22.00 -5.81 7.25
N GLY D 96 -21.35 -6.37 8.27
CA GLY D 96 -21.12 -7.82 8.35
C GLY D 96 -19.75 -8.24 7.85
N VAL D 97 -18.74 -7.38 7.98
CA VAL D 97 -17.42 -7.69 7.42
C VAL D 97 -16.84 -9.00 7.98
N THR D 98 -17.17 -9.31 9.24
CA THR D 98 -16.64 -10.51 9.90
C THR D 98 -17.22 -11.84 9.42
N THR D 99 -18.30 -11.81 8.61
CA THR D 99 -18.81 -13.05 7.99
C THR D 99 -17.76 -13.73 7.14
N LEU D 100 -16.80 -12.94 6.63
CA LEU D 100 -15.71 -13.50 5.81
C LEU D 100 -14.71 -14.36 6.61
N MET D 101 -14.88 -14.43 7.92
CA MET D 101 -14.09 -15.34 8.73
C MET D 101 -14.70 -16.75 8.84
N ASN D 102 -15.85 -16.96 8.19
CA ASN D 102 -16.39 -18.31 8.09
C ASN D 102 -15.68 -19.05 6.96
N VAL D 103 -14.64 -19.78 7.35
CA VAL D 103 -13.83 -20.58 6.45
C VAL D 103 -14.02 -22.08 6.78
N HIS D 104 -15.21 -22.41 7.26
CA HIS D 104 -15.56 -23.80 7.64
C HIS D 104 -16.88 -24.31 7.00
N SER D 105 -17.39 -23.60 5.98
CA SER D 105 -18.73 -23.85 5.42
C SER D 105 -18.72 -24.15 3.89
N ASN D 106 -18.57 -25.44 3.56
CA ASN D 106 -18.48 -25.94 2.18
C ASN D 106 -17.57 -25.19 1.22
N GLY D 107 -16.43 -24.77 1.74
CA GLY D 107 -15.41 -24.15 0.91
C GLY D 107 -14.43 -25.20 0.43
N GLN D 108 -13.39 -24.75 -0.23
CA GLN D 108 -12.37 -25.63 -0.79
C GLN D 108 -11.09 -25.42 0.01
N ALA D 109 -10.63 -26.48 0.66
CA ALA D 109 -9.39 -26.44 1.43
C ALA D 109 -8.26 -25.88 0.59
N THR D 110 -7.47 -24.99 1.19
CA THR D 110 -6.36 -24.35 0.48
C THR D 110 -5.21 -25.33 0.24
N HIS D 111 -5.12 -26.35 1.09
CA HIS D 111 -4.14 -27.41 0.95
C HIS D 111 -4.67 -28.57 1.79
N ASP D 112 -4.06 -29.76 1.68
CA ASP D 112 -4.54 -30.92 2.42
C ASP D 112 -4.65 -30.64 3.91
N ASN D 113 -5.86 -30.87 4.44
CA ASN D 113 -6.17 -30.67 5.87
C ASN D 113 -6.33 -29.22 6.31
N GLY D 114 -6.24 -28.28 5.36
CA GLY D 114 -6.32 -26.85 5.68
C GLY D 114 -7.75 -26.29 5.77
N ALA D 115 -7.84 -25.04 6.19
CA ALA D 115 -9.12 -24.33 6.23
C ALA D 115 -9.58 -23.97 4.83
N ALA D 116 -10.82 -23.51 4.72
CA ALA D 116 -11.34 -23.13 3.42
C ALA D 116 -10.70 -21.84 2.91
N LYS D 117 -10.53 -21.78 1.60
CA LYS D 117 -10.17 -20.55 0.91
C LYS D 117 -11.23 -19.46 1.20
N PRO D 118 -10.80 -18.31 1.73
CA PRO D 118 -11.75 -17.23 2.05
C PRO D 118 -12.23 -16.52 0.80
N VAL D 119 -13.28 -15.73 0.94
CA VAL D 119 -13.76 -14.89 -0.15
C VAL D 119 -12.60 -13.98 -0.56
N GLN D 120 -12.37 -13.88 -1.86
CA GLN D 120 -11.27 -13.09 -2.38
C GLN D 120 -11.47 -12.94 -3.87
N GLY D 121 -10.61 -12.15 -4.50
CA GLY D 121 -10.73 -11.90 -5.93
C GLY D 121 -11.48 -10.61 -6.20
N THR D 122 -11.89 -10.43 -7.44
CA THR D 122 -12.43 -9.14 -7.91
C THR D 122 -13.48 -8.54 -6.96
N SER D 123 -13.30 -7.26 -6.61
CA SER D 123 -14.27 -6.55 -5.77
C SER D 123 -14.64 -5.21 -6.39
N PHE D 124 -15.86 -4.78 -6.13
CA PHE D 124 -16.28 -3.43 -6.45
C PHE D 124 -17.03 -2.85 -5.26
N HIS D 125 -16.53 -1.75 -4.74
CA HIS D 125 -17.13 -1.06 -3.59
C HIS D 125 -17.43 0.35 -4.04
N PHE D 126 -18.71 0.70 -3.99
CA PHE D 126 -19.22 1.90 -4.58
C PHE D 126 -20.36 2.46 -3.77
N PHE D 127 -20.38 3.79 -3.61
CA PHE D 127 -21.54 4.43 -3.02
C PHE D 127 -21.72 5.83 -3.59
N SER D 128 -22.96 6.29 -3.60
CA SER D 128 -23.27 7.63 -4.03
C SER D 128 -24.46 8.18 -3.26
N VAL D 129 -24.46 9.52 -3.14
CA VAL D 129 -25.55 10.27 -2.53
C VAL D 129 -25.88 11.39 -3.50
N GLY D 130 -27.14 11.51 -3.88
CA GLY D 130 -27.53 12.60 -4.77
C GLY D 130 -28.93 13.11 -4.56
N GLY D 131 -29.23 14.22 -5.20
CA GLY D 131 -30.54 14.84 -5.15
C GLY D 131 -31.46 14.42 -6.28
N GLU D 132 -31.05 13.36 -6.99
CA GLU D 132 -31.78 12.78 -8.11
C GLU D 132 -31.07 11.48 -8.44
N ALA D 133 -31.68 10.69 -9.32
CA ALA D 133 -31.14 9.38 -9.66
C ALA D 133 -29.72 9.47 -10.20
N LEU D 134 -28.89 8.51 -9.82
CA LEU D 134 -27.55 8.39 -10.37
C LEU D 134 -27.66 8.22 -11.90
N GLU D 135 -26.90 9.03 -12.64
CA GLU D 135 -26.89 8.95 -14.10
C GLU D 135 -25.82 7.95 -14.51
N LEU D 136 -26.20 7.03 -15.39
CA LEU D 136 -25.34 5.92 -15.82
C LEU D 136 -24.96 6.03 -17.30
N GLN D 137 -23.75 5.57 -17.59
CA GLN D 137 -23.23 5.39 -18.94
C GLN D 137 -22.97 3.91 -19.12
N GLY D 138 -23.45 3.36 -20.23
CA GLY D 138 -23.21 1.94 -20.53
C GLY D 138 -21.87 1.72 -21.19
N VAL D 139 -21.15 0.71 -20.70
CA VAL D 139 -19.88 0.25 -21.31
C VAL D 139 -19.85 -1.26 -21.09
N VAL D 140 -19.53 -2.01 -22.13
CA VAL D 140 -19.59 -3.48 -22.07
C VAL D 140 -18.21 -4.08 -22.36
N PHE D 141 -17.88 -5.15 -21.67
CA PHE D 141 -16.64 -5.85 -21.94
C PHE D 141 -16.63 -6.41 -23.37
N ASN D 142 -17.78 -6.92 -23.78
CA ASN D 142 -17.98 -7.65 -25.03
C ASN D 142 -19.36 -7.27 -25.54
N TYR D 143 -19.42 -6.62 -26.69
CA TYR D 143 -20.67 -6.06 -27.16
C TYR D 143 -21.65 -7.15 -27.59
N ARG D 144 -21.14 -8.37 -27.83
CA ARG D 144 -22.00 -9.47 -28.23
C ARG D 144 -22.60 -10.24 -27.06
N THR D 145 -22.33 -9.81 -25.83
CA THR D 145 -23.01 -10.35 -24.66
C THR D 145 -24.52 -10.13 -24.75
N THR D 146 -25.31 -11.19 -24.55
CA THR D 146 -26.77 -11.06 -24.52
C THR D 146 -27.14 -10.96 -23.05
N TYR D 147 -27.62 -9.79 -22.63
CA TYR D 147 -28.02 -9.60 -21.23
C TYR D 147 -29.44 -10.16 -21.07
N PRO D 148 -29.79 -10.64 -19.88
CA PRO D 148 -31.03 -11.42 -19.77
C PRO D 148 -32.31 -10.61 -19.54
N ASP D 149 -33.43 -11.27 -19.80
CA ASP D 149 -34.76 -10.75 -19.48
CA ASP D 149 -34.73 -10.72 -19.50
C ASP D 149 -34.77 -10.37 -18.02
N GLY D 150 -35.43 -9.27 -17.69
CA GLY D 150 -35.50 -8.81 -16.32
C GLY D 150 -34.33 -7.94 -15.88
N THR D 151 -33.37 -7.70 -16.77
CA THR D 151 -32.33 -6.69 -16.50
C THR D 151 -32.51 -5.52 -17.46
N ILE D 152 -31.95 -4.38 -17.08
CA ILE D 152 -31.92 -3.21 -17.94
C ILE D 152 -30.46 -2.99 -18.36
N PHE D 153 -30.22 -2.98 -19.66
CA PHE D 153 -28.86 -3.08 -20.19
C PHE D 153 -28.68 -2.19 -21.41
N PRO D 154 -27.43 -1.98 -21.86
CA PRO D 154 -27.23 -1.15 -23.05
C PRO D 154 -27.86 -1.77 -24.30
N LYS D 155 -28.74 -1.03 -24.94
CA LYS D 155 -29.53 -1.53 -26.06
C LYS D 155 -28.85 -1.09 -27.35
N ASN D 156 -29.00 -1.89 -28.40
CA ASN D 156 -28.36 -1.61 -29.69
C ASN D 156 -26.83 -1.51 -29.56
N ALA D 157 -26.22 -2.40 -28.79
CA ALA D 157 -24.80 -2.34 -28.54
C ALA D 157 -24.07 -2.58 -29.85
N THR D 158 -23.01 -1.82 -30.09
CA THR D 158 -22.15 -2.01 -31.23
C THR D 158 -20.73 -2.25 -30.74
N VAL D 159 -19.80 -2.53 -31.65
CA VAL D 159 -18.43 -2.75 -31.22
C VAL D 159 -17.90 -1.51 -30.48
N GLN D 160 -18.40 -0.32 -30.83
CA GLN D 160 -18.00 0.91 -30.15
C GLN D 160 -18.44 0.94 -28.69
N SER D 161 -19.49 0.19 -28.35
CA SER D 161 -19.95 0.05 -26.96
C SER D 161 -18.89 -0.55 -26.02
N GLN D 162 -17.88 -1.22 -26.59
CA GLN D 162 -16.76 -1.74 -25.81
C GLN D 162 -15.80 -0.69 -25.28
N VAL D 163 -15.89 0.55 -25.81
CA VAL D 163 -15.03 1.65 -25.33
C VAL D 163 -15.82 2.92 -24.93
N MET D 164 -16.75 3.35 -25.78
CA MET D 164 -17.68 4.45 -25.47
C MET D 164 -18.71 4.64 -26.57
N ASN D 165 -19.98 4.52 -26.21
CA ASN D 165 -21.07 4.73 -27.16
C ASN D 165 -22.04 5.60 -26.40
N THR D 166 -22.15 6.85 -26.80
CA THR D 166 -22.93 7.81 -26.05
C THR D 166 -24.45 7.57 -26.12
N GLU D 167 -24.90 6.63 -26.95
CA GLU D 167 -26.32 6.22 -26.90
C GLU D 167 -26.72 5.60 -25.54
N HIS D 168 -25.78 4.93 -24.86
CA HIS D 168 -26.12 4.17 -23.66
C HIS D 168 -26.19 5.06 -22.40
N LYS D 169 -27.26 5.83 -22.30
CA LYS D 169 -27.52 6.69 -21.13
C LYS D 169 -28.73 6.14 -20.36
N ALA D 170 -28.65 6.14 -19.03
CA ALA D 170 -29.78 5.70 -18.23
C ALA D 170 -29.73 6.31 -16.82
N TYR D 171 -30.80 6.06 -16.07
CA TYR D 171 -30.91 6.48 -14.68
C TYR D 171 -30.98 5.23 -13.81
N LEU D 172 -30.27 5.25 -12.69
CA LEU D 172 -30.39 4.15 -11.74
C LEU D 172 -31.70 4.35 -10.98
N ASP D 173 -32.77 3.84 -11.55
CA ASP D 173 -34.12 4.15 -11.05
C ASP D 173 -34.89 2.90 -10.63
N LYS D 174 -34.21 1.77 -10.55
CA LYS D 174 -34.86 0.53 -10.21
C LYS D 174 -33.84 -0.38 -9.54
N ASN D 175 -34.25 -1.02 -8.45
CA ASN D 175 -33.38 -1.90 -7.69
C ASN D 175 -33.34 -3.27 -8.36
N LYS D 176 -32.26 -4.03 -8.16
CA LYS D 176 -32.14 -5.39 -8.74
C LYS D 176 -32.32 -5.45 -10.25
N ALA D 177 -31.84 -4.44 -10.99
CA ALA D 177 -32.15 -4.37 -12.42
C ALA D 177 -30.99 -4.00 -13.33
N TYR D 178 -30.12 -3.10 -12.87
CA TYR D 178 -28.99 -2.60 -13.65
C TYR D 178 -27.73 -3.40 -13.30
N PRO D 179 -27.26 -4.27 -14.22
CA PRO D 179 -26.08 -5.06 -13.88
C PRO D 179 -24.82 -4.20 -13.68
N VAL D 180 -24.05 -4.54 -12.67
CA VAL D 180 -22.84 -3.79 -12.36
C VAL D 180 -21.89 -3.77 -13.57
N GLU D 181 -21.76 -4.89 -14.25
CA GLU D 181 -20.70 -5.04 -15.26
C GLU D 181 -20.86 -4.21 -16.54
N CYS D 182 -22.07 -3.72 -16.81
CA CYS D 182 -22.30 -2.99 -18.06
C CYS D 182 -22.69 -1.53 -17.86
N TRP D 183 -22.68 -1.07 -16.61
CA TRP D 183 -22.99 0.32 -16.33
C TRP D 183 -22.01 0.92 -15.32
N VAL D 184 -21.65 2.20 -15.55
CA VAL D 184 -20.89 3.01 -14.59
C VAL D 184 -21.57 4.37 -14.44
N PRO D 185 -21.27 5.06 -13.33
CA PRO D 185 -21.66 6.48 -13.29
C PRO D 185 -21.12 7.25 -14.49
N ASP D 186 -21.96 8.10 -15.08
CA ASP D 186 -21.64 8.90 -16.24
C ASP D 186 -20.88 10.15 -15.74
N PRO D 187 -19.56 10.22 -16.00
CA PRO D 187 -18.82 11.40 -15.54
C PRO D 187 -19.18 12.68 -16.27
N THR D 188 -19.91 12.57 -17.40
CA THR D 188 -20.33 13.75 -18.18
C THR D 188 -21.59 14.38 -17.60
N ARG D 189 -22.22 13.72 -16.65
CA ARG D 189 -23.38 14.28 -15.97
C ARG D 189 -23.12 14.24 -14.46
N ASN D 190 -24.15 13.91 -13.68
CA ASN D 190 -24.04 13.73 -12.24
C ASN D 190 -23.58 14.93 -11.41
N GLU D 191 -23.84 16.15 -11.89
CA GLU D 191 -23.47 17.36 -11.16
C GLU D 191 -24.14 17.44 -9.77
N ASN D 192 -25.29 16.79 -9.61
CA ASN D 192 -26.09 16.89 -8.39
C ASN D 192 -25.98 15.61 -7.53
N THR D 193 -24.89 14.87 -7.73
CA THR D 193 -24.62 13.63 -7.03
C THR D 193 -23.14 13.65 -6.64
N ARG D 194 -22.79 12.96 -5.55
CA ARG D 194 -21.39 12.71 -5.20
C ARG D 194 -21.21 11.21 -5.21
N TYR D 195 -20.31 10.72 -6.03
CA TYR D 195 -20.08 9.26 -6.09
C TYR D 195 -18.64 8.88 -5.87
N PHE D 196 -18.44 7.66 -5.38
CA PHE D 196 -17.12 7.17 -5.03
C PHE D 196 -17.09 5.67 -5.25
N GLY D 197 -16.07 5.18 -5.95
CA GLY D 197 -15.97 3.74 -6.18
C GLY D 197 -14.57 3.24 -6.40
N THR D 198 -14.33 1.98 -6.07
CA THR D 198 -13.05 1.34 -6.33
C THR D 198 -13.30 -0.08 -6.84
N LEU D 199 -12.75 -0.38 -8.01
CA LEU D 199 -12.69 -1.73 -8.55
C LEU D 199 -11.26 -2.25 -8.26
N THR D 200 -11.17 -3.36 -7.56
CA THR D 200 -9.91 -4.03 -7.28
C THR D 200 -9.98 -5.42 -7.95
N GLY D 201 -9.23 -5.59 -9.03
CA GLY D 201 -9.30 -6.82 -9.86
C GLY D 201 -8.34 -7.90 -9.37
N GLY D 202 -8.16 -8.95 -10.16
CA GLY D 202 -7.27 -10.09 -9.81
C GLY D 202 -8.05 -11.23 -9.18
N GLU D 203 -7.70 -12.48 -9.45
CA GLU D 203 -8.52 -13.58 -8.86
C GLU D 203 -8.19 -13.86 -7.40
N ASN D 204 -7.04 -13.40 -6.93
CA ASN D 204 -6.60 -13.70 -5.59
C ASN D 204 -6.52 -12.51 -4.64
N VAL D 205 -6.98 -11.34 -5.06
CA VAL D 205 -6.81 -10.16 -4.19
C VAL D 205 -7.59 -10.29 -2.90
N PRO D 206 -6.93 -9.93 -1.78
CA PRO D 206 -7.57 -10.05 -0.47
C PRO D 206 -8.56 -8.92 -0.23
N PRO D 207 -9.75 -9.23 0.31
CA PRO D 207 -10.58 -8.10 0.75
C PRO D 207 -9.90 -7.32 1.89
N VAL D 208 -10.03 -6.00 1.89
CA VAL D 208 -9.55 -5.17 2.99
C VAL D 208 -10.71 -4.25 3.37
N LEU D 209 -11.36 -4.56 4.49
CA LEU D 209 -12.59 -3.89 4.86
C LEU D 209 -12.39 -3.19 6.22
N HIS D 210 -12.52 -1.86 6.22
CA HIS D 210 -12.41 -1.07 7.45
C HIS D 210 -13.78 -0.67 7.95
N ILE D 211 -13.95 -0.66 9.26
CA ILE D 211 -15.16 -0.17 9.90
C ILE D 211 -14.79 0.79 11.02
N THR D 212 -15.56 1.86 11.15
CA THR D 212 -15.42 2.79 12.26
C THR D 212 -16.67 3.65 12.27
N ASN D 213 -17.05 4.13 13.44
CA ASN D 213 -18.11 5.13 13.54
C ASN D 213 -17.58 6.54 13.72
N THR D 214 -16.30 6.77 13.40
CA THR D 214 -15.67 8.07 13.62
C THR D 214 -15.34 8.84 12.34
N ALA D 215 -15.70 8.30 11.18
CA ALA D 215 -15.36 8.91 9.89
C ALA D 215 -16.57 9.53 9.21
N THR D 216 -16.45 10.78 8.75
CA THR D 216 -17.52 11.49 8.03
C THR D 216 -17.00 11.97 6.68
N THR D 217 -17.81 11.85 5.64
CA THR D 217 -17.47 12.46 4.36
C THR D 217 -18.33 13.72 4.15
N VAL D 218 -17.68 14.81 3.81
CA VAL D 218 -18.37 16.07 3.51
C VAL D 218 -18.78 16.03 2.04
N LEU D 219 -20.03 16.37 1.75
CA LEU D 219 -20.61 16.26 0.41
C LEU D 219 -20.67 17.60 -0.35
N LEU D 220 -20.17 18.65 0.27
CA LEU D 220 -20.19 19.98 -0.35
C LEU D 220 -19.19 20.01 -1.50
N ASP D 221 -19.58 20.69 -2.59
CA ASP D 221 -18.66 20.90 -3.71
C ASP D 221 -17.73 22.08 -3.42
N GLU D 222 -16.98 22.50 -4.42
CA GLU D 222 -16.00 23.59 -4.27
C GLU D 222 -16.66 24.96 -3.96
N PHE D 223 -17.95 25.11 -4.26
CA PHE D 223 -18.67 26.32 -3.90
C PHE D 223 -19.38 26.25 -2.54
N GLY D 224 -19.22 25.15 -1.82
CA GLY D 224 -19.88 24.97 -0.52
C GLY D 224 -21.33 24.48 -0.63
N VAL D 225 -21.68 23.86 -1.76
CA VAL D 225 -23.03 23.38 -1.98
C VAL D 225 -23.08 21.86 -2.11
N GLY D 226 -23.94 21.23 -1.32
CA GLY D 226 -24.15 19.79 -1.44
C GLY D 226 -25.23 19.44 -2.45
N PRO D 227 -25.47 18.14 -2.66
CA PRO D 227 -26.60 17.70 -3.49
C PRO D 227 -27.93 18.29 -3.02
N LEU D 228 -28.70 18.82 -3.96
CA LEU D 228 -30.02 19.44 -3.71
C LEU D 228 -31.16 18.51 -4.14
N CYS D 229 -32.05 18.19 -3.21
CA CYS D 229 -33.00 17.10 -3.39
C CYS D 229 -34.27 17.50 -4.14
N LYS D 230 -34.29 17.24 -5.44
CA LYS D 230 -35.43 17.58 -6.29
C LYS D 230 -36.65 16.77 -5.85
N GLY D 231 -37.79 17.44 -5.70
CA GLY D 231 -39.01 16.78 -5.27
C GLY D 231 -38.94 16.22 -3.87
N ASP D 232 -37.95 16.66 -3.08
CA ASP D 232 -37.77 16.19 -1.70
C ASP D 232 -37.50 14.68 -1.64
N ASN D 233 -36.67 14.20 -2.54
CA ASN D 233 -36.20 12.81 -2.51
C ASN D 233 -34.68 12.78 -2.49
N LEU D 234 -34.14 11.89 -1.65
CA LEU D 234 -32.71 11.60 -1.60
C LEU D 234 -32.44 10.23 -2.22
N TYR D 235 -31.44 10.19 -3.09
CA TYR D 235 -31.07 8.97 -3.78
C TYR D 235 -29.75 8.43 -3.23
N LEU D 236 -29.81 7.20 -2.73
CA LEU D 236 -28.65 6.49 -2.22
C LEU D 236 -28.43 5.27 -3.12
N SER D 237 -27.19 5.05 -3.55
CA SER D 237 -26.86 3.92 -4.40
C SER D 237 -25.58 3.27 -3.87
N ALA D 238 -25.43 1.98 -4.15
CA ALA D 238 -24.29 1.21 -3.67
C ALA D 238 -24.05 -0.07 -4.47
N VAL D 239 -22.80 -0.50 -4.44
CA VAL D 239 -22.43 -1.85 -4.79
C VAL D 239 -21.32 -2.23 -3.82
N ASP D 240 -21.43 -3.44 -3.23
CA ASP D 240 -20.34 -3.98 -2.38
C ASP D 240 -20.15 -5.45 -2.69
N VAL D 241 -19.61 -5.71 -3.87
CA VAL D 241 -19.19 -7.06 -4.27
C VAL D 241 -17.83 -7.25 -3.58
N CYS D 242 -17.78 -8.15 -2.63
CA CYS D 242 -16.60 -8.28 -1.75
C CYS D 242 -15.54 -9.15 -2.35
N GLY D 243 -15.94 -9.96 -3.33
CA GLY D 243 -15.09 -10.96 -3.95
C GLY D 243 -15.94 -12.18 -4.33
N MET D 244 -15.28 -13.30 -4.53
CA MET D 244 -15.93 -14.56 -4.85
C MET D 244 -15.70 -15.58 -3.78
N PHE D 245 -16.77 -16.33 -3.48
CA PHE D 245 -16.69 -17.53 -2.64
C PHE D 245 -16.48 -18.75 -3.53
N THR D 246 -15.47 -19.55 -3.21
CA THR D 246 -15.20 -20.80 -3.91
C THR D 246 -15.75 -21.96 -3.09
N ASN D 247 -16.68 -22.74 -3.64
CA ASN D 247 -17.14 -23.88 -2.87
C ASN D 247 -16.23 -25.10 -3.08
N ARG D 248 -16.55 -26.19 -2.38
CA ARG D 248 -15.76 -27.41 -2.38
C ARG D 248 -15.47 -27.98 -3.78
N SER D 249 -16.38 -27.77 -4.72
CA SER D 249 -16.23 -28.25 -6.07
C SER D 249 -15.32 -27.34 -6.91
N GLY D 250 -14.99 -26.15 -6.42
CA GLY D 250 -14.23 -25.18 -7.24
C GLY D 250 -15.07 -24.09 -7.90
N SER D 251 -16.40 -24.27 -7.96
CA SER D 251 -17.26 -23.26 -8.55
CA SER D 251 -17.31 -23.27 -8.51
C SER D 251 -17.22 -22.01 -7.69
N GLN D 252 -17.44 -20.87 -8.33
CA GLN D 252 -17.28 -19.59 -7.67
C GLN D 252 -18.53 -18.76 -7.80
N GLN D 253 -18.88 -18.06 -6.73
CA GLN D 253 -20.06 -17.19 -6.68
C GLN D 253 -19.65 -15.86 -6.11
N TRP D 254 -20.21 -14.78 -6.64
CA TRP D 254 -20.01 -13.47 -6.02
C TRP D 254 -20.66 -13.45 -4.62
N ARG D 255 -20.04 -12.77 -3.67
CA ARG D 255 -20.63 -12.54 -2.35
C ARG D 255 -20.63 -11.03 -2.11
N GLY D 256 -21.78 -10.50 -1.71
CA GLY D 256 -21.92 -9.08 -1.39
C GLY D 256 -22.38 -8.87 0.03
N LEU D 257 -22.25 -7.62 0.50
CA LEU D 257 -22.71 -7.21 1.82
C LEU D 257 -23.53 -5.91 1.73
N SER D 258 -24.35 -5.70 2.75
CA SER D 258 -25.15 -4.49 2.89
C SER D 258 -24.29 -3.28 3.24
N ARG D 259 -24.81 -2.10 2.90
CA ARG D 259 -24.14 -0.84 3.25
C ARG D 259 -25.07 0.09 4.02
N TYR D 260 -24.56 0.57 5.15
CA TYR D 260 -25.19 1.58 6.02
C TYR D 260 -24.94 2.96 5.47
N PHE D 261 -25.96 3.82 5.53
CA PHE D 261 -25.83 5.25 5.18
C PHE D 261 -26.46 6.09 6.31
N LYS D 262 -25.79 7.16 6.72
CA LYS D 262 -26.41 8.21 7.57
C LYS D 262 -26.03 9.53 6.92
N VAL D 263 -27.04 10.29 6.52
CA VAL D 263 -26.81 11.52 5.81
C VAL D 263 -27.47 12.64 6.61
N GLN D 264 -26.73 13.74 6.85
CA GLN D 264 -27.30 14.93 7.45
CA GLN D 264 -27.28 14.95 7.44
C GLN D 264 -27.64 15.92 6.33
N LEU D 265 -28.83 16.51 6.41
CA LEU D 265 -29.32 17.46 5.43
C LEU D 265 -29.75 18.76 6.10
N ARG D 266 -29.66 19.85 5.34
CA ARG D 266 -30.14 21.17 5.81
C ARG D 266 -30.99 21.83 4.74
N LYS D 267 -31.85 22.77 5.13
CA LYS D 267 -32.70 23.45 4.16
C LYS D 267 -31.94 24.59 3.53
N ARG D 268 -32.05 24.69 2.22
CA ARG D 268 -31.38 25.71 1.42
C ARG D 268 -32.41 26.43 0.56
N ARG D 269 -32.39 27.76 0.55
CA ARG D 269 -33.27 28.48 -0.36
C ARG D 269 -32.64 28.57 -1.74
N VAL D 270 -33.46 28.40 -2.78
CA VAL D 270 -33.03 28.56 -4.18
C VAL D 270 -34.06 29.39 -4.97
N LYS D 271 -33.66 29.91 -6.14
CA LYS D 271 -34.53 30.78 -6.96
C LYS D 271 -34.91 30.15 -8.29
N VAL E 7 -29.36 13.55 27.89
CA VAL E 7 -28.15 14.13 28.56
C VAL E 7 -27.77 15.45 27.93
N GLU E 8 -28.04 16.54 28.64
CA GLU E 8 -27.42 17.82 28.32
C GLU E 8 -26.00 17.76 28.89
N VAL E 9 -25.00 17.84 28.02
CA VAL E 9 -23.60 17.84 28.46
C VAL E 9 -23.18 19.27 28.79
N LEU E 10 -22.66 19.50 29.99
CA LEU E 10 -22.24 20.82 30.41
C LEU E 10 -20.71 20.89 30.54
N GLU E 11 -20.18 21.63 31.50
CA GLU E 11 -18.74 21.90 31.55
C GLU E 11 -17.92 20.72 32.07
N VAL E 12 -16.67 20.69 31.63
CA VAL E 12 -15.65 19.81 32.19
C VAL E 12 -15.20 20.35 33.55
N LYS E 13 -14.98 19.47 34.51
CA LYS E 13 -14.38 19.87 35.79
C LYS E 13 -12.88 19.98 35.62
N THR E 14 -12.28 20.94 36.33
CA THR E 14 -10.82 21.05 36.38
C THR E 14 -10.36 20.83 37.83
N GLY E 15 -9.06 20.85 38.05
CA GLY E 15 -8.49 20.60 39.37
C GLY E 15 -7.82 19.24 39.34
N VAL E 16 -6.84 19.04 40.21
CA VAL E 16 -6.05 17.80 40.23
C VAL E 16 -6.92 16.52 40.30
N ASP E 17 -8.04 16.62 41.01
CA ASP E 17 -8.96 15.49 41.24
C ASP E 17 -9.87 15.11 40.06
N SER E 18 -9.82 15.88 38.98
CA SER E 18 -10.81 15.77 37.93
C SER E 18 -10.40 14.85 36.79
N ILE E 19 -9.22 14.24 36.87
CA ILE E 19 -8.75 13.33 35.82
C ILE E 19 -8.41 11.93 36.40
N THR E 20 -8.54 10.89 35.58
CA THR E 20 -8.11 9.55 35.98
C THR E 20 -7.64 8.79 34.74
N GLU E 21 -6.94 7.68 34.94
CA GLU E 21 -6.49 6.85 33.82
C GLU E 21 -6.84 5.40 34.08
N VAL E 22 -7.14 4.68 33.01
CA VAL E 22 -7.32 3.23 33.05
C VAL E 22 -6.23 2.63 32.19
N GLU E 23 -5.55 1.63 32.72
CA GLU E 23 -4.53 0.92 31.98
C GLU E 23 -4.78 -0.56 32.18
N CYS E 24 -4.86 -1.32 31.09
CA CYS E 24 -5.09 -2.76 31.18
C CYS E 24 -4.82 -3.47 29.88
N PHE E 25 -4.91 -4.80 29.91
CA PHE E 25 -4.84 -5.57 28.69
C PHE E 25 -6.03 -6.51 28.60
N LEU E 26 -6.46 -6.79 27.37
CA LEU E 26 -7.51 -7.75 27.12
C LEU E 26 -6.87 -8.96 26.44
N THR E 27 -7.05 -10.13 27.02
CA THR E 27 -6.51 -11.34 26.41
C THR E 27 -7.41 -11.77 25.25
N PRO E 28 -6.84 -12.40 24.22
CA PRO E 28 -7.64 -12.86 23.10
C PRO E 28 -8.46 -14.09 23.49
N GLU E 29 -9.59 -14.30 22.81
CA GLU E 29 -10.45 -15.43 23.08
C GLU E 29 -10.66 -16.23 21.80
N MET E 30 -9.68 -17.06 21.48
CA MET E 30 -9.63 -17.77 20.20
C MET E 30 -10.27 -19.15 20.21
N GLY E 31 -10.58 -19.67 21.40
CA GLY E 31 -11.22 -20.99 21.52
C GLY E 31 -10.58 -21.91 22.56
N ASP E 32 -9.25 -21.85 22.67
CA ASP E 32 -8.49 -22.53 23.73
C ASP E 32 -8.84 -24.01 23.84
N PRO E 33 -8.52 -24.81 22.81
CA PRO E 33 -9.06 -26.17 22.70
C PRO E 33 -8.54 -27.14 23.77
N ASP E 34 -7.37 -26.88 24.34
CA ASP E 34 -6.92 -27.67 25.49
C ASP E 34 -6.08 -26.83 26.43
N GLU E 35 -5.62 -27.45 27.52
CA GLU E 35 -4.81 -26.80 28.55
C GLU E 35 -3.46 -26.21 28.07
N HIS E 36 -3.03 -26.50 26.84
CA HIS E 36 -1.76 -25.99 26.34
C HIS E 36 -1.89 -24.95 25.26
N LEU E 37 -3.12 -24.60 24.89
CA LEU E 37 -3.33 -23.87 23.66
C LEU E 37 -4.09 -22.56 23.85
N ARG E 38 -3.88 -21.91 24.98
CA ARG E 38 -4.33 -20.53 25.17
C ARG E 38 -3.79 -19.67 24.03
N GLY E 39 -4.69 -18.89 23.41
CA GLY E 39 -4.38 -18.03 22.27
C GLY E 39 -4.54 -18.64 20.89
N PHE E 40 -4.89 -19.93 20.85
CA PHE E 40 -5.11 -20.68 19.62
C PHE E 40 -6.57 -21.17 19.60
N SER E 41 -7.10 -21.39 18.39
CA SER E 41 -8.35 -22.12 18.22
C SER E 41 -8.08 -23.62 18.01
N LYS E 42 -9.13 -24.42 18.13
CA LYS E 42 -9.14 -25.78 17.57
C LYS E 42 -8.83 -25.70 16.08
N SER E 43 -8.26 -26.77 15.51
CA SER E 43 -7.99 -26.75 14.09
C SER E 43 -9.32 -26.70 13.33
N ILE E 44 -9.26 -26.10 12.16
CA ILE E 44 -10.45 -25.77 11.41
C ILE E 44 -10.84 -26.95 10.51
N SER E 45 -12.09 -27.36 10.57
CA SER E 45 -12.61 -28.34 9.63
C SER E 45 -13.71 -27.70 8.80
N ILE E 46 -13.95 -28.23 7.61
CA ILE E 46 -14.91 -27.68 6.66
C ILE E 46 -16.11 -28.61 6.44
N SER E 47 -17.32 -28.09 6.60
CA SER E 47 -18.52 -28.89 6.32
C SER E 47 -18.65 -29.16 4.81
N ASP E 48 -19.29 -30.27 4.48
CA ASP E 48 -19.51 -30.66 3.08
C ASP E 48 -20.70 -29.96 2.42
N THR E 49 -21.55 -29.30 3.20
CA THR E 49 -22.69 -28.53 2.69
C THR E 49 -22.93 -27.33 3.61
N PHE E 50 -23.62 -26.30 3.12
CA PHE E 50 -24.03 -25.19 3.99
C PHE E 50 -24.94 -25.69 5.13
N GLU E 51 -25.86 -26.61 4.82
CA GLU E 51 -26.83 -27.08 5.83
C GLU E 51 -26.17 -27.80 6.99
N SER E 52 -25.02 -28.44 6.75
CA SER E 52 -24.32 -29.19 7.80
C SER E 52 -23.20 -28.42 8.53
N ASP E 53 -23.11 -27.10 8.31
CA ASP E 53 -22.13 -26.26 9.01
C ASP E 53 -22.49 -26.18 10.50
N SER E 54 -21.62 -26.73 11.35
CA SER E 54 -21.89 -26.85 12.79
C SER E 54 -20.62 -26.73 13.57
N PRO E 55 -20.06 -25.51 13.66
CA PRO E 55 -18.71 -25.38 14.25
C PRO E 55 -18.69 -25.59 15.76
N ASN E 56 -17.71 -26.35 16.24
CA ASN E 56 -17.49 -26.47 17.68
C ASN E 56 -17.07 -25.15 18.30
N LYS E 57 -17.44 -24.96 19.57
CA LYS E 57 -17.14 -23.72 20.27
C LYS E 57 -15.65 -23.39 20.29
N ASP E 58 -14.82 -24.41 20.51
CA ASP E 58 -13.36 -24.26 20.60
CA ASP E 58 -13.38 -24.16 20.62
C ASP E 58 -12.75 -23.80 19.29
N MET E 59 -13.52 -23.86 18.20
CA MET E 59 -13.06 -23.51 16.86
C MET E 59 -13.41 -22.06 16.48
N LEU E 60 -14.13 -21.37 17.35
CA LEU E 60 -14.68 -20.05 17.04
C LEU E 60 -14.06 -18.92 17.87
N PRO E 61 -13.24 -18.06 17.24
CA PRO E 61 -12.83 -16.83 17.95
C PRO E 61 -14.04 -15.99 18.37
N CYS E 62 -13.94 -15.41 19.55
CA CYS E 62 -14.99 -14.57 20.11
C CYS E 62 -14.46 -13.16 20.42
N TYR E 63 -15.38 -12.20 20.52
CA TYR E 63 -15.02 -10.85 20.97
C TYR E 63 -14.53 -10.88 22.42
N SER E 64 -13.51 -10.08 22.72
CA SER E 64 -13.06 -9.85 24.10
C SER E 64 -13.71 -8.58 24.61
N VAL E 65 -14.04 -8.55 25.90
CA VAL E 65 -14.61 -7.35 26.50
C VAL E 65 -14.21 -7.28 27.97
N ALA E 66 -13.98 -6.07 28.45
CA ALA E 66 -13.79 -5.82 29.87
C ALA E 66 -14.61 -4.60 30.28
N ARG E 67 -15.27 -4.73 31.42
CA ARG E 67 -15.98 -3.64 32.08
C ARG E 67 -15.12 -3.19 33.24
N ILE E 68 -14.62 -1.95 33.18
CA ILE E 68 -13.65 -1.45 34.15
C ILE E 68 -14.34 -0.44 35.05
N PRO E 69 -14.48 -0.77 36.36
CA PRO E 69 -15.07 0.19 37.30
C PRO E 69 -14.20 1.42 37.50
N LEU E 70 -14.81 2.60 37.50
CA LEU E 70 -14.10 3.86 37.67
C LEU E 70 -14.39 4.42 39.05
N PRO E 71 -13.60 5.41 39.50
CA PRO E 71 -13.88 5.96 40.84
C PRO E 71 -15.30 6.50 40.92
N ASN E 72 -15.95 6.22 42.04
CA ASN E 72 -17.37 6.48 42.20
C ASN E 72 -17.62 7.98 42.23
N LEU E 73 -18.64 8.42 41.50
CA LEU E 73 -19.01 9.83 41.44
C LEU E 73 -20.40 9.98 42.04
N ASN E 74 -20.75 11.21 42.41
CA ASN E 74 -22.09 11.54 42.91
C ASN E 74 -22.38 10.95 44.30
N ILE E 82 -24.85 15.80 38.82
CA ILE E 82 -24.47 14.57 38.14
C ILE E 82 -23.18 14.73 37.33
N LEU E 83 -22.10 14.09 37.80
CA LEU E 83 -20.84 13.99 37.08
C LEU E 83 -20.71 12.60 36.45
N MET E 84 -20.10 12.57 35.26
CA MET E 84 -19.73 11.34 34.58
C MET E 84 -18.29 11.44 34.12
N TRP E 85 -17.61 10.32 34.11
CA TRP E 85 -16.29 10.22 33.52
C TRP E 85 -16.43 10.22 31.99
N GLU E 86 -15.62 11.04 31.34
CA GLU E 86 -15.58 11.17 29.90
C GLU E 86 -14.24 10.68 29.36
N ALA E 87 -14.28 9.68 28.49
CA ALA E 87 -13.07 9.13 27.88
C ALA E 87 -12.61 10.09 26.79
N VAL E 88 -11.35 10.52 26.87
CA VAL E 88 -10.81 11.57 26.00
C VAL E 88 -9.75 11.05 25.04
N THR E 89 -8.81 10.23 25.52
CA THR E 89 -7.75 9.71 24.65
C THR E 89 -7.51 8.24 24.90
N LEU E 90 -6.94 7.58 23.89
CA LEU E 90 -6.58 6.18 23.92
C LEU E 90 -5.19 5.96 23.34
N LYS E 91 -4.36 5.19 24.05
CA LYS E 91 -3.20 4.55 23.45
C LYS E 91 -3.49 3.05 23.46
N THR E 92 -3.20 2.38 22.35
CA THR E 92 -3.46 0.96 22.26
C THR E 92 -2.36 0.27 21.44
N GLU E 93 -2.11 -0.99 21.78
CA GLU E 93 -1.06 -1.75 21.16
C GLU E 93 -1.34 -3.24 21.21
N VAL E 94 -1.04 -3.96 20.14
CA VAL E 94 -1.04 -5.43 20.16
C VAL E 94 0.23 -5.92 20.88
N ILE E 95 0.05 -6.81 21.85
CA ILE E 95 1.13 -7.29 22.71
C ILE E 95 1.66 -8.64 22.25
N GLY E 96 2.98 -8.72 22.02
CA GLY E 96 3.62 -9.98 21.65
C GLY E 96 3.77 -10.19 20.14
N VAL E 97 3.91 -9.10 19.38
CA VAL E 97 3.95 -9.23 17.91
C VAL E 97 5.08 -10.11 17.43
N THR E 98 6.20 -10.12 18.15
CA THR E 98 7.37 -10.87 17.76
C THR E 98 7.25 -12.40 17.92
N THR E 99 6.21 -12.88 18.61
CA THR E 99 5.96 -14.32 18.69
C THR E 99 5.82 -14.95 17.30
N LEU E 100 5.39 -14.15 16.32
CA LEU E 100 5.19 -14.63 14.96
C LEU E 100 6.51 -14.96 14.24
N MET E 101 7.63 -14.65 14.86
CA MET E 101 8.93 -15.07 14.38
C MET E 101 9.33 -16.48 14.79
N ASN E 102 8.53 -17.15 15.61
CA ASN E 102 8.77 -18.56 15.88
C ASN E 102 8.31 -19.41 14.70
N VAL E 103 9.26 -19.75 13.84
CA VAL E 103 9.05 -20.58 12.65
C VAL E 103 9.80 -21.92 12.80
N HIS E 104 9.91 -22.40 14.03
CA HIS E 104 10.64 -23.63 14.32
C HIS E 104 9.86 -24.66 15.16
N SER E 105 8.56 -24.44 15.37
CA SER E 105 7.77 -25.17 16.36
C SER E 105 6.72 -26.07 15.71
N ASN E 106 7.21 -27.16 15.12
CA ASN E 106 6.41 -28.15 14.42
C ASN E 106 5.38 -27.60 13.44
N GLY E 107 5.80 -26.59 12.70
CA GLY E 107 5.03 -26.07 11.59
C GLY E 107 5.29 -26.85 10.33
N GLN E 108 4.76 -26.34 9.22
CA GLN E 108 4.86 -26.96 7.92
C GLN E 108 5.93 -26.25 7.10
N ALA E 109 7.02 -26.96 6.81
CA ALA E 109 8.10 -26.43 5.99
C ALA E 109 7.54 -25.89 4.67
N THR E 110 7.98 -24.70 4.31
CA THR E 110 7.49 -24.01 3.12
C THR E 110 8.00 -24.69 1.86
N HIS E 111 9.16 -25.35 1.96
CA HIS E 111 9.74 -26.18 0.90
C HIS E 111 10.75 -27.15 1.55
N ASP E 112 11.30 -28.07 0.78
CA ASP E 112 12.22 -29.06 1.38
C ASP E 112 13.40 -28.39 2.07
N ASN E 113 13.57 -28.68 3.36
CA ASN E 113 14.69 -28.18 4.20
C ASN E 113 14.50 -26.73 4.74
N GLY E 114 13.35 -26.13 4.45
CA GLY E 114 13.09 -24.74 4.76
C GLY E 114 12.48 -24.59 6.14
N ALA E 115 12.33 -23.34 6.57
CA ALA E 115 11.67 -23.01 7.82
C ALA E 115 10.16 -23.21 7.76
N ALA E 116 9.49 -23.19 8.91
CA ALA E 116 8.05 -23.40 8.92
C ALA E 116 7.35 -22.18 8.39
N LYS E 117 6.22 -22.42 7.72
CA LYS E 117 5.35 -21.35 7.28
C LYS E 117 4.93 -20.50 8.51
N PRO E 118 5.10 -19.16 8.43
CA PRO E 118 4.65 -18.32 9.53
C PRO E 118 3.13 -18.14 9.59
N VAL E 119 2.66 -17.65 10.73
CA VAL E 119 1.26 -17.28 10.88
C VAL E 119 0.90 -16.29 9.78
N GLN E 120 -0.20 -16.54 9.11
CA GLN E 120 -0.67 -15.68 8.03
C GLN E 120 -2.10 -16.01 7.68
N GLY E 121 -2.66 -15.23 6.76
CA GLY E 121 -4.03 -15.45 6.32
C GLY E 121 -4.97 -14.46 6.98
N THR E 122 -6.24 -14.75 6.90
CA THR E 122 -7.29 -13.82 7.32
C THR E 122 -7.07 -13.27 8.73
N SER E 123 -7.13 -11.94 8.86
CA SER E 123 -7.00 -11.30 10.16
C SER E 123 -8.17 -10.32 10.42
N PHE E 124 -8.46 -10.11 11.69
CA PHE E 124 -9.41 -9.09 12.11
C PHE E 124 -8.82 -8.43 13.34
N HIS E 125 -8.57 -7.14 13.21
CA HIS E 125 -8.03 -6.33 14.29
C HIS E 125 -9.03 -5.23 14.57
N PHE E 126 -9.48 -5.21 15.82
CA PHE E 126 -10.62 -4.40 16.22
C PHE E 126 -10.46 -3.94 17.67
N PHE E 127 -10.83 -2.69 17.94
CA PHE E 127 -10.95 -2.25 19.32
C PHE E 127 -11.98 -1.15 19.44
N SER E 128 -12.56 -1.06 20.65
CA SER E 128 -13.53 -0.01 20.95
C SER E 128 -13.41 0.45 22.41
N VAL E 129 -13.77 1.71 22.64
CA VAL E 129 -13.85 2.31 23.96
C VAL E 129 -15.21 2.98 24.04
N GLY E 130 -16.00 2.63 25.07
CA GLY E 130 -17.32 3.25 25.22
C GLY E 130 -17.74 3.40 26.67
N GLY E 131 -18.81 4.15 26.86
CA GLY E 131 -19.39 4.41 28.17
C GLY E 131 -20.49 3.43 28.53
N GLU E 132 -20.59 2.37 27.73
CA GLU E 132 -21.59 1.32 27.88
C GLU E 132 -21.18 0.20 26.93
N ALA E 133 -21.82 -0.95 27.06
CA ALA E 133 -21.49 -2.11 26.23
C ALA E 133 -21.58 -1.79 24.74
N LEU E 134 -20.63 -2.33 23.97
CA LEU E 134 -20.67 -2.26 22.52
C LEU E 134 -21.99 -2.87 22.03
N GLU E 135 -22.67 -2.18 21.12
CA GLU E 135 -23.92 -2.67 20.55
C GLU E 135 -23.62 -3.41 19.23
N LEU E 136 -24.19 -4.60 19.11
CA LEU E 136 -23.89 -5.52 18.02
C LEU E 136 -25.10 -5.76 17.11
N GLN E 137 -24.79 -5.99 15.84
CA GLN E 137 -25.74 -6.43 14.84
C GLN E 137 -25.25 -7.78 14.30
N GLY E 138 -26.17 -8.73 14.23
CA GLY E 138 -25.85 -10.07 13.74
C GLY E 138 -25.95 -10.15 12.23
N VAL E 139 -24.91 -10.68 11.61
CA VAL E 139 -24.89 -10.97 10.20
C VAL E 139 -24.14 -12.30 10.05
N VAL E 140 -24.65 -13.18 9.21
CA VAL E 140 -24.09 -14.52 9.04
C VAL E 140 -23.70 -14.80 7.60
N PHE E 141 -22.56 -15.46 7.43
CA PHE E 141 -22.15 -15.93 6.11
C PHE E 141 -23.20 -16.91 5.49
N ASN E 142 -23.71 -17.77 6.35
CA ASN E 142 -24.59 -18.87 6.00
C ASN E 142 -25.64 -19.03 7.13
N TYR E 143 -26.92 -18.81 6.81
CA TYR E 143 -27.95 -18.72 7.86
C TYR E 143 -28.20 -20.08 8.49
N ARG E 144 -27.78 -21.13 7.81
CA ARG E 144 -27.97 -22.49 8.31
C ARG E 144 -26.79 -23.03 9.15
N THR E 145 -25.77 -22.19 9.38
CA THR E 145 -24.73 -22.49 10.36
C THR E 145 -25.40 -22.62 11.73
N THR E 146 -25.11 -23.72 12.42
CA THR E 146 -25.56 -23.90 13.80
C THR E 146 -24.43 -23.47 14.70
N TYR E 147 -24.62 -22.37 15.41
CA TYR E 147 -23.63 -21.92 16.40
C TYR E 147 -23.80 -22.74 17.69
N PRO E 148 -22.69 -23.04 18.39
CA PRO E 148 -22.75 -24.05 19.42
C PRO E 148 -23.23 -23.57 20.79
N ASP E 149 -23.66 -24.52 21.61
CA ASP E 149 -23.98 -24.25 23.00
CA ASP E 149 -23.97 -24.28 23.02
C ASP E 149 -22.81 -23.56 23.67
N GLY E 150 -23.12 -22.57 24.50
CA GLY E 150 -22.08 -21.81 25.17
C GLY E 150 -21.69 -20.55 24.41
N THR E 151 -22.21 -20.35 23.20
CA THR E 151 -22.02 -19.07 22.50
C THR E 151 -23.36 -18.35 22.42
N ILE E 152 -23.30 -17.04 22.20
CA ILE E 152 -24.49 -16.21 22.00
C ILE E 152 -24.47 -15.78 20.54
N PHE E 153 -25.56 -16.09 19.84
CA PHE E 153 -25.56 -16.00 18.37
C PHE E 153 -26.91 -15.49 17.88
N PRO E 154 -26.99 -15.12 16.58
CA PRO E 154 -28.27 -14.64 16.04
C PRO E 154 -29.35 -15.74 16.10
N LYS E 155 -30.42 -15.46 16.84
CA LYS E 155 -31.51 -16.40 16.99
C LYS E 155 -32.53 -16.20 15.87
N ASN E 156 -33.22 -17.27 15.49
CA ASN E 156 -34.23 -17.23 14.43
C ASN E 156 -33.65 -16.74 13.10
N ALA E 157 -32.43 -17.17 12.75
CA ALA E 157 -31.80 -16.71 11.51
C ALA E 157 -32.65 -17.13 10.33
N THR E 158 -32.77 -16.26 9.34
CA THR E 158 -33.44 -16.57 8.09
C THR E 158 -32.44 -16.32 6.97
N VAL E 159 -32.80 -16.63 5.74
CA VAL E 159 -31.90 -16.37 4.64
C VAL E 159 -31.58 -14.86 4.55
N GLN E 160 -32.50 -14.02 5.01
CA GLN E 160 -32.24 -12.59 5.03
C GLN E 160 -31.12 -12.21 6.01
N SER E 161 -30.88 -13.06 7.01
CA SER E 161 -29.77 -12.85 7.96
C SER E 161 -28.39 -12.86 7.28
N GLN E 162 -28.30 -13.39 6.06
CA GLN E 162 -27.05 -13.39 5.30
C GLN E 162 -26.66 -12.01 4.77
N VAL E 163 -27.61 -11.07 4.75
CA VAL E 163 -27.32 -9.69 4.34
C VAL E 163 -27.71 -8.60 5.37
N MET E 164 -28.91 -8.71 5.97
CA MET E 164 -29.33 -7.81 7.06
C MET E 164 -30.70 -8.25 7.60
N ASN E 165 -30.74 -8.61 8.87
CA ASN E 165 -32.00 -8.94 9.56
C ASN E 165 -31.96 -8.12 10.83
N THR E 166 -32.85 -7.13 10.93
CA THR E 166 -32.82 -6.20 12.07
C THR E 166 -33.24 -6.80 13.42
N GLU E 167 -33.73 -8.04 13.43
CA GLU E 167 -34.00 -8.71 14.71
C GLU E 167 -32.70 -9.01 15.49
N HIS E 168 -31.58 -9.22 14.79
CA HIS E 168 -30.34 -9.65 15.44
C HIS E 168 -29.57 -8.51 16.12
N LYS E 169 -30.10 -8.07 17.26
CA LYS E 169 -29.49 -7.00 18.08
C LYS E 169 -28.97 -7.59 19.39
N ALA E 170 -27.76 -7.21 19.79
CA ALA E 170 -27.23 -7.64 21.08
C ALA E 170 -26.27 -6.64 21.70
N TYR E 171 -25.94 -6.90 22.96
CA TYR E 171 -24.88 -6.18 23.68
C TYR E 171 -23.68 -7.09 23.90
N LEU E 172 -22.48 -6.56 23.67
CA LEU E 172 -21.24 -7.28 24.00
C LEU E 172 -21.05 -7.19 25.50
N ASP E 173 -21.73 -8.08 26.21
CA ASP E 173 -21.82 -8.01 27.66
C ASP E 173 -21.25 -9.26 28.33
N LYS E 174 -20.52 -10.08 27.60
CA LYS E 174 -19.97 -11.29 28.17
C LYS E 174 -18.74 -11.68 27.36
N ASN E 175 -17.67 -12.00 28.08
CA ASN E 175 -16.41 -12.39 27.47
C ASN E 175 -16.49 -13.81 26.95
N LYS E 176 -15.70 -14.11 25.93
CA LYS E 176 -15.66 -15.44 25.27
C LYS E 176 -17.02 -16.11 25.04
N ALA E 177 -17.94 -15.35 24.43
CA ALA E 177 -19.30 -15.84 24.20
C ALA E 177 -19.87 -15.44 22.84
N TYR E 178 -19.54 -14.24 22.37
CA TYR E 178 -20.00 -13.72 21.09
C TYR E 178 -18.99 -14.01 19.98
N PRO E 179 -19.32 -14.93 19.04
CA PRO E 179 -18.36 -15.28 18.00
C PRO E 179 -18.12 -14.15 17.02
N VAL E 180 -16.86 -13.96 16.65
CA VAL E 180 -16.49 -12.86 15.81
C VAL E 180 -17.23 -12.93 14.48
N GLU E 181 -17.41 -14.13 13.93
CA GLU E 181 -17.88 -14.27 12.55
C GLU E 181 -19.35 -13.92 12.31
N CYS E 182 -20.14 -13.88 13.38
CA CYS E 182 -21.58 -13.64 13.25
C CYS E 182 -22.07 -12.33 13.87
N TRP E 183 -21.17 -11.51 14.40
CA TRP E 183 -21.55 -10.20 14.96
C TRP E 183 -20.58 -9.12 14.48
N VAL E 184 -21.12 -7.91 14.27
CA VAL E 184 -20.32 -6.70 14.06
C VAL E 184 -20.90 -5.55 14.91
N PRO E 185 -20.11 -4.50 15.13
CA PRO E 185 -20.67 -3.29 15.71
C PRO E 185 -21.87 -2.82 14.88
N ASP E 186 -22.95 -2.46 15.57
CA ASP E 186 -24.17 -1.94 14.93
C ASP E 186 -23.96 -0.46 14.59
N PRO E 187 -23.84 -0.13 13.28
CA PRO E 187 -23.64 1.27 12.91
C PRO E 187 -24.85 2.15 13.15
N THR E 188 -26.03 1.54 13.34
CA THR E 188 -27.26 2.28 13.63
C THR E 188 -27.31 2.71 15.10
N ARG E 189 -26.41 2.21 15.93
CA ARG E 189 -26.39 2.59 17.33
C ARG E 189 -24.96 3.05 17.71
N ASN E 190 -24.50 2.72 18.91
CA ASN E 190 -23.14 3.02 19.36
C ASN E 190 -22.75 4.51 19.36
N GLU E 191 -23.72 5.38 19.61
CA GLU E 191 -23.41 6.80 19.72
C GLU E 191 -22.45 7.12 20.88
N ASN E 192 -22.42 6.26 21.91
CA ASN E 192 -21.60 6.49 23.11
C ASN E 192 -20.36 5.60 23.18
N THR E 193 -19.94 5.10 22.01
CA THR E 193 -18.75 4.27 21.88
C THR E 193 -17.98 4.76 20.65
N ARG E 194 -16.67 4.55 20.63
CA ARG E 194 -15.85 4.76 19.45
C ARG E 194 -15.21 3.45 19.08
N TYR E 195 -15.45 2.99 17.85
CA TYR E 195 -14.92 1.68 17.42
C TYR E 195 -14.16 1.76 16.10
N PHE E 196 -13.22 0.83 15.93
CA PHE E 196 -12.28 0.82 14.83
C PHE E 196 -11.91 -0.62 14.51
N GLY E 197 -12.06 -1.03 13.25
CA GLY E 197 -11.69 -2.39 12.87
C GLY E 197 -11.26 -2.52 11.42
N THR E 198 -10.40 -3.50 11.17
CA THR E 198 -10.01 -3.90 9.81
C THR E 198 -10.01 -5.42 9.68
N LEU E 199 -10.74 -5.91 8.69
CA LEU E 199 -10.71 -7.30 8.23
C LEU E 199 -9.81 -7.33 7.00
N THR E 200 -8.77 -8.15 7.03
CA THR E 200 -7.93 -8.39 5.86
C THR E 200 -8.03 -9.87 5.54
N GLY E 201 -8.64 -10.20 4.41
CA GLY E 201 -8.96 -11.60 4.07
C GLY E 201 -7.92 -12.20 3.13
N GLY E 202 -8.01 -13.49 2.87
CA GLY E 202 -7.05 -14.18 2.00
C GLY E 202 -6.17 -15.13 2.78
N GLU E 203 -5.93 -16.33 2.24
CA GLU E 203 -5.20 -17.33 3.01
C GLU E 203 -3.71 -17.02 3.14
N ASN E 204 -3.18 -16.20 2.24
CA ASN E 204 -1.75 -15.91 2.26
C ASN E 204 -1.41 -14.51 2.70
N VAL E 205 -2.37 -13.73 3.21
CA VAL E 205 -2.03 -12.35 3.54
C VAL E 205 -1.06 -12.28 4.72
N PRO E 206 -0.02 -11.46 4.58
CA PRO E 206 0.98 -11.29 5.61
C PRO E 206 0.49 -10.39 6.76
N PRO E 207 0.68 -10.82 8.02
CA PRO E 207 0.45 -9.88 9.10
C PRO E 207 1.38 -8.66 8.98
N VAL E 208 0.82 -7.48 9.19
CA VAL E 208 1.62 -6.27 9.28
C VAL E 208 1.25 -5.63 10.60
N LEU E 209 2.13 -5.76 11.59
CA LEU E 209 1.82 -5.33 12.95
C LEU E 209 2.79 -4.23 13.42
N HIS E 210 2.24 -3.03 13.65
CA HIS E 210 3.03 -1.88 14.08
C HIS E 210 2.91 -1.69 15.60
N ILE E 211 4.03 -1.33 16.23
CA ILE E 211 4.06 -1.00 17.63
C ILE E 211 4.80 0.32 17.83
N THR E 212 4.28 1.12 18.75
CA THR E 212 4.93 2.34 19.18
C THR E 212 4.21 2.87 20.43
N ASN E 213 4.93 3.58 21.27
CA ASN E 213 4.34 4.25 22.42
C ASN E 213 4.16 5.77 22.19
N THR E 214 4.17 6.21 20.92
CA THR E 214 4.08 7.63 20.60
C THR E 214 2.76 8.03 19.93
N ALA E 215 1.82 7.10 19.84
CA ALA E 215 0.59 7.34 19.06
C ALA E 215 -0.62 7.36 19.98
N THR E 216 -1.43 8.41 19.82
CA THR E 216 -2.60 8.63 20.63
C THR E 216 -3.82 8.82 19.72
N THR E 217 -4.94 8.18 20.05
CA THR E 217 -6.20 8.43 19.37
C THR E 217 -7.09 9.29 20.26
N VAL E 218 -7.61 10.38 19.72
CA VAL E 218 -8.54 11.25 20.43
C VAL E 218 -9.96 10.70 20.27
N LEU E 219 -10.70 10.61 21.37
CA LEU E 219 -12.00 9.94 21.40
C LEU E 219 -13.18 10.91 21.37
N LEU E 220 -12.89 12.20 21.26
CA LEU E 220 -13.94 13.22 21.24
C LEU E 220 -14.67 13.16 19.91
N ASP E 221 -15.99 13.36 19.93
CA ASP E 221 -16.76 13.46 18.69
C ASP E 221 -16.64 14.86 18.09
N GLU E 222 -17.41 15.13 17.03
CA GLU E 222 -17.33 16.41 16.31
C GLU E 222 -17.83 17.60 17.14
N PHE E 223 -18.42 17.34 18.30
CA PHE E 223 -18.83 18.41 19.22
C PHE E 223 -17.91 18.53 20.43
N GLY E 224 -16.80 17.79 20.43
CA GLY E 224 -15.83 17.80 21.52
C GLY E 224 -16.19 16.94 22.72
N VAL E 225 -17.03 15.92 22.53
CA VAL E 225 -17.51 15.08 23.62
C VAL E 225 -17.09 13.62 23.40
N GLY E 226 -16.45 13.05 24.41
CA GLY E 226 -16.03 11.66 24.39
C GLY E 226 -17.12 10.76 24.96
N PRO E 227 -16.91 9.44 24.89
CA PRO E 227 -17.86 8.52 25.52
C PRO E 227 -18.06 8.86 27.01
N LEU E 228 -19.32 8.87 27.45
CA LEU E 228 -19.68 9.16 28.84
C LEU E 228 -20.04 7.89 29.59
N CYS E 229 -19.39 7.65 30.72
CA CYS E 229 -19.39 6.33 31.35
C CYS E 229 -20.57 6.16 32.30
N LYS E 230 -21.59 5.46 31.82
CA LYS E 230 -22.81 5.24 32.60
C LYS E 230 -22.55 4.31 33.78
N GLY E 231 -23.05 4.70 34.95
CA GLY E 231 -22.78 3.95 36.19
C GLY E 231 -21.31 3.83 36.56
N ASP E 232 -20.48 4.75 36.09
CA ASP E 232 -19.04 4.75 36.37
C ASP E 232 -18.32 3.46 35.92
N ASN E 233 -18.67 2.98 34.73
CA ASN E 233 -17.98 1.87 34.08
C ASN E 233 -17.50 2.24 32.68
N LEU E 234 -16.27 1.85 32.38
CA LEU E 234 -15.69 1.98 31.07
C LEU E 234 -15.68 0.61 30.41
N TYR E 235 -16.15 0.54 29.17
CA TYR E 235 -16.18 -0.70 28.40
C TYR E 235 -15.12 -0.70 27.31
N LEU E 236 -14.25 -1.69 27.37
CA LEU E 236 -13.20 -1.89 26.39
C LEU E 236 -13.45 -3.22 25.69
N SER E 237 -13.35 -3.23 24.36
CA SER E 237 -13.57 -4.46 23.58
C SER E 237 -12.50 -4.57 22.51
N ALA E 238 -12.20 -5.81 22.11
CA ALA E 238 -11.11 -6.09 21.19
C ALA E 238 -11.27 -7.44 20.50
N VAL E 239 -10.77 -7.51 19.28
CA VAL E 239 -10.46 -8.77 18.59
C VAL E 239 -9.12 -8.56 17.91
N ASP E 240 -8.19 -9.50 18.08
CA ASP E 240 -6.93 -9.46 17.37
C ASP E 240 -6.56 -10.88 16.89
N VAL E 241 -7.30 -11.33 15.88
CA VAL E 241 -7.03 -12.57 15.16
C VAL E 241 -5.94 -12.21 14.17
N CYS E 242 -4.75 -12.77 14.35
CA CYS E 242 -3.58 -12.34 13.59
C CYS E 242 -3.44 -13.05 12.28
N GLY E 243 -4.14 -14.19 12.14
CA GLY E 243 -3.99 -15.10 11.03
C GLY E 243 -4.11 -16.52 11.56
N MET E 244 -3.65 -17.47 10.77
CA MET E 244 -3.68 -18.89 11.14
C MET E 244 -2.28 -19.47 11.21
N PHE E 245 -2.07 -20.32 12.19
CA PHE E 245 -0.89 -21.17 12.25
C PHE E 245 -1.15 -22.47 11.54
N THR E 246 -0.22 -22.86 10.66
CA THR E 246 -0.27 -24.14 9.98
C THR E 246 0.65 -25.18 10.64
N ASN E 247 0.06 -26.27 11.10
CA ASN E 247 0.81 -27.39 11.66
C ASN E 247 1.48 -28.21 10.57
N ARG E 248 2.46 -29.03 10.96
CA ARG E 248 3.13 -29.95 10.03
C ARG E 248 2.13 -30.72 9.19
N SER E 249 1.02 -31.16 9.80
CA SER E 249 0.00 -31.96 9.09
C SER E 249 -0.80 -31.17 8.04
N GLY E 250 -0.74 -29.86 8.09
CA GLY E 250 -1.54 -29.02 7.21
C GLY E 250 -2.75 -28.44 7.92
N SER E 251 -3.08 -28.98 9.10
CA SER E 251 -4.20 -28.45 9.87
C SER E 251 -3.89 -27.01 10.30
N GLN E 252 -4.92 -26.19 10.39
CA GLN E 252 -4.75 -24.77 10.66
C GLN E 252 -5.58 -24.31 11.85
N GLN E 253 -4.96 -23.46 12.68
CA GLN E 253 -5.60 -22.92 13.89
C GLN E 253 -5.49 -21.42 13.86
N TRP E 254 -6.56 -20.72 14.24
CA TRP E 254 -6.44 -19.27 14.45
C TRP E 254 -5.46 -18.99 15.59
N ARG E 255 -4.69 -17.90 15.46
CA ARG E 255 -3.80 -17.42 16.53
C ARG E 255 -4.12 -15.96 16.84
N GLY E 256 -4.34 -15.65 18.11
CA GLY E 256 -4.63 -14.28 18.54
C GLY E 256 -3.61 -13.75 19.54
N LEU E 257 -3.61 -12.43 19.72
CA LEU E 257 -2.77 -11.76 20.73
C LEU E 257 -3.57 -10.79 21.60
N SER E 258 -3.06 -10.53 22.81
CA SER E 258 -3.63 -9.54 23.70
C SER E 258 -3.49 -8.13 23.18
N ARG E 259 -4.34 -7.23 23.69
CA ARG E 259 -4.32 -5.83 23.36
C ARG E 259 -4.26 -4.97 24.62
N TYR E 260 -3.31 -4.04 24.62
CA TYR E 260 -3.10 -3.05 25.67
C TYR E 260 -3.99 -1.85 25.39
N PHE E 261 -4.56 -1.28 26.45
CA PHE E 261 -5.37 -0.05 26.39
C PHE E 261 -4.89 0.88 27.50
N LYS E 262 -4.66 2.14 27.19
CA LYS E 262 -4.55 3.16 28.21
C LYS E 262 -5.48 4.30 27.82
N VAL E 263 -6.42 4.61 28.70
CA VAL E 263 -7.44 5.62 28.42
C VAL E 263 -7.35 6.71 29.47
N GLN E 264 -7.34 7.97 29.02
CA GLN E 264 -7.40 9.12 29.93
CA GLN E 264 -7.40 9.13 29.91
C GLN E 264 -8.85 9.59 29.99
N LEU E 265 -9.32 9.89 31.19
CA LEU E 265 -10.69 10.38 31.39
C LEU E 265 -10.71 11.62 32.25
N ARG E 266 -11.76 12.42 32.06
CA ARG E 266 -11.99 13.65 32.83
C ARG E 266 -13.44 13.70 33.28
N LYS E 267 -13.73 14.44 34.35
CA LYS E 267 -15.08 14.56 34.88
C LYS E 267 -15.86 15.62 34.12
N ARG E 268 -17.07 15.28 33.71
CA ARG E 268 -17.93 16.17 32.93
C ARG E 268 -19.29 16.26 33.62
N ARG E 269 -19.82 17.47 33.80
CA ARG E 269 -21.15 17.62 34.38
C ARG E 269 -22.19 17.47 33.29
N VAL E 270 -23.26 16.75 33.60
CA VAL E 270 -24.40 16.57 32.70
C VAL E 270 -25.71 16.93 33.42
N LYS E 271 -26.79 17.19 32.67
CA LYS E 271 -28.08 17.59 33.28
C LYS E 271 -29.08 16.44 33.32
C1 SIA F . 24.60 -30.02 9.26
C2 SIA F . 24.93 -30.86 8.05
C3 SIA F . 23.84 -31.91 7.79
C4 SIA F . 22.57 -31.28 7.21
C5 SIA F . 22.87 -30.41 5.99
C6 SIA F . 23.97 -29.40 6.32
C7 SIA F . 24.44 -28.65 5.10
C8 SIA F . 25.21 -27.38 5.47
C9 SIA F . 26.41 -27.54 6.40
C10 SIA F . 21.12 -29.83 4.35
C11 SIA F . 19.88 -29.04 4.09
N5 SIA F . 21.65 -29.71 5.56
O1A SIA F . 24.46 -30.63 10.34
O1B SIA F . 24.48 -28.78 9.18
O2 SIA F . 26.16 -31.52 8.31
O4 SIA F . 21.66 -32.31 6.84
O6 SIA F . 25.12 -30.05 6.88
O7 SIA F . 25.22 -29.50 4.24
O8 SIA F . 25.67 -26.77 4.25
O9 SIA F . 27.34 -28.40 5.78
O10 SIA F . 21.61 -30.52 3.47
C1 SIA F . 23.54 -25.67 3.81
C2 SIA F . 25.06 -25.49 4.03
C3 SIA F . 25.75 -24.90 2.80
C4 SIA F . 25.39 -23.42 2.61
C5 SIA F . 25.68 -22.64 3.89
C6 SIA F . 24.93 -23.29 5.07
C7 SIA F . 25.13 -22.64 6.44
C8 SIA F . 24.51 -23.46 7.57
C9 SIA F . 24.38 -22.67 8.86
C10 SIA F . 25.96 -20.22 4.25
C11 SIA F . 25.41 -18.84 4.00
N5 SIA F . 25.28 -21.25 3.75
O1A SIA F . 23.11 -25.97 2.67
O1B SIA F . 22.75 -25.55 4.78
O4 SIA F . 26.11 -22.90 1.47
O6 SIA F . 25.35 -24.65 5.16
O7 SIA F . 26.53 -22.49 6.70
O8 SIA F . 23.21 -23.93 7.16
O9 SIA F . 23.53 -23.31 9.81
O10 SIA F . 26.98 -20.35 4.89
C1 SIA G . 27.06 -18.66 -21.19
C2 SIA G . 26.79 -19.80 -22.15
C3 SIA G . 26.68 -21.15 -21.45
C4 SIA G . 25.40 -21.23 -20.61
C5 SIA G . 24.15 -20.86 -21.40
C6 SIA G . 24.36 -19.54 -22.14
C7 SIA G . 23.20 -19.23 -23.08
C8 SIA G . 23.29 -17.83 -23.66
C9 SIA G . 24.62 -17.60 -24.40
C10 SIA G . 21.82 -21.30 -20.71
C11 SIA G . 20.74 -20.98 -19.71
N5 SIA G . 23.00 -20.73 -20.50
O1A SIA G . 27.73 -18.86 -20.16
O1B SIA G . 26.59 -17.54 -21.46
O2 SIA G . 27.89 -19.81 -23.07
O4 SIA G . 25.22 -22.56 -20.12
O6 SIA G . 25.58 -19.59 -22.89
O7 SIA G . 23.18 -20.17 -24.14
O8 SIA G . 22.18 -17.66 -24.55
O9 SIA G . 24.38 -16.81 -25.55
O10 SIA G . 21.58 -22.02 -21.66
C1 SIA G . 20.54 -17.09 -22.83
C2 SIA G . 21.21 -16.66 -24.12
C3 SIA G . 20.22 -16.54 -25.29
C4 SIA G . 19.31 -15.34 -25.12
C5 SIA G . 20.12 -14.07 -24.88
C6 SIA G . 21.08 -14.28 -23.69
C7 SIA G . 21.99 -13.12 -23.32
C8 SIA G . 23.10 -13.52 -22.32
C9 SIA G . 23.83 -12.32 -21.73
C10 SIA G . 19.43 -11.73 -24.86
C11 SIA G . 18.36 -10.76 -24.49
N5 SIA G . 19.20 -13.00 -24.56
O1A SIA G . 19.55 -17.87 -22.84
O1B SIA G . 21.02 -16.67 -21.74
O4 SIA G . 18.46 -15.22 -26.26
O6 SIA G . 21.90 -15.41 -23.98
O7 SIA G . 22.59 -12.58 -24.47
O8 SIA G . 22.55 -14.31 -21.26
O9 SIA G . 24.66 -12.72 -20.62
O10 SIA G . 20.45 -11.38 -25.42
C1 SIA H . -8.33 -34.44 15.92
C2 SIA H . -7.57 -35.74 15.72
C3 SIA H . -7.97 -36.46 14.42
C4 SIA H . -7.51 -35.71 13.17
C5 SIA H . -6.02 -35.31 13.22
C6 SIA H . -5.66 -34.71 14.58
C7 SIA H . -4.14 -34.56 14.74
C8 SIA H . -3.81 -33.83 16.04
C9 SIA H . -4.02 -34.69 17.29
C10 SIA H . -4.82 -34.44 11.25
C11 SIA H . -4.72 -33.32 10.24
N5 SIA H . -5.77 -34.32 12.18
O1A SIA H . -9.53 -34.39 15.55
O1B SIA H . -7.77 -33.45 16.45
O2 SIA H . -7.84 -36.64 16.83
O4 SIA H . -7.75 -36.54 12.02
O6 SIA H . -6.15 -35.51 15.66
O7 SIA H . -3.48 -35.82 14.73
O8 SIA H . -2.42 -33.47 15.98
O9 SIA H . -3.77 -33.88 18.44
O10 SIA H . -4.07 -35.39 11.19
C1 SIA H . -2.52 -31.67 14.29
C2 SIA H . -2.16 -32.06 15.75
C3 SIA H . -0.66 -31.90 16.00
C4 SIA H . -0.21 -30.44 16.09
C5 SIA H . -1.07 -29.69 17.11
C6 SIA H . -2.53 -29.87 16.73
C7 SIA H . -3.54 -29.18 17.63
C8 SIA H . -4.97 -29.51 17.25
C9 SIA H . -5.95 -28.50 17.80
C10 SIA H . -0.68 -27.53 18.22
C11 SIA H . -0.25 -26.10 18.07
N5 SIA H . -0.69 -28.28 17.13
O1A SIA H . -1.68 -31.87 13.38
O1B SIA H . -3.65 -31.18 14.02
O4 SIA H . 1.19 -30.39 16.41
O6 SIA H . -2.85 -31.27 16.72
O7 SIA H . -3.28 -29.57 18.98
O8 SIA H . -5.10 -29.55 15.83
O9 SIA H . -7.30 -28.81 17.42
O10 SIA H . -1.00 -27.99 19.29
C1 GOL I . 14.37 -26.65 16.06
O1 GOL I . 14.84 -25.31 15.97
C2 GOL I . 14.10 -26.86 17.53
O2 GOL I . 12.88 -26.18 17.82
C3 GOL I . 14.01 -28.34 17.89
O3 GOL I . 14.65 -29.16 16.88
C1 EDO J . 13.16 -0.22 7.23
O1 EDO J . 13.22 0.03 8.63
C2 EDO J . 13.70 1.00 6.46
O2 EDO J . 12.78 1.51 5.48
C1 EDO K . 10.44 12.26 30.50
O1 EDO K . 10.75 11.16 31.37
C2 EDO K . 10.17 11.74 29.09
O2 EDO K . 8.81 12.04 28.74
C1 EDO L . 8.11 1.17 12.19
O1 EDO L . 8.03 2.60 12.18
C2 EDO L . 9.57 0.77 12.31
O2 EDO L . 10.16 0.65 11.00
C1 EDO M . 9.03 7.30 13.26
O1 EDO M . 8.20 8.37 12.83
C2 EDO M . 9.38 6.41 12.08
O2 EDO M . 8.68 5.17 12.24
K K N . 27.96 13.08 10.69
K K O . 10.61 -28.10 24.76
K K P . 2.17 3.37 32.21
C1 GOL Q . 30.38 -17.67 -9.70
O1 GOL Q . 29.87 -18.40 -10.83
C2 GOL Q . 29.80 -16.27 -9.64
O2 GOL Q . 29.25 -15.91 -8.35
C3 GOL Q . 28.71 -16.14 -10.68
O3 GOL Q . 28.10 -14.86 -10.55
C1 EDO R . 37.51 1.54 0.90
O1 EDO R . 37.72 2.16 -0.37
C2 EDO R . 37.75 0.06 0.72
O2 EDO R . 37.86 -0.62 1.97
C1 GOL S . 24.27 21.47 4.84
O1 GOL S . 22.91 21.05 4.87
C2 GOL S . 24.41 22.55 3.79
O2 GOL S . 24.31 21.96 2.49
C3 GOL S . 25.77 23.23 3.96
O3 GOL S . 26.80 22.27 3.72
C1 EDO T . 11.39 11.61 -2.06
O1 EDO T . 11.53 10.69 -3.14
C2 EDO T . 11.94 12.97 -2.53
O2 EDO T . 10.93 13.98 -2.37
C1 GOL U . 12.53 7.41 -3.12
O1 GOL U . 13.08 6.59 -2.07
C2 GOL U . 13.20 7.06 -4.44
O2 GOL U . 13.74 5.74 -4.38
C3 GOL U . 12.21 7.11 -5.61
O3 GOL U . 11.88 5.76 -5.98
K K V . 13.55 22.01 -19.92
K K W . 35.35 -16.00 -3.64
C1 EDO X . -6.95 4.50 -12.84
O1 EDO X . -6.03 5.38 -13.46
C2 EDO X . -7.88 5.28 -11.90
O2 EDO X . -7.65 4.93 -10.53
C1 EDO Y . -1.41 9.05 -12.45
O1 EDO Y . -0.13 8.66 -11.95
C2 EDO Y . -1.98 7.92 -13.30
O2 EDO Y . -3.09 7.32 -12.60
C1 EDO Z . -2.41 12.78 -9.41
O1 EDO Z . -2.36 11.67 -10.31
C2 EDO Z . -3.08 13.94 -10.13
O2 EDO Z . -3.13 15.09 -9.27
C1 EDO AA . 5.79 -10.76 -32.77
O1 EDO AA . 5.26 -10.33 -31.54
C2 EDO AA . 7.20 -10.24 -32.80
O2 EDO AA . 7.81 -10.61 -34.03
C1 GOL BA . 4.53 27.35 -17.65
O1 GOL BA . 4.28 26.56 -16.48
C2 GOL BA . 3.19 27.86 -18.15
O2 GOL BA . 2.39 26.75 -18.55
C3 GOL BA . 3.39 28.83 -19.32
O3 GOL BA . 3.71 28.12 -20.54
K K CA . -20.88 17.84 -17.28
K K DA . 13.76 -6.82 -36.04
C1 GOL EA . -22.62 -19.82 -20.18
O1 GOL EA . -23.48 -20.56 -19.32
C2 GOL EA . -23.04 -18.35 -20.15
O2 GOL EA . -22.76 -17.73 -21.41
C3 GOL EA . -22.26 -17.61 -19.05
O3 GOL EA . -22.27 -16.21 -19.32
C1 EDO FA . -14.85 9.24 0.80
O1 EDO FA . -14.23 10.52 0.93
C2 EDO FA . -13.89 8.29 0.10
O2 EDO FA . -14.47 6.99 0.14
C1 EDO GA . -14.63 -0.91 3.34
O1 EDO GA . -13.29 -0.42 3.59
C2 EDO GA . -14.94 -1.07 1.84
O2 EDO GA . -15.71 0.05 1.39
C1 GOL HA . -23.56 21.07 -7.18
O1 GOL HA . -24.06 20.99 -8.52
C2 GOL HA . -24.71 21.23 -6.20
O2 GOL HA . -25.15 19.94 -5.77
C3 GOL HA . -25.90 21.97 -6.83
O3 GOL HA . -26.67 21.05 -7.61
C1 EDO IA . -11.05 -2.04 -0.14
O1 EDO IA . -12.36 -2.51 0.21
C2 EDO IA . -11.03 -1.88 -1.65
O2 EDO IA . -12.10 -1.02 -2.06
C1 EDO JA . -14.01 4.85 -2.16
O1 EDO JA . -13.74 4.29 -3.45
C2 EDO JA . -14.02 3.73 -1.13
O2 EDO JA . -15.02 2.76 -1.46
C1 EDO KA . -29.35 2.43 -22.58
O1 EDO KA . -29.82 3.77 -22.50
C2 EDO KA . -29.82 1.89 -23.91
O2 EDO KA . -28.74 2.04 -24.84
K K LA . -27.87 6.40 14.89
K K MA . -24.66 -13.60 -27.05
C1 EDO NA . -1.35 -3.28 14.58
O1 EDO NA . -0.77 -2.62 13.43
C2 EDO NA . -2.63 -4.05 14.26
O2 EDO NA . -3.73 -3.44 14.95
C1 EDO OA . -7.92 -0.11 13.13
O1 EDO OA . -8.73 -0.29 11.97
C2 EDO OA . -7.47 -1.48 13.61
O2 EDO OA . -6.26 -1.86 12.93
C1 EDO PA . -7.33 5.04 15.34
O1 EDO PA . -6.98 6.43 15.28
C2 EDO PA . -7.12 4.42 13.96
O2 EDO PA . -7.15 2.99 14.09
C1 GOL QA . -17.35 -27.24 10.97
O1 GOL QA . -18.17 -26.08 10.81
C2 GOL QA . -18.13 -28.46 10.48
O2 GOL QA . -19.52 -28.20 10.60
C3 GOL QA . -17.80 -29.68 11.31
O3 GOL QA . -16.40 -29.93 11.22
C1 GOL RA . -22.06 11.50 24.40
O1 GOL RA . -22.66 10.21 24.58
C2 GOL RA . -20.91 11.38 23.41
O2 GOL RA . -20.17 10.20 23.71
C3 GOL RA . -21.42 11.33 21.98
O3 GOL RA . -22.64 10.57 21.95
K K SA . -26.24 -26.63 10.58
#